data_4E0T
#
_entry.id   4E0T
#
_cell.length_a   96.510
_cell.length_b   137.020
_cell.length_c   172.630
_cell.angle_alpha   90.00
_cell.angle_beta   90.00
_cell.angle_gamma   90.00
#
_symmetry.space_group_name_H-M   'P 21 21 21'
#
loop_
_entity.id
_entity.type
_entity.pdbx_description
1 polymer 'Cyclic dipeptide N-prenyltransferase'
2 non-polymer 1,2-ETHANEDIOL
3 non-polymer DI(HYDROXYETHYL)ETHER
4 non-polymer 'CHLORIDE ION'
5 non-polymer 'SODIUM ION'
6 water water
#
_entity_poly.entity_id   1
_entity_poly.type   'polypeptide(L)'
_entity_poly.pdbx_seq_one_letter_code
;HHHHHHSSGLVPRGSHQSQAPIPKDIAYHTLTKALLFPDIDQYQHWHHVAPMLAKMLVDGKYSIHQQYEYLCLFAQLVAP
VLGPYPSPGRDVYRCTLGGNMTVELSQNFQRSGSTTRIAFEPVRYQASVGHDRFNRTSVNAFFSQLQLLVKSVNIELHHL
LSEHLTLTAKDERNLNEEQLTKYLTNFQVKTQYVVALDLRKTGIVAKEYFFPGIKCAATGQTGSNACFGAIRAVDKDGHL
DSLCQLIEAHFQQSKIDDAFLCCDLVDPAHTRFKVYIADPLVTLARAEEHWTLGGRLTDEDAAVGLEIIRGLWSELGIIQ
GPLEPSAMMEKGLLPIMLNYEMKAGQRLPKPKLYMPLTGIPETKIARIMTAFFQRHDMPEQAEVFMENLQAYYEGKNLEE
ATRYQAWLSFAYTKEKGPYLSIYYFWPE
;
_entity_poly.pdbx_strand_id   A,B,C,D
#
# COMPACT_ATOMS: atom_id res chain seq x y z
N PRO A 21 -2.32 -38.12 3.32
CA PRO A 21 -1.30 -37.57 4.22
C PRO A 21 -1.15 -36.04 4.11
N ILE A 22 -1.70 -35.31 5.09
CA ILE A 22 -1.62 -33.85 5.11
C ILE A 22 -0.27 -33.39 5.66
N PRO A 23 0.43 -32.44 4.98
CA PRO A 23 1.71 -31.97 5.54
C PRO A 23 1.53 -31.27 6.89
N LYS A 24 2.53 -31.40 7.80
CA LYS A 24 2.50 -30.72 9.10
C LYS A 24 2.31 -29.20 8.91
N ASP A 25 2.91 -28.64 7.85
CA ASP A 25 2.83 -27.21 7.57
C ASP A 25 1.64 -26.80 6.66
N ILE A 26 0.52 -27.54 6.73
CA ILE A 26 -0.72 -27.30 5.94
C ILE A 26 -1.25 -25.86 6.04
N ALA A 27 -1.17 -25.25 7.26
CA ALA A 27 -1.61 -23.88 7.51
C ALA A 27 -0.77 -22.89 6.70
N TYR A 28 0.54 -23.17 6.51
CA TYR A 28 1.43 -22.36 5.66
C TYR A 28 1.00 -22.50 4.17
N HIS A 29 0.81 -23.73 3.68
CA HIS A 29 0.38 -23.98 2.30
C HIS A 29 -1.00 -23.36 2.03
N THR A 30 -1.89 -23.37 3.04
CA THR A 30 -3.24 -22.80 2.94
C THR A 30 -3.21 -21.29 2.84
N LEU A 31 -2.47 -20.64 3.76
CA LEU A 31 -2.36 -19.17 3.71
C LEU A 31 -1.64 -18.68 2.45
N THR A 32 -0.71 -19.50 1.91
CA THR A 32 0.01 -19.20 0.68
C THR A 32 -0.99 -18.98 -0.49
N LYS A 33 -2.11 -19.69 -0.49
CA LYS A 33 -3.16 -19.59 -1.51
C LYS A 33 -4.05 -18.35 -1.35
N ALA A 34 -3.92 -17.64 -0.23
CA ALA A 34 -4.82 -16.53 0.12
C ALA A 34 -4.16 -15.20 0.36
N LEU A 35 -2.86 -15.18 0.61
CA LEU A 35 -2.15 -13.92 0.92
C LEU A 35 -1.44 -13.33 -0.29
N LEU A 36 -1.71 -12.08 -0.58
CA LEU A 36 -1.09 -11.40 -1.73
C LEU A 36 -0.04 -10.41 -1.20
N PHE A 37 1.23 -10.83 -1.12
CA PHE A 37 2.34 -10.00 -0.64
C PHE A 37 2.64 -8.86 -1.60
N PRO A 38 2.81 -7.63 -1.10
CA PRO A 38 2.95 -6.48 -2.03
C PRO A 38 4.32 -6.36 -2.72
N ASP A 39 5.36 -7.03 -2.20
CA ASP A 39 6.69 -6.95 -2.81
C ASP A 39 7.41 -8.26 -2.64
N ILE A 40 8.48 -8.46 -3.42
CA ILE A 40 9.29 -9.68 -3.46
C ILE A 40 9.95 -10.02 -2.13
N ASP A 41 10.36 -9.00 -1.36
CA ASP A 41 11.03 -9.21 -0.09
C ASP A 41 10.12 -9.83 0.97
N GLN A 42 8.87 -9.30 1.10
CA GLN A 42 7.87 -9.84 2.03
C GLN A 42 7.54 -11.27 1.60
N TYR A 43 7.36 -11.50 0.27
CA TYR A 43 7.11 -12.81 -0.32
C TYR A 43 8.23 -13.79 0.12
N GLN A 44 9.51 -13.40 -0.07
CA GLN A 44 10.65 -14.26 0.29
C GLN A 44 10.75 -14.53 1.78
N HIS A 45 10.45 -13.55 2.63
CA HIS A 45 10.49 -13.75 4.08
C HIS A 45 9.37 -14.71 4.51
N TRP A 46 8.18 -14.61 3.90
CA TRP A 46 7.05 -15.50 4.18
C TRP A 46 7.46 -16.94 3.88
N HIS A 47 7.98 -17.18 2.64
CA HIS A 47 8.41 -18.51 2.22
C HIS A 47 9.60 -19.09 2.98
N HIS A 48 10.45 -18.23 3.51
CA HIS A 48 11.62 -18.62 4.27
C HIS A 48 11.24 -18.99 5.72
N VAL A 49 10.36 -18.19 6.33
CA VAL A 49 9.99 -18.31 7.75
C VAL A 49 8.77 -19.16 8.07
N ALA A 50 7.64 -18.91 7.35
CA ALA A 50 6.34 -19.53 7.63
C ALA A 50 6.30 -21.07 7.67
N PRO A 51 7.01 -21.84 6.79
CA PRO A 51 6.90 -23.31 6.91
C PRO A 51 7.35 -23.83 8.27
N MET A 52 8.52 -23.37 8.78
CA MET A 52 9.02 -23.80 10.08
C MET A 52 8.14 -23.30 11.21
N LEU A 53 7.69 -22.04 11.14
CA LEU A 53 6.80 -21.45 12.12
C LEU A 53 5.49 -22.27 12.20
N ALA A 54 4.89 -22.64 11.05
CA ALA A 54 3.67 -23.47 11.01
C ALA A 54 3.90 -24.82 11.73
N LYS A 55 5.07 -25.45 11.54
CA LYS A 55 5.40 -26.76 12.15
C LYS A 55 5.52 -26.64 13.66
N MET A 56 6.22 -25.59 14.13
CA MET A 56 6.43 -25.27 15.53
C MET A 56 5.10 -25.03 16.25
N LEU A 57 4.14 -24.37 15.56
CA LEU A 57 2.81 -24.13 16.13
C LEU A 57 2.02 -25.40 16.26
N VAL A 58 2.18 -26.32 15.28
CA VAL A 58 1.53 -27.63 15.38
C VAL A 58 2.13 -28.37 16.59
N ASP A 59 3.48 -28.40 16.69
CA ASP A 59 4.24 -29.08 17.75
C ASP A 59 3.94 -28.54 19.17
N GLY A 60 3.71 -27.24 19.30
CA GLY A 60 3.40 -26.63 20.58
C GLY A 60 1.98 -26.86 21.02
N LYS A 61 1.18 -27.57 20.19
CA LYS A 61 -0.22 -27.90 20.50
C LYS A 61 -1.11 -26.66 20.55
N TYR A 62 -0.80 -25.66 19.73
CA TYR A 62 -1.66 -24.48 19.58
C TYR A 62 -2.92 -24.95 18.86
N SER A 63 -4.09 -24.36 19.18
CA SER A 63 -5.31 -24.70 18.45
C SER A 63 -5.13 -24.26 16.98
N ILE A 64 -5.86 -24.91 16.08
CA ILE A 64 -5.84 -24.61 14.66
C ILE A 64 -6.12 -23.12 14.39
N HIS A 65 -7.02 -22.52 15.17
CA HIS A 65 -7.40 -21.11 15.10
C HIS A 65 -6.21 -20.22 15.38
N GLN A 66 -5.47 -20.50 16.47
CA GLN A 66 -4.28 -19.77 16.88
C GLN A 66 -3.10 -19.94 15.89
N GLN A 67 -3.00 -21.12 15.24
CA GLN A 67 -2.00 -21.41 14.22
C GLN A 67 -2.19 -20.42 13.08
N TYR A 68 -3.44 -20.29 12.59
CA TYR A 68 -3.81 -19.37 11.53
C TYR A 68 -3.66 -17.93 11.95
N GLU A 69 -4.07 -17.61 13.19
CA GLU A 69 -3.93 -16.27 13.77
C GLU A 69 -2.48 -15.80 13.79
N TYR A 70 -1.56 -16.65 14.29
CA TYR A 70 -0.15 -16.27 14.45
C TYR A 70 0.62 -16.22 13.14
N LEU A 71 0.28 -17.15 12.22
CA LEU A 71 0.89 -17.15 10.87
C LEU A 71 0.45 -15.90 10.10
N CYS A 72 -0.84 -15.52 10.21
CA CYS A 72 -1.37 -14.36 9.52
CA CYS A 72 -1.39 -14.32 9.57
C CYS A 72 -0.78 -13.06 10.13
N LEU A 73 -0.61 -13.06 11.43
CA LEU A 73 -0.06 -11.93 12.10
C LEU A 73 1.40 -11.71 11.76
N PHE A 74 2.13 -12.78 11.58
CA PHE A 74 3.51 -12.75 11.11
C PHE A 74 3.54 -12.09 9.70
N ALA A 75 2.69 -12.57 8.80
CA ALA A 75 2.58 -12.04 7.42
C ALA A 75 2.20 -10.53 7.42
N GLN A 76 1.19 -10.16 8.20
CA GLN A 76 0.63 -8.80 8.24
C GLN A 76 1.48 -7.79 8.96
N LEU A 77 2.09 -8.18 10.10
CA LEU A 77 2.86 -7.27 10.95
C LEU A 77 4.35 -7.40 10.87
N VAL A 78 4.85 -8.63 10.84
CA VAL A 78 6.29 -8.87 10.92
C VAL A 78 7.03 -8.79 9.57
N ALA A 79 6.59 -9.56 8.55
CA ALA A 79 7.20 -9.56 7.21
C ALA A 79 7.42 -8.13 6.65
N PRO A 80 6.50 -7.12 6.81
CA PRO A 80 6.82 -5.77 6.30
C PRO A 80 8.00 -5.06 6.99
N VAL A 81 8.44 -5.53 8.15
CA VAL A 81 9.56 -4.87 8.84
C VAL A 81 10.82 -5.72 8.88
N LEU A 82 10.93 -6.74 8.01
CA LEU A 82 12.11 -7.60 7.99
C LEU A 82 13.16 -7.09 7.00
N GLY A 83 12.78 -6.08 6.18
CA GLY A 83 13.64 -5.39 5.24
C GLY A 83 13.91 -6.18 3.98
N PRO A 84 14.80 -5.67 3.10
CA PRO A 84 15.10 -6.41 1.86
C PRO A 84 15.58 -7.82 2.19
N TYR A 85 15.14 -8.81 1.38
CA TYR A 85 15.57 -10.18 1.59
C TYR A 85 17.10 -10.27 1.38
N PRO A 86 17.85 -10.73 2.39
CA PRO A 86 19.32 -10.69 2.28
C PRO A 86 19.90 -11.83 1.47
N SER A 87 19.68 -11.79 0.17
CA SER A 87 20.21 -12.74 -0.79
C SER A 87 21.77 -12.70 -0.76
N PRO A 88 22.47 -13.82 -1.11
CA PRO A 88 23.95 -13.79 -1.09
C PRO A 88 24.56 -12.67 -1.93
N GLY A 89 25.40 -11.86 -1.29
CA GLY A 89 26.10 -10.75 -1.93
C GLY A 89 25.33 -9.45 -2.03
N ARG A 90 24.05 -9.43 -1.53
CA ARG A 90 23.20 -8.24 -1.58
C ARG A 90 23.69 -7.22 -0.52
N ASP A 91 23.90 -5.98 -0.96
CA ASP A 91 24.40 -4.91 -0.11
C ASP A 91 23.22 -4.28 0.68
N VAL A 92 22.89 -4.88 1.81
CA VAL A 92 21.80 -4.43 2.67
C VAL A 92 22.25 -4.35 4.15
N TYR A 93 21.52 -3.56 4.93
CA TYR A 93 21.71 -3.42 6.35
C TYR A 93 21.64 -4.85 6.96
N ARG A 94 22.69 -5.24 7.69
CA ARG A 94 22.82 -6.59 8.22
C ARG A 94 22.47 -6.80 9.71
N CYS A 95 22.02 -8.01 10.01
CA CYS A 95 21.58 -8.45 11.33
C CYS A 95 22.01 -9.93 11.52
N THR A 96 22.15 -10.37 12.77
CA THR A 96 22.63 -11.72 13.08
C THR A 96 21.56 -12.65 13.66
N LEU A 97 20.28 -12.23 13.66
CA LEU A 97 19.22 -13.09 14.17
C LEU A 97 19.08 -14.33 13.26
N GLY A 98 19.02 -15.50 13.88
CA GLY A 98 18.96 -16.75 13.11
C GLY A 98 20.26 -17.00 12.37
N GLY A 99 21.31 -16.31 12.82
CA GLY A 99 22.65 -16.39 12.23
C GLY A 99 22.99 -15.22 11.31
N ASN A 100 22.14 -14.93 10.33
CA ASN A 100 22.43 -13.89 9.35
C ASN A 100 21.18 -13.13 8.84
N MET A 101 20.05 -13.23 9.56
CA MET A 101 18.77 -12.61 9.14
C MET A 101 18.34 -11.55 10.15
N THR A 102 17.18 -10.94 9.89
CA THR A 102 16.55 -9.96 10.78
C THR A 102 15.45 -10.65 11.60
N VAL A 103 15.35 -12.00 11.52
CA VAL A 103 14.31 -12.81 12.18
C VAL A 103 14.89 -14.12 12.76
N GLU A 104 14.43 -14.54 13.94
CA GLU A 104 14.87 -15.77 14.60
C GLU A 104 13.67 -16.46 15.28
N LEU A 105 13.59 -17.77 15.15
CA LEU A 105 12.55 -18.55 15.84
C LEU A 105 13.21 -19.26 17.03
N SER A 106 12.46 -19.42 18.10
CA SER A 106 12.89 -20.16 19.28
C SER A 106 11.71 -20.88 19.86
N GLN A 107 11.99 -22.01 20.53
CA GLN A 107 10.94 -22.81 21.14
C GLN A 107 11.27 -23.02 22.62
N ASN A 108 10.24 -22.99 23.48
CA ASN A 108 10.39 -23.24 24.92
C ASN A 108 9.82 -24.60 25.26
N PHE A 109 10.51 -25.40 26.07
CA PHE A 109 10.05 -26.72 26.46
C PHE A 109 10.01 -26.79 27.99
N GLN A 110 8.85 -27.21 28.49
CA GLN A 110 8.58 -27.31 29.93
C GLN A 110 7.74 -28.56 30.13
N ARG A 111 7.37 -28.85 31.39
CA ARG A 111 6.52 -29.98 31.75
C ARG A 111 5.12 -29.68 31.23
N SER A 112 4.67 -28.40 31.41
CA SER A 112 3.40 -27.89 30.90
C SER A 112 3.31 -27.90 29.35
N GLY A 113 4.45 -27.95 28.66
CA GLY A 113 4.48 -28.04 27.20
C GLY A 113 5.42 -27.10 26.45
N SER A 114 5.04 -26.75 25.19
CA SER A 114 5.83 -25.89 24.28
C SER A 114 5.18 -24.62 23.76
N THR A 115 5.98 -23.56 23.68
CA THR A 115 5.56 -22.27 23.14
C THR A 115 6.61 -21.78 22.17
N THR A 116 6.18 -21.02 21.17
CA THR A 116 7.08 -20.47 20.15
C THR A 116 7.25 -18.97 20.38
N ARG A 117 8.42 -18.47 20.04
CA ARG A 117 8.75 -17.05 20.08
C ARG A 117 9.36 -16.66 18.70
N ILE A 118 8.97 -15.50 18.20
CA ILE A 118 9.47 -14.87 16.98
C ILE A 118 10.20 -13.59 17.42
N ALA A 119 11.50 -13.52 17.17
CA ALA A 119 12.30 -12.32 17.49
C ALA A 119 12.77 -11.71 16.18
N PHE A 120 12.76 -10.38 16.09
CA PHE A 120 13.19 -9.74 14.85
C PHE A 120 13.68 -8.35 15.12
N GLU A 121 14.54 -7.83 14.23
CA GLU A 121 14.97 -6.44 14.34
C GLU A 121 14.11 -5.67 13.32
N PRO A 122 13.16 -4.80 13.74
CA PRO A 122 12.42 -4.03 12.74
C PRO A 122 13.39 -3.20 11.89
N VAL A 123 13.25 -3.30 10.56
CA VAL A 123 14.13 -2.60 9.63
C VAL A 123 13.36 -2.30 8.36
N ARG A 124 13.66 -1.15 7.74
CA ARG A 124 13.07 -0.79 6.46
C ARG A 124 14.19 -0.59 5.49
N TYR A 125 13.89 -0.61 4.16
CA TYR A 125 14.94 -0.50 3.15
C TYR A 125 15.80 0.75 3.26
N GLN A 126 15.23 1.85 3.81
CA GLN A 126 15.96 3.11 3.97
C GLN A 126 17.27 2.92 4.74
N ALA A 127 17.30 2.00 5.70
CA ALA A 127 18.53 1.69 6.48
C ALA A 127 19.63 1.12 5.61
N SER A 128 19.30 0.59 4.41
CA SER A 128 20.28 0.02 3.48
C SER A 128 20.80 1.00 2.44
N VAL A 129 20.09 2.13 2.24
CA VAL A 129 20.40 3.07 1.13
C VAL A 129 20.76 4.50 1.61
N GLY A 130 21.19 4.62 2.86
CA GLY A 130 21.61 5.90 3.45
C GLY A 130 20.51 6.80 3.98
N HIS A 131 19.26 6.30 4.10
CA HIS A 131 18.18 7.17 4.59
C HIS A 131 17.74 6.95 6.06
N ASP A 132 18.48 6.11 6.83
CA ASP A 132 18.23 5.80 8.23
C ASP A 132 19.47 5.08 8.79
N ARG A 133 20.61 5.81 8.83
CA ARG A 133 21.97 5.34 9.24
C ARG A 133 22.04 4.39 10.42
N PHE A 134 21.37 4.71 11.52
CA PHE A 134 21.39 3.86 12.70
C PHE A 134 20.06 3.15 12.90
N ASN A 135 19.26 2.97 11.80
CA ASN A 135 17.96 2.29 11.80
C ASN A 135 17.08 2.72 13.00
N ARG A 136 16.80 4.01 13.10
CA ARG A 136 16.03 4.52 14.24
C ARG A 136 14.52 4.47 14.09
N THR A 137 13.99 4.64 12.86
CA THR A 137 12.56 4.77 12.64
C THR A 137 11.71 3.51 12.60
N SER A 138 12.28 2.38 12.15
CA SER A 138 11.53 1.14 11.92
C SER A 138 10.81 0.54 13.10
N VAL A 139 11.44 0.57 14.29
CA VAL A 139 10.82 0.05 15.52
C VAL A 139 9.54 0.87 15.84
N ASN A 140 9.58 2.17 15.58
CA ASN A 140 8.45 3.09 15.79
C ASN A 140 7.32 2.80 14.81
N ALA A 141 7.65 2.57 13.53
CA ALA A 141 6.67 2.21 12.50
C ALA A 141 6.03 0.86 12.90
N PHE A 142 6.86 -0.14 13.30
CA PHE A 142 6.41 -1.45 13.74
C PHE A 142 5.40 -1.38 14.92
N PHE A 143 5.77 -0.68 16.02
CA PHE A 143 4.88 -0.54 17.17
C PHE A 143 3.55 0.11 16.83
N SER A 144 3.56 1.11 15.91
CA SER A 144 2.34 1.80 15.52
C SER A 144 1.36 0.85 14.80
N GLN A 145 1.88 -0.26 14.25
CA GLN A 145 1.07 -1.30 13.59
C GLN A 145 0.68 -2.35 14.62
N LEU A 146 1.65 -2.85 15.39
CA LEU A 146 1.43 -3.85 16.44
C LEU A 146 0.33 -3.47 17.42
N GLN A 147 0.37 -2.21 17.94
CA GLN A 147 -0.61 -1.72 18.91
C GLN A 147 -2.06 -1.68 18.37
N LEU A 148 -2.24 -1.62 17.06
CA LEU A 148 -3.57 -1.66 16.45
C LEU A 148 -4.17 -3.08 16.53
N LEU A 149 -3.34 -4.14 16.54
CA LEU A 149 -3.85 -5.51 16.60
C LEU A 149 -3.80 -6.15 17.98
N VAL A 150 -2.77 -5.81 18.79
CA VAL A 150 -2.61 -6.36 20.14
C VAL A 150 -2.70 -5.18 21.11
N LYS A 151 -3.89 -4.97 21.62
CA LYS A 151 -4.26 -3.88 22.53
C LYS A 151 -3.53 -3.85 23.86
N SER A 152 -3.06 -5.01 24.34
CA SER A 152 -2.34 -5.12 25.63
C SER A 152 -0.87 -4.66 25.50
N VAL A 153 -0.38 -4.44 24.26
CA VAL A 153 1.00 -3.95 24.02
C VAL A 153 1.10 -2.49 24.44
N ASN A 154 1.97 -2.21 25.41
CA ASN A 154 2.20 -0.85 25.91
C ASN A 154 3.65 -0.49 25.63
N ILE A 155 3.88 0.63 24.94
CA ILE A 155 5.24 1.02 24.54
C ILE A 155 5.81 2.21 25.34
N GLU A 156 5.21 2.51 26.51
CA GLU A 156 5.71 3.59 27.37
C GLU A 156 7.19 3.39 27.71
N LEU A 157 7.62 2.12 27.89
CA LEU A 157 9.01 1.78 28.19
C LEU A 157 9.95 2.00 27.02
N HIS A 158 9.45 1.83 25.78
CA HIS A 158 10.23 2.12 24.60
C HIS A 158 10.60 3.60 24.60
N HIS A 159 9.61 4.50 24.82
CA HIS A 159 9.80 5.94 24.89
C HIS A 159 10.80 6.33 26.01
N LEU A 160 10.66 5.71 27.20
CA LEU A 160 11.53 6.01 28.35
C LEU A 160 12.95 5.46 28.23
N LEU A 161 13.10 4.20 27.77
CA LEU A 161 14.41 3.53 27.71
C LEU A 161 15.30 3.88 26.54
N SER A 162 14.74 4.27 25.36
CA SER A 162 15.52 4.61 24.16
C SER A 162 16.65 5.58 24.39
N GLU A 163 16.40 6.67 25.09
CA GLU A 163 17.38 7.71 25.40
C GLU A 163 18.59 7.11 26.14
N HIS A 164 18.36 6.21 27.09
CA HIS A 164 19.39 5.62 27.92
C HIS A 164 20.19 4.53 27.28
N LEU A 165 19.62 3.85 26.28
CA LEU A 165 20.24 2.66 25.71
C LEU A 165 20.59 2.70 24.23
N THR A 166 20.30 3.81 23.54
CA THR A 166 20.53 3.94 22.10
C THR A 166 21.22 5.26 21.79
N LEU A 167 21.80 5.33 20.60
CA LEU A 167 22.54 6.49 20.16
C LEU A 167 21.64 7.72 19.90
N THR A 168 21.75 8.76 20.73
CA THR A 168 20.95 9.99 20.57
C THR A 168 21.75 10.96 19.69
N ALA A 169 21.14 12.11 19.29
CA ALA A 169 21.79 13.14 18.49
C ALA A 169 23.07 13.65 19.14
N LYS A 170 23.03 13.85 20.46
CA LYS A 170 24.14 14.33 21.28
C LYS A 170 25.32 13.31 21.27
N ASP A 171 24.99 11.98 21.35
CA ASP A 171 25.98 10.89 21.33
C ASP A 171 26.66 10.82 19.97
N GLU A 172 25.85 10.90 18.90
CA GLU A 172 26.29 10.86 17.53
C GLU A 172 27.33 11.97 17.21
N ARG A 173 27.19 13.18 17.82
CA ARG A 173 28.14 14.31 17.67
C ARG A 173 29.52 13.97 18.28
N ASN A 174 29.56 12.97 19.17
CA ASN A 174 30.77 12.50 19.83
C ASN A 174 31.46 11.35 19.08
N LEU A 175 30.89 10.91 17.95
CA LEU A 175 31.53 9.86 17.16
C LEU A 175 32.66 10.47 16.34
N ASN A 176 33.86 9.83 16.34
CA ASN A 176 35.02 10.29 15.56
C ASN A 176 34.88 9.90 14.07
N GLU A 177 35.72 10.49 13.19
CA GLU A 177 35.73 10.25 11.74
C GLU A 177 35.75 8.75 11.41
N GLU A 178 36.69 7.99 12.04
CA GLU A 178 36.87 6.55 11.88
C GLU A 178 35.56 5.80 12.19
N GLN A 179 34.91 6.13 13.33
CA GLN A 179 33.64 5.54 13.77
C GLN A 179 32.52 5.84 12.78
N LEU A 180 32.36 7.12 12.38
CA LEU A 180 31.34 7.55 11.42
C LEU A 180 31.46 6.93 10.05
N THR A 181 32.70 6.82 9.51
CA THR A 181 32.97 6.20 8.20
C THR A 181 32.56 4.72 8.20
N LYS A 182 33.01 3.98 9.23
CA LYS A 182 32.73 2.58 9.52
C LYS A 182 31.21 2.32 9.64
N TYR A 183 30.42 3.27 10.20
CA TYR A 183 28.97 3.15 10.37
C TYR A 183 28.14 3.63 9.15
N LEU A 184 28.76 4.37 8.21
CA LEU A 184 28.12 4.93 7.00
C LEU A 184 27.68 3.84 5.99
N THR A 185 28.45 2.74 5.92
CA THR A 185 28.20 1.61 5.02
C THR A 185 27.28 0.55 5.70
N ASN A 186 26.94 -0.53 4.96
CA ASN A 186 26.14 -1.66 5.47
C ASN A 186 27.04 -2.75 6.07
N PHE A 187 28.37 -2.49 6.18
CA PHE A 187 29.39 -3.41 6.69
C PHE A 187 29.20 -3.76 8.18
N GLN A 188 29.05 -2.74 9.03
CA GLN A 188 28.87 -2.91 10.48
C GLN A 188 27.47 -3.33 10.85
N VAL A 189 27.34 -4.24 11.82
CA VAL A 189 26.05 -4.63 12.40
C VAL A 189 25.70 -3.47 13.38
N LYS A 190 24.60 -2.79 13.13
CA LYS A 190 24.21 -1.62 13.92
C LYS A 190 22.97 -1.81 14.77
N THR A 191 22.59 -3.07 15.02
CA THR A 191 21.39 -3.43 15.78
C THR A 191 21.34 -2.74 17.15
N GLN A 192 20.26 -2.01 17.43
CA GLN A 192 20.05 -1.37 18.73
C GLN A 192 18.76 -1.90 19.35
N TYR A 193 17.82 -2.35 18.50
CA TYR A 193 16.52 -2.86 18.97
C TYR A 193 16.20 -4.23 18.37
N VAL A 194 15.67 -5.12 19.19
CA VAL A 194 15.13 -6.41 18.78
C VAL A 194 13.77 -6.51 19.48
N VAL A 195 12.74 -6.92 18.74
CA VAL A 195 11.42 -7.14 19.31
C VAL A 195 11.19 -8.65 19.33
N ALA A 196 10.71 -9.17 20.45
CA ALA A 196 10.34 -10.59 20.50
C ALA A 196 8.84 -10.69 20.74
N LEU A 197 8.16 -11.51 19.94
CA LEU A 197 6.74 -11.76 20.17
C LEU A 197 6.64 -13.14 20.79
N ASP A 198 6.26 -13.20 22.08
CA ASP A 198 6.09 -14.47 22.76
C ASP A 198 4.68 -14.95 22.48
N LEU A 199 4.57 -16.02 21.70
CA LEU A 199 3.26 -16.53 21.26
C LEU A 199 2.59 -17.40 22.30
N ARG A 200 2.13 -16.80 23.38
CA ARG A 200 1.44 -17.54 24.44
C ARG A 200 0.03 -17.89 23.99
N LYS A 201 -0.50 -19.01 24.48
CA LYS A 201 -1.86 -19.46 24.17
C LYS A 201 -2.93 -18.53 24.72
N THR A 202 -2.62 -17.77 25.78
CA THR A 202 -3.52 -16.76 26.35
C THR A 202 -3.44 -15.43 25.57
N GLY A 203 -2.51 -15.32 24.63
CA GLY A 203 -2.29 -14.12 23.83
C GLY A 203 -0.85 -13.65 23.82
N ILE A 204 -0.48 -12.92 22.76
CA ILE A 204 0.85 -12.37 22.55
C ILE A 204 1.29 -11.42 23.64
N VAL A 205 2.54 -11.58 24.06
CA VAL A 205 3.25 -10.71 24.96
C VAL A 205 4.49 -10.25 24.16
N ALA A 206 4.68 -8.94 24.03
CA ALA A 206 5.83 -8.43 23.31
C ALA A 206 6.96 -8.03 24.30
N LYS A 207 8.19 -8.27 23.90
CA LYS A 207 9.37 -7.92 24.68
C LYS A 207 10.28 -7.07 23.80
N GLU A 208 10.96 -6.11 24.40
CA GLU A 208 11.88 -5.26 23.67
C GLU A 208 13.28 -5.38 24.26
N TYR A 209 14.28 -5.62 23.40
CA TYR A 209 15.69 -5.75 23.72
C TYR A 209 16.37 -4.48 23.23
N PHE A 210 17.24 -3.91 24.08
CA PHE A 210 17.97 -2.67 23.81
C PHE A 210 19.44 -3.01 23.89
N PHE A 211 20.19 -2.74 22.81
CA PHE A 211 21.62 -3.03 22.73
C PHE A 211 22.40 -1.72 22.78
N PRO A 212 23.01 -1.40 23.95
CA PRO A 212 23.69 -0.09 24.09
C PRO A 212 25.09 0.05 23.46
N GLY A 213 25.57 -1.00 22.80
CA GLY A 213 26.88 -1.05 22.13
C GLY A 213 27.25 0.16 21.29
N ILE A 214 26.38 0.64 20.37
CA ILE A 214 26.66 1.84 19.52
C ILE A 214 26.72 3.10 20.45
N LYS A 215 25.72 3.25 21.35
CA LYS A 215 25.72 4.40 22.28
C LYS A 215 27.05 4.45 23.06
N CYS A 216 27.49 3.29 23.60
CA CYS A 216 28.73 3.15 24.36
C CYS A 216 30.01 3.42 23.55
N ALA A 217 30.00 3.12 22.24
CA ALA A 217 31.12 3.41 21.31
C ALA A 217 31.33 4.92 21.26
N ALA A 218 30.21 5.68 21.34
CA ALA A 218 30.20 7.13 21.31
C ALA A 218 30.49 7.77 22.67
N THR A 219 29.87 7.29 23.76
CA THR A 219 29.99 7.91 25.08
C THR A 219 31.17 7.45 25.93
N GLY A 220 31.64 6.20 25.69
CA GLY A 220 32.74 5.64 26.48
C GLY A 220 32.27 4.91 27.73
N GLN A 221 30.95 4.92 27.98
CA GLN A 221 30.32 4.24 29.11
C GLN A 221 30.28 2.72 28.82
N THR A 222 30.21 1.86 29.86
CA THR A 222 30.09 0.42 29.64
C THR A 222 28.61 0.10 29.41
N GLY A 223 28.35 -1.04 28.78
CA GLY A 223 27.00 -1.53 28.54
C GLY A 223 26.22 -1.75 29.81
N SER A 224 26.87 -2.34 30.84
CA SER A 224 26.24 -2.60 32.14
C SER A 224 25.87 -1.30 32.84
N ASN A 225 26.75 -0.28 32.80
CA ASN A 225 26.44 1.02 33.40
C ASN A 225 25.24 1.65 32.71
N ALA A 226 25.15 1.50 31.35
CA ALA A 226 24.01 2.03 30.62
C ALA A 226 22.73 1.31 31.05
N CYS A 227 22.79 -0.05 31.19
CA CYS A 227 21.62 -0.88 31.57
C CYS A 227 21.07 -0.54 32.94
N PHE A 228 21.97 -0.48 33.96
CA PHE A 228 21.55 -0.14 35.33
C PHE A 228 21.06 1.30 35.48
N GLY A 229 21.72 2.23 34.77
CA GLY A 229 21.28 3.62 34.73
C GLY A 229 19.89 3.76 34.14
N ALA A 230 19.59 2.94 33.11
CA ALA A 230 18.26 2.91 32.46
C ALA A 230 17.20 2.35 33.40
N ILE A 231 17.49 1.24 34.10
CA ILE A 231 16.56 0.64 35.06
C ILE A 231 16.24 1.64 36.17
N ARG A 232 17.29 2.29 36.73
CA ARG A 232 17.16 3.28 37.80
C ARG A 232 16.28 4.46 37.42
N ALA A 233 16.47 4.96 36.17
CA ALA A 233 15.72 6.09 35.62
C ALA A 233 14.23 5.77 35.49
N VAL A 234 13.91 4.50 35.27
CA VAL A 234 12.56 4.03 35.06
C VAL A 234 11.87 3.52 36.31
N ASP A 235 12.65 2.96 37.25
CA ASP A 235 12.16 2.44 38.52
C ASP A 235 12.05 3.59 39.53
N LYS A 236 11.01 4.42 39.35
CA LYS A 236 10.71 5.63 40.11
C LYS A 236 10.80 5.52 41.61
N ASP A 237 10.31 4.42 42.20
CA ASP A 237 10.37 4.27 43.66
C ASP A 237 11.52 3.39 44.16
N GLY A 238 12.48 3.08 43.29
CA GLY A 238 13.65 2.29 43.66
C GLY A 238 13.40 0.88 44.14
N HIS A 239 12.32 0.23 43.69
CA HIS A 239 11.96 -1.15 44.06
C HIS A 239 13.00 -2.20 43.63
N LEU A 240 13.78 -1.88 42.60
CA LEU A 240 14.78 -2.78 42.05
C LEU A 240 16.23 -2.46 42.45
N ASP A 241 16.43 -1.39 43.25
CA ASP A 241 17.73 -0.93 43.76
C ASP A 241 18.66 -2.00 44.34
N SER A 242 18.16 -2.82 45.27
CA SER A 242 18.98 -3.84 45.91
C SER A 242 19.28 -5.01 44.96
N LEU A 243 18.34 -5.34 44.06
CA LEU A 243 18.53 -6.40 43.05
C LEU A 243 19.62 -5.98 42.06
N CYS A 244 19.59 -4.71 41.63
CA CYS A 244 20.56 -4.10 40.72
C CYS A 244 21.96 -4.12 41.32
N GLN A 245 22.09 -3.65 42.57
CA GLN A 245 23.35 -3.60 43.33
C GLN A 245 24.03 -4.96 43.41
N LEU A 246 23.24 -6.02 43.64
CA LEU A 246 23.73 -7.39 43.72
C LEU A 246 24.34 -7.84 42.38
N ILE A 247 23.66 -7.58 41.26
CA ILE A 247 24.13 -7.94 39.93
C ILE A 247 25.36 -7.09 39.54
N GLU A 248 25.28 -5.74 39.75
CA GLU A 248 26.36 -4.78 39.49
C GLU A 248 27.67 -5.21 40.19
N ALA A 249 27.58 -5.60 41.46
CA ALA A 249 28.75 -6.03 42.25
C ALA A 249 29.38 -7.25 41.59
N HIS A 250 28.55 -8.24 41.17
CA HIS A 250 29.08 -9.42 40.49
C HIS A 250 29.81 -9.02 39.21
N PHE A 251 29.21 -8.12 38.41
CA PHE A 251 29.78 -7.66 37.14
C PHE A 251 31.12 -6.94 37.35
N GLN A 252 31.23 -6.11 38.40
CA GLN A 252 32.46 -5.40 38.81
C GLN A 252 33.54 -6.44 39.19
N GLN A 253 33.22 -7.35 40.13
CA GLN A 253 34.12 -8.39 40.63
C GLN A 253 34.59 -9.37 39.55
N SER A 254 33.65 -9.86 38.71
CA SER A 254 33.97 -10.82 37.65
C SER A 254 34.50 -10.17 36.37
N LYS A 255 34.51 -8.82 36.32
CA LYS A 255 34.98 -8.01 35.19
C LYS A 255 34.15 -8.16 33.88
N ILE A 256 32.81 -7.96 33.96
CA ILE A 256 31.91 -8.00 32.79
C ILE A 256 31.28 -6.62 32.62
N ASP A 257 31.38 -6.06 31.40
CA ASP A 257 30.88 -4.75 30.98
C ASP A 257 29.78 -4.88 29.90
N ASP A 258 29.86 -5.93 29.05
CA ASP A 258 29.02 -6.14 27.86
C ASP A 258 27.61 -6.65 28.16
N ALA A 259 26.75 -5.72 28.55
CA ALA A 259 25.37 -6.04 28.92
C ALA A 259 24.35 -5.41 28.00
N PHE A 260 23.15 -6.02 27.97
CA PHE A 260 22.00 -5.51 27.22
C PHE A 260 20.75 -5.77 28.02
N LEU A 261 19.69 -5.06 27.71
CA LEU A 261 18.49 -5.09 28.51
C LEU A 261 17.27 -5.53 27.73
N CYS A 262 16.38 -6.23 28.42
CA CYS A 262 15.09 -6.67 27.89
CA CYS A 262 15.11 -6.71 27.91
C CYS A 262 14.00 -6.27 28.86
N CYS A 263 12.85 -5.84 28.33
CA CYS A 263 11.69 -5.50 29.18
C CYS A 263 10.42 -6.01 28.49
N ASP A 264 9.36 -6.22 29.26
CA ASP A 264 8.05 -6.60 28.72
C ASP A 264 7.36 -5.32 28.35
N LEU A 265 6.74 -5.32 27.17
CA LEU A 265 6.01 -4.16 26.68
C LEU A 265 4.58 -4.17 27.20
N VAL A 266 4.47 -3.92 28.48
CA VAL A 266 3.23 -3.84 29.25
C VAL A 266 3.33 -2.54 30.08
N ASP A 267 2.29 -2.21 30.83
CA ASP A 267 2.29 -1.01 31.67
C ASP A 267 3.51 -1.05 32.57
N PRO A 268 4.32 0.04 32.64
CA PRO A 268 5.57 -0.02 33.41
C PRO A 268 5.50 -0.62 34.83
N ALA A 269 4.34 -0.50 35.51
CA ALA A 269 4.12 -1.06 36.87
C ALA A 269 4.28 -2.58 36.89
N HIS A 270 3.75 -3.24 35.85
CA HIS A 270 3.73 -4.68 35.66
C HIS A 270 4.88 -5.26 34.85
N THR A 271 5.89 -4.44 34.48
CA THR A 271 6.98 -4.96 33.65
C THR A 271 7.98 -5.81 34.40
N ARG A 272 8.75 -6.59 33.65
CA ARG A 272 9.84 -7.39 34.15
C ARG A 272 11.07 -7.04 33.32
N PHE A 273 12.17 -6.72 33.99
CA PHE A 273 13.45 -6.42 33.36
C PHE A 273 14.34 -7.65 33.45
N LYS A 274 15.12 -7.88 32.40
CA LYS A 274 16.13 -8.94 32.36
C LYS A 274 17.41 -8.30 31.88
N VAL A 275 18.49 -8.42 32.67
CA VAL A 275 19.79 -7.90 32.27
C VAL A 275 20.56 -9.09 31.70
N TYR A 276 21.03 -8.95 30.46
CA TYR A 276 21.81 -9.97 29.80
C TYR A 276 23.27 -9.60 29.78
N ILE A 277 24.12 -10.62 29.78
CA ILE A 277 25.56 -10.51 29.62
C ILE A 277 26.03 -11.60 28.69
N ALA A 278 27.02 -11.27 27.85
CA ALA A 278 27.68 -12.19 26.94
C ALA A 278 29.10 -12.32 27.45
N ASP A 279 29.61 -13.54 27.49
CA ASP A 279 30.96 -13.81 27.97
C ASP A 279 31.68 -14.70 26.98
N PRO A 280 32.81 -14.21 26.39
CA PRO A 280 33.55 -15.02 25.41
C PRO A 280 34.27 -16.26 26.00
N LEU A 281 34.46 -16.31 27.33
CA LEU A 281 35.08 -17.45 28.02
C LEU A 281 34.04 -18.59 28.22
N VAL A 282 34.03 -19.55 27.27
CA VAL A 282 33.10 -20.66 27.22
C VAL A 282 33.61 -21.85 28.02
N THR A 283 33.51 -21.75 29.36
CA THR A 283 33.89 -22.83 30.28
C THR A 283 32.77 -23.03 31.30
N LEU A 284 32.66 -24.26 31.85
CA LEU A 284 31.67 -24.57 32.87
C LEU A 284 31.90 -23.73 34.15
N ALA A 285 33.18 -23.56 34.55
CA ALA A 285 33.55 -22.78 35.73
C ALA A 285 33.08 -21.33 35.62
N ARG A 286 33.23 -20.72 34.42
CA ARG A 286 32.80 -19.35 34.19
C ARG A 286 31.26 -19.24 34.18
N ALA A 287 30.57 -20.24 33.58
CA ALA A 287 29.10 -20.30 33.55
C ALA A 287 28.55 -20.44 34.98
N GLU A 288 29.21 -21.29 35.82
CA GLU A 288 28.87 -21.50 37.23
C GLU A 288 29.02 -20.21 38.03
N GLU A 289 30.15 -19.49 37.81
CA GLU A 289 30.47 -18.24 38.48
C GLU A 289 29.35 -17.21 38.20
N HIS A 290 28.88 -17.14 36.95
CA HIS A 290 27.81 -16.22 36.58
C HIS A 290 26.42 -16.68 37.07
N TRP A 291 26.14 -17.99 37.02
CA TRP A 291 24.87 -18.56 37.46
C TRP A 291 24.56 -18.22 38.91
N THR A 292 25.56 -18.26 39.79
CA THR A 292 25.40 -18.00 41.23
C THR A 292 25.70 -16.53 41.59
N LEU A 293 26.04 -15.66 40.59
CA LEU A 293 26.46 -14.27 40.76
C LEU A 293 27.66 -14.18 41.73
N GLY A 294 28.66 -15.03 41.52
CA GLY A 294 29.83 -15.11 42.39
C GLY A 294 29.57 -15.58 43.80
N GLY A 295 28.56 -16.43 43.97
CA GLY A 295 28.16 -16.96 45.26
C GLY A 295 27.06 -16.16 45.95
N ARG A 296 26.57 -15.06 45.32
CA ARG A 296 25.50 -14.23 45.87
C ARG A 296 24.13 -14.89 45.81
N LEU A 297 23.92 -15.85 44.88
CA LEU A 297 22.66 -16.60 44.72
C LEU A 297 22.74 -17.90 45.49
N THR A 298 22.14 -17.89 46.67
CA THR A 298 22.18 -18.97 47.64
C THR A 298 20.91 -19.85 47.71
N ASP A 299 19.82 -19.50 47.00
CA ASP A 299 18.59 -20.29 47.08
C ASP A 299 18.72 -21.75 46.54
N GLU A 300 17.76 -22.60 46.89
CA GLU A 300 17.72 -24.01 46.54
C GLU A 300 17.60 -24.25 45.02
N ASP A 301 16.73 -23.47 44.35
CA ASP A 301 16.54 -23.51 42.90
C ASP A 301 17.85 -23.23 42.16
N ALA A 302 18.70 -22.33 42.71
CA ALA A 302 20.02 -22.01 42.13
C ALA A 302 21.00 -23.21 42.30
N ALA A 303 20.98 -23.86 43.46
CA ALA A 303 21.81 -25.03 43.74
C ALA A 303 21.38 -26.24 42.88
N VAL A 304 20.08 -26.46 42.73
CA VAL A 304 19.55 -27.53 41.87
C VAL A 304 19.91 -27.23 40.39
N GLY A 305 19.69 -25.99 39.97
CA GLY A 305 20.02 -25.54 38.62
C GLY A 305 21.48 -25.81 38.28
N LEU A 306 22.37 -25.51 39.23
CA LEU A 306 23.81 -25.69 39.13
C LEU A 306 24.15 -27.17 38.92
N GLU A 307 23.48 -28.10 39.67
CA GLU A 307 23.64 -29.53 39.50
C GLU A 307 23.30 -30.00 38.10
N ILE A 308 22.13 -29.59 37.59
CA ILE A 308 21.62 -29.90 36.26
C ILE A 308 22.55 -29.30 35.16
N ILE A 309 22.98 -28.03 35.30
CA ILE A 309 23.88 -27.36 34.34
C ILE A 309 25.17 -28.22 34.16
N ARG A 310 25.78 -28.61 35.27
CA ARG A 310 27.00 -29.42 35.28
CA ARG A 310 26.98 -29.45 35.35
C ARG A 310 26.84 -30.69 34.43
N GLY A 311 25.71 -31.38 34.59
CA GLY A 311 25.37 -32.58 33.82
C GLY A 311 25.16 -32.28 32.35
N LEU A 312 24.31 -31.27 32.04
CA LEU A 312 24.00 -30.86 30.66
C LEU A 312 25.23 -30.43 29.89
N TRP A 313 26.07 -29.58 30.49
CA TRP A 313 27.29 -29.05 29.90
C TRP A 313 28.23 -30.19 29.48
N SER A 314 28.40 -31.18 30.36
CA SER A 314 29.22 -32.37 30.16
C SER A 314 28.66 -33.26 29.03
N GLU A 315 27.36 -33.63 29.11
CA GLU A 315 26.68 -34.47 28.12
C GLU A 315 26.71 -33.82 26.73
N LEU A 316 26.49 -32.50 26.64
CA LEU A 316 26.51 -31.78 25.38
C LEU A 316 27.93 -31.57 24.85
N GLY A 317 28.89 -31.36 25.75
CA GLY A 317 30.27 -31.11 25.41
C GLY A 317 30.43 -29.74 24.79
N ILE A 318 29.94 -28.69 25.49
CA ILE A 318 30.00 -27.29 25.05
C ILE A 318 31.43 -26.93 24.68
N ILE A 319 31.62 -26.49 23.41
CA ILE A 319 32.92 -26.20 22.82
C ILE A 319 33.53 -24.88 23.30
N GLN A 320 34.73 -24.97 23.91
CA GLN A 320 35.47 -23.78 24.36
C GLN A 320 36.18 -23.15 23.15
N GLY A 321 35.68 -22.01 22.69
CA GLY A 321 36.22 -21.29 21.54
C GLY A 321 37.24 -20.22 21.88
N PRO A 322 37.75 -19.47 20.87
CA PRO A 322 38.72 -18.40 21.16
C PRO A 322 38.07 -17.16 21.78
N LEU A 323 38.82 -16.47 22.66
CA LEU A 323 38.37 -15.25 23.34
C LEU A 323 38.20 -14.06 22.37
N GLU A 324 39.02 -14.02 21.29
CA GLU A 324 39.00 -12.97 20.26
C GLU A 324 37.69 -13.09 19.44
N PRO A 325 36.86 -12.01 19.36
CA PRO A 325 35.57 -12.11 18.65
C PRO A 325 35.62 -12.54 17.18
N SER A 326 36.65 -12.08 16.42
CA SER A 326 36.82 -12.43 15.01
C SER A 326 37.27 -13.88 14.84
N ALA A 327 38.19 -14.37 15.72
CA ALA A 327 38.71 -15.74 15.75
C ALA A 327 37.60 -16.73 16.15
N MET A 328 36.63 -16.25 16.95
CA MET A 328 35.44 -16.96 17.45
C MET A 328 34.41 -17.09 16.31
N MET A 329 34.20 -15.99 15.56
CA MET A 329 33.27 -15.90 14.41
C MET A 329 33.74 -16.74 13.23
N GLU A 330 35.07 -16.87 13.04
CA GLU A 330 35.73 -17.65 11.99
C GLU A 330 35.34 -19.13 12.08
N LYS A 331 35.43 -19.71 13.30
CA LYS A 331 35.07 -21.09 13.61
C LYS A 331 33.53 -21.25 13.73
N GLY A 332 32.81 -20.13 13.59
CA GLY A 332 31.36 -20.05 13.72
C GLY A 332 30.88 -20.30 15.14
N LEU A 333 31.76 -20.04 16.14
CA LEU A 333 31.47 -20.28 17.54
C LEU A 333 30.85 -19.07 18.26
N LEU A 334 30.05 -19.36 19.28
CA LEU A 334 29.29 -18.36 20.04
C LEU A 334 29.77 -18.23 21.48
N PRO A 335 29.53 -17.07 22.16
CA PRO A 335 29.96 -16.96 23.57
C PRO A 335 28.92 -17.63 24.49
N ILE A 336 29.12 -17.59 25.80
CA ILE A 336 28.04 -18.01 26.70
C ILE A 336 27.28 -16.70 27.00
N MET A 337 26.01 -16.82 27.36
CA MET A 337 25.22 -15.68 27.79
C MET A 337 24.44 -16.10 29.03
N LEU A 338 24.02 -15.11 29.80
CA LEU A 338 23.12 -15.27 30.93
C LEU A 338 22.22 -14.07 30.96
N ASN A 339 21.05 -14.26 31.51
CA ASN A 339 20.18 -13.16 31.85
C ASN A 339 19.81 -13.26 33.38
N TYR A 340 19.44 -12.14 33.98
CA TYR A 340 19.01 -12.08 35.36
C TYR A 340 17.70 -11.33 35.39
N GLU A 341 16.65 -12.03 35.82
CA GLU A 341 15.30 -11.49 35.90
C GLU A 341 15.10 -10.82 37.26
N MET A 342 14.49 -9.63 37.26
CA MET A 342 14.24 -8.83 38.47
C MET A 342 12.75 -8.64 38.81
N LYS A 343 12.37 -9.02 40.04
CA LYS A 343 11.00 -8.89 40.56
C LYS A 343 11.01 -8.10 41.88
N ALA A 344 10.32 -6.93 41.89
CA ALA A 344 10.15 -6.01 43.02
C ALA A 344 10.07 -6.66 44.41
N GLY A 345 9.27 -7.72 44.52
CA GLY A 345 9.09 -8.46 45.77
C GLY A 345 10.29 -9.29 46.22
N GLN A 346 10.95 -9.98 45.25
CA GLN A 346 12.08 -10.91 45.47
C GLN A 346 13.38 -10.31 45.95
N ARG A 347 14.07 -11.04 46.85
CA ARG A 347 15.36 -10.60 47.40
C ARG A 347 16.52 -10.96 46.47
N LEU A 348 16.33 -11.98 45.61
CA LEU A 348 17.37 -12.42 44.70
C LEU A 348 16.96 -12.40 43.24
N PRO A 349 17.90 -12.05 42.32
CA PRO A 349 17.62 -12.15 40.87
C PRO A 349 17.47 -13.62 40.47
N LYS A 350 16.79 -13.90 39.33
CA LYS A 350 16.61 -15.27 38.86
C LYS A 350 17.50 -15.46 37.61
N PRO A 351 18.48 -16.40 37.65
CA PRO A 351 19.35 -16.59 36.48
C PRO A 351 18.80 -17.51 35.39
N LYS A 352 19.34 -17.33 34.19
CA LYS A 352 19.07 -18.15 33.00
C LYS A 352 20.40 -18.28 32.26
N LEU A 353 20.82 -19.49 31.96
CA LEU A 353 22.06 -19.70 31.24
C LEU A 353 21.79 -20.06 29.79
N TYR A 354 22.54 -19.43 28.83
CA TYR A 354 22.48 -19.73 27.38
C TYR A 354 23.76 -20.44 27.03
N MET A 355 23.64 -21.70 26.66
CA MET A 355 24.80 -22.53 26.27
C MET A 355 24.90 -22.55 24.73
N PRO A 356 26.07 -22.17 24.15
CA PRO A 356 26.21 -22.19 22.68
C PRO A 356 26.27 -23.62 22.14
N LEU A 357 25.52 -23.93 21.07
CA LEU A 357 25.45 -25.27 20.49
C LEU A 357 26.07 -25.40 19.10
N THR A 358 26.52 -24.28 18.50
CA THR A 358 27.14 -24.37 17.17
C THR A 358 28.43 -25.19 17.29
N GLY A 359 28.59 -26.14 16.36
CA GLY A 359 29.71 -27.06 16.35
C GLY A 359 29.35 -28.45 16.86
N ILE A 360 28.20 -28.57 17.55
CA ILE A 360 27.70 -29.85 18.09
C ILE A 360 26.67 -30.43 17.11
N PRO A 361 26.85 -31.69 16.63
CA PRO A 361 25.86 -32.29 15.70
C PRO A 361 24.44 -32.29 16.25
N GLU A 362 23.44 -32.05 15.37
CA GLU A 362 22.03 -31.97 15.77
C GLU A 362 21.46 -33.23 16.40
N THR A 363 21.91 -34.40 15.93
CA THR A 363 21.48 -35.69 16.48
C THR A 363 22.02 -35.90 17.90
N LYS A 364 23.21 -35.35 18.20
CA LYS A 364 23.81 -35.42 19.53
C LYS A 364 22.95 -34.58 20.48
N ILE A 365 22.62 -33.33 20.09
CA ILE A 365 21.75 -32.44 20.86
C ILE A 365 20.41 -33.14 21.09
N ALA A 366 19.79 -33.67 20.02
CA ALA A 366 18.51 -34.37 20.13
C ALA A 366 18.56 -35.54 21.12
N ARG A 367 19.63 -36.35 21.06
CA ARG A 367 19.85 -37.50 21.94
C ARG A 367 19.93 -37.04 23.43
N ILE A 368 20.71 -35.99 23.73
CA ILE A 368 20.86 -35.42 25.07
C ILE A 368 19.54 -34.82 25.54
N MET A 369 18.83 -34.10 24.67
CA MET A 369 17.53 -33.48 24.98
C MET A 369 16.48 -34.51 25.32
N THR A 370 16.34 -35.56 24.47
CA THR A 370 15.41 -36.69 24.64
C THR A 370 15.65 -37.38 25.98
N ALA A 371 16.94 -37.72 26.31
CA ALA A 371 17.31 -38.37 27.59
C ALA A 371 17.07 -37.44 28.78
N PHE A 372 17.38 -36.14 28.64
CA PHE A 372 17.16 -35.13 29.69
C PHE A 372 15.64 -35.05 29.97
N PHE A 373 14.82 -35.00 28.91
CA PHE A 373 13.36 -34.92 29.06
C PHE A 373 12.80 -36.14 29.80
N GLN A 374 13.27 -37.35 29.45
CA GLN A 374 12.88 -38.62 30.08
C GLN A 374 13.22 -38.64 31.57
N ARG A 375 14.47 -38.24 31.94
CA ARG A 375 14.88 -38.22 33.36
C ARG A 375 14.09 -37.15 34.10
N HIS A 376 14.06 -35.91 33.58
CA HIS A 376 13.35 -34.78 34.21
C HIS A 376 11.83 -34.75 34.07
N ASP A 377 11.20 -35.93 33.91
CA ASP A 377 9.74 -36.16 33.85
C ASP A 377 9.03 -35.33 32.80
N MET A 378 9.53 -35.38 31.56
CA MET A 378 8.96 -34.71 30.38
C MET A 378 8.86 -35.76 29.25
N PRO A 379 8.04 -36.84 29.42
CA PRO A 379 8.01 -37.90 28.40
C PRO A 379 7.39 -37.54 27.05
N GLU A 380 6.46 -36.56 27.04
CA GLU A 380 5.78 -36.12 25.81
C GLU A 380 6.75 -35.36 24.89
N GLN A 381 7.63 -34.57 25.49
CA GLN A 381 8.70 -33.81 24.85
C GLN A 381 9.75 -34.81 24.31
N ALA A 382 10.14 -35.80 25.15
CA ALA A 382 11.13 -36.82 24.84
C ALA A 382 10.78 -37.64 23.59
N GLU A 383 9.53 -38.05 23.49
CA GLU A 383 8.97 -38.87 22.42
C GLU A 383 9.05 -38.23 21.02
N VAL A 384 8.79 -36.92 20.92
CA VAL A 384 8.73 -36.21 19.63
C VAL A 384 9.91 -35.31 19.30
N PHE A 385 10.87 -35.11 20.23
CA PHE A 385 11.97 -34.17 19.99
C PHE A 385 12.69 -34.30 18.65
N MET A 386 13.17 -35.51 18.35
CA MET A 386 13.93 -35.84 17.14
C MET A 386 13.10 -35.65 15.85
N GLU A 387 11.90 -36.24 15.82
CA GLU A 387 10.88 -36.22 14.78
C GLU A 387 10.58 -34.78 14.36
N ASN A 388 10.31 -33.91 15.36
CA ASN A 388 9.96 -32.52 15.18
C ASN A 388 11.11 -31.72 14.60
N LEU A 389 12.33 -31.95 15.14
CA LEU A 389 13.56 -31.29 14.69
C LEU A 389 13.83 -31.66 13.21
N GLN A 390 13.67 -32.95 12.86
CA GLN A 390 13.86 -33.44 11.51
C GLN A 390 12.86 -32.80 10.54
N ALA A 391 11.59 -32.61 10.97
CA ALA A 391 10.58 -31.97 10.13
C ALA A 391 10.87 -30.49 9.90
N TYR A 392 11.49 -29.78 10.89
CA TYR A 392 11.86 -28.35 10.70
C TYR A 392 12.90 -28.19 9.60
N TYR A 393 13.80 -29.19 9.50
CA TYR A 393 14.92 -29.24 8.55
C TYR A 393 14.75 -30.46 7.68
N GLU A 394 13.55 -30.59 7.07
CA GLU A 394 13.14 -31.70 6.22
C GLU A 394 14.20 -31.99 5.15
N GLY A 395 14.59 -33.26 5.04
CA GLY A 395 15.58 -33.70 4.06
C GLY A 395 17.03 -33.44 4.42
N LYS A 396 17.29 -32.70 5.52
CA LYS A 396 18.65 -32.39 5.95
C LYS A 396 19.23 -33.51 6.83
N ASN A 397 20.54 -33.75 6.72
CA ASN A 397 21.25 -34.75 7.51
C ASN A 397 21.60 -34.12 8.85
N LEU A 398 20.93 -34.57 9.92
CA LEU A 398 21.11 -34.00 11.26
C LEU A 398 22.39 -34.44 11.97
N GLU A 399 23.06 -35.49 11.45
CA GLU A 399 24.35 -35.97 11.97
C GLU A 399 25.46 -35.03 11.49
N GLU A 400 25.36 -34.54 10.24
CA GLU A 400 26.31 -33.64 9.61
C GLU A 400 26.11 -32.20 10.02
N ALA A 401 24.85 -31.76 10.21
CA ALA A 401 24.54 -30.38 10.58
C ALA A 401 24.93 -30.09 12.02
N THR A 402 25.58 -28.93 12.25
CA THR A 402 26.03 -28.47 13.58
C THR A 402 25.56 -27.03 13.88
N ARG A 403 24.91 -26.36 12.89
CA ARG A 403 24.50 -24.95 13.02
C ARG A 403 22.98 -24.69 12.90
N TYR A 404 22.13 -25.67 13.27
CA TYR A 404 20.67 -25.48 13.23
C TYR A 404 20.18 -25.04 14.60
N GLN A 405 20.41 -25.85 15.63
CA GLN A 405 20.10 -25.50 17.03
C GLN A 405 21.36 -24.79 17.51
N ALA A 406 21.27 -23.46 17.69
CA ALA A 406 22.39 -22.58 18.01
C ALA A 406 22.63 -22.34 19.52
N TRP A 407 21.54 -22.28 20.30
CA TRP A 407 21.62 -22.05 21.73
C TRP A 407 20.62 -22.92 22.44
N LEU A 408 20.97 -23.27 23.68
CA LEU A 408 20.09 -23.94 24.63
C LEU A 408 20.08 -23.04 25.86
N SER A 409 18.93 -22.51 26.23
CA SER A 409 18.88 -21.72 27.45
C SER A 409 18.28 -22.58 28.57
N PHE A 410 18.73 -22.38 29.80
CA PHE A 410 18.27 -23.15 30.94
C PHE A 410 17.96 -22.25 32.12
N ALA A 411 16.79 -22.46 32.71
CA ALA A 411 16.33 -21.82 33.94
C ALA A 411 15.65 -22.91 34.78
N TYR A 412 15.47 -22.71 36.09
CA TYR A 412 14.82 -23.72 36.92
C TYR A 412 14.04 -23.13 38.08
N THR A 413 12.88 -23.74 38.37
CA THR A 413 12.08 -23.54 39.60
C THR A 413 11.68 -24.92 40.11
N LYS A 414 11.55 -25.08 41.43
CA LYS A 414 11.09 -26.36 41.96
C LYS A 414 9.68 -26.64 41.39
N GLU A 415 8.82 -25.62 41.51
CA GLU A 415 7.40 -25.60 41.09
C GLU A 415 7.15 -26.11 39.70
N LYS A 416 7.81 -25.51 38.68
CA LYS A 416 7.61 -25.86 37.28
C LYS A 416 8.68 -26.76 36.64
N GLY A 417 9.78 -27.01 37.37
CA GLY A 417 10.90 -27.83 36.91
C GLY A 417 11.81 -27.13 35.91
N PRO A 418 12.59 -27.92 35.14
CA PRO A 418 13.50 -27.31 34.14
C PRO A 418 12.76 -26.54 33.06
N TYR A 419 13.30 -25.37 32.67
CA TYR A 419 12.75 -24.52 31.63
C TYR A 419 13.81 -24.40 30.55
N LEU A 420 13.63 -25.13 29.44
CA LEU A 420 14.59 -25.20 28.35
C LEU A 420 14.08 -24.50 27.10
N SER A 421 14.99 -23.86 26.37
CA SER A 421 14.67 -23.18 25.14
C SER A 421 15.71 -23.42 24.12
N ILE A 422 15.28 -23.65 22.88
CA ILE A 422 16.19 -23.83 21.76
C ILE A 422 16.00 -22.64 20.82
N TYR A 423 17.11 -22.02 20.39
CA TYR A 423 17.12 -20.90 19.46
C TYR A 423 17.74 -21.44 18.18
N TYR A 424 16.99 -21.31 17.07
CA TYR A 424 17.37 -21.87 15.77
C TYR A 424 18.03 -20.89 14.86
N PHE A 425 18.99 -21.40 14.08
CA PHE A 425 19.62 -20.64 13.00
C PHE A 425 19.07 -21.16 11.66
N TRP A 426 18.91 -20.25 10.70
CA TRP A 426 18.43 -20.62 9.34
C TRP A 426 19.45 -21.50 8.61
N PRO A 427 19.00 -22.58 7.90
CA PRO A 427 19.98 -23.46 7.23
C PRO A 427 20.78 -22.78 6.13
N GLU A 428 22.03 -23.26 5.92
CA GLU A 428 23.01 -22.80 4.92
C GLU A 428 23.32 -21.30 4.97
N PRO B 21 -20.26 -21.54 23.96
CA PRO B 21 -19.00 -20.84 24.23
C PRO B 21 -18.16 -20.55 22.98
N ILE B 22 -17.95 -21.56 22.10
CA ILE B 22 -17.16 -21.43 20.85
C ILE B 22 -18.10 -21.03 19.69
N PRO B 23 -18.10 -19.74 19.27
CA PRO B 23 -19.06 -19.30 18.23
C PRO B 23 -18.83 -19.93 16.88
N LYS B 24 -19.91 -20.08 16.11
CA LYS B 24 -19.84 -20.66 14.76
C LYS B 24 -18.89 -19.84 13.83
N ASP B 25 -18.83 -18.51 14.02
CA ASP B 25 -17.95 -17.63 13.23
C ASP B 25 -16.56 -17.39 13.89
N ILE B 26 -16.08 -18.35 14.69
CA ILE B 26 -14.76 -18.31 15.33
C ILE B 26 -13.63 -17.92 14.32
N ALA B 27 -13.65 -18.47 13.09
CA ALA B 27 -12.65 -18.16 12.05
C ALA B 27 -12.66 -16.67 11.69
N TYR B 28 -13.84 -16.03 11.72
CA TYR B 28 -13.98 -14.57 11.50
C TYR B 28 -13.36 -13.81 12.69
N HIS B 29 -13.69 -14.19 13.94
CA HIS B 29 -13.16 -13.56 15.15
C HIS B 29 -11.65 -13.71 15.23
N THR B 30 -11.14 -14.87 14.76
CA THR B 30 -9.70 -15.19 14.76
C THR B 30 -8.95 -14.33 13.76
N LEU B 31 -9.43 -14.27 12.51
CA LEU B 31 -8.78 -13.45 11.49
C LEU B 31 -8.86 -11.96 11.81
N THR B 32 -9.92 -11.53 12.53
CA THR B 32 -10.08 -10.15 12.99
C THR B 32 -8.87 -9.71 13.86
N LYS B 33 -8.29 -10.65 14.61
CA LYS B 33 -7.14 -10.40 15.48
C LYS B 33 -5.82 -10.34 14.70
N ALA B 34 -5.83 -10.72 13.42
CA ALA B 34 -4.60 -10.84 12.64
C ALA B 34 -4.53 -9.99 11.36
N LEU B 35 -5.66 -9.49 10.87
CA LEU B 35 -5.70 -8.72 9.61
C LEU B 35 -5.71 -7.23 9.83
N LEU B 36 -4.79 -6.52 9.17
CA LEU B 36 -4.70 -5.08 9.32
C LEU B 36 -5.22 -4.40 8.05
N PHE B 37 -6.51 -3.99 8.02
CA PHE B 37 -7.12 -3.35 6.86
C PHE B 37 -6.58 -1.96 6.62
N PRO B 38 -6.21 -1.62 5.38
CA PRO B 38 -5.55 -0.29 5.14
C PRO B 38 -6.46 0.93 5.19
N ASP B 39 -7.79 0.74 5.09
CA ASP B 39 -8.72 1.87 5.13
C ASP B 39 -10.02 1.42 5.80
N ILE B 40 -10.82 2.40 6.22
CA ILE B 40 -12.10 2.22 6.91
C ILE B 40 -13.13 1.44 6.09
N ASP B 41 -13.15 1.62 4.77
CA ASP B 41 -14.11 0.95 3.90
C ASP B 41 -13.92 -0.54 3.81
N GLN B 42 -12.64 -0.99 3.65
CA GLN B 42 -12.29 -2.42 3.63
C GLN B 42 -12.62 -3.02 5.03
N TYR B 43 -12.29 -2.27 6.11
CA TYR B 43 -12.59 -2.65 7.50
C TYR B 43 -14.11 -2.90 7.65
N GLN B 44 -14.95 -1.96 7.18
CA GLN B 44 -16.41 -2.08 7.27
C GLN B 44 -16.97 -3.21 6.43
N HIS B 45 -16.42 -3.45 5.24
CA HIS B 45 -16.88 -4.58 4.41
C HIS B 45 -16.53 -5.92 5.06
N TRP B 46 -15.32 -6.04 5.66
CA TRP B 46 -14.89 -7.24 6.37
C TRP B 46 -15.89 -7.55 7.49
N HIS B 47 -16.17 -6.57 8.36
CA HIS B 47 -17.09 -6.73 9.48
C HIS B 47 -18.55 -6.96 9.11
N HIS B 48 -18.97 -6.46 7.96
CA HIS B 48 -20.30 -6.61 7.43
C HIS B 48 -20.49 -8.02 6.79
N VAL B 49 -19.48 -8.49 6.06
CA VAL B 49 -19.57 -9.73 5.26
C VAL B 49 -19.05 -11.00 5.93
N ALA B 50 -17.84 -10.94 6.50
CA ALA B 50 -17.13 -12.08 7.06
C ALA B 50 -17.88 -12.90 8.11
N PRO B 51 -18.64 -12.33 9.07
CA PRO B 51 -19.35 -13.20 10.05
C PRO B 51 -20.30 -14.20 9.37
N MET B 52 -21.16 -13.74 8.43
CA MET B 52 -22.08 -14.63 7.73
C MET B 52 -21.34 -15.62 6.82
N LEU B 53 -20.32 -15.15 6.11
CA LEU B 53 -19.50 -15.99 5.24
C LEU B 53 -18.84 -17.11 6.07
N ALA B 54 -18.26 -16.79 7.24
CA ALA B 54 -17.65 -17.78 8.13
C ALA B 54 -18.67 -18.85 8.54
N LYS B 55 -19.90 -18.45 8.87
CA LYS B 55 -20.98 -19.38 9.27
C LYS B 55 -21.37 -20.32 8.13
N MET B 56 -21.52 -19.77 6.91
CA MET B 56 -21.88 -20.50 5.69
C MET B 56 -20.81 -21.53 5.33
N LEU B 57 -19.52 -21.20 5.61
CA LEU B 57 -18.41 -22.12 5.34
C LEU B 57 -18.40 -23.26 6.33
N VAL B 58 -18.78 -22.96 7.58
CA VAL B 58 -18.90 -24.02 8.60
C VAL B 58 -20.05 -24.96 8.17
N ASP B 59 -21.23 -24.37 7.81
CA ASP B 59 -22.44 -25.09 7.39
C ASP B 59 -22.25 -25.93 6.14
N GLY B 60 -21.43 -25.45 5.20
CA GLY B 60 -21.12 -26.14 3.95
C GLY B 60 -20.16 -27.30 4.12
N LYS B 61 -19.69 -27.55 5.36
CA LYS B 61 -18.77 -28.63 5.70
C LYS B 61 -17.39 -28.47 5.04
N TYR B 62 -16.96 -27.22 4.83
CA TYR B 62 -15.61 -26.92 4.35
C TYR B 62 -14.65 -27.29 5.48
N SER B 63 -13.44 -27.77 5.15
CA SER B 63 -12.45 -28.07 6.19
C SER B 63 -12.05 -26.72 6.84
N ILE B 64 -11.55 -26.80 8.09
CA ILE B 64 -11.09 -25.62 8.82
C ILE B 64 -10.05 -24.81 8.00
N HIS B 65 -9.16 -25.53 7.30
CA HIS B 65 -8.13 -24.96 6.42
C HIS B 65 -8.75 -24.12 5.31
N GLN B 66 -9.81 -24.66 4.68
CA GLN B 66 -10.52 -24.01 3.56
C GLN B 66 -11.37 -22.83 4.00
N GLN B 67 -11.96 -22.88 5.21
CA GLN B 67 -12.68 -21.75 5.84
C GLN B 67 -11.71 -20.56 5.98
N TYR B 68 -10.50 -20.80 6.56
CA TYR B 68 -9.47 -19.77 6.74
C TYR B 68 -9.00 -19.27 5.41
N GLU B 69 -8.80 -20.19 4.44
CA GLU B 69 -8.35 -19.83 3.10
C GLU B 69 -9.31 -18.85 2.44
N TYR B 70 -10.60 -19.22 2.39
CA TYR B 70 -11.62 -18.42 1.72
C TYR B 70 -11.94 -17.09 2.41
N LEU B 71 -11.94 -17.08 3.73
CA LEU B 71 -12.13 -15.84 4.48
C LEU B 71 -10.96 -14.87 4.23
N CYS B 72 -9.71 -15.33 4.21
CA CYS B 72 -8.52 -14.59 3.98
CA CYS B 72 -8.50 -14.62 3.94
C CYS B 72 -8.48 -14.20 2.62
N LEU B 73 -8.89 -15.00 1.68
CA LEU B 73 -8.93 -14.55 0.32
C LEU B 73 -9.97 -13.47 0.02
N PHE B 74 -11.09 -13.53 0.70
CA PHE B 74 -12.13 -12.50 0.66
C PHE B 74 -11.53 -11.17 1.11
N ALA B 75 -10.85 -11.16 2.26
CA ALA B 75 -10.16 -9.98 2.81
C ALA B 75 -9.11 -9.40 1.85
N GLN B 76 -8.26 -10.27 1.31
CA GLN B 76 -7.12 -9.89 0.48
C GLN B 76 -7.47 -9.46 -0.94
N LEU B 77 -8.41 -10.15 -1.55
CA LEU B 77 -8.78 -9.98 -2.93
C LEU B 77 -10.06 -9.19 -3.17
N VAL B 78 -11.14 -9.52 -2.42
CA VAL B 78 -12.47 -8.96 -2.66
C VAL B 78 -12.74 -7.62 -1.96
N ALA B 79 -12.53 -7.52 -0.63
CA ALA B 79 -12.76 -6.28 0.12
C ALA B 79 -12.09 -5.04 -0.54
N PRO B 80 -10.87 -5.10 -1.13
CA PRO B 80 -10.32 -3.89 -1.77
C PRO B 80 -11.11 -3.38 -3.00
N VAL B 81 -11.97 -4.24 -3.61
CA VAL B 81 -12.74 -3.82 -4.80
C VAL B 81 -14.25 -3.67 -4.51
N LEU B 82 -14.63 -3.55 -3.22
CA LEU B 82 -16.04 -3.38 -2.87
C LEU B 82 -16.48 -1.92 -2.83
N GLY B 83 -15.49 -1.01 -2.91
CA GLY B 83 -15.68 0.42 -2.96
C GLY B 83 -15.95 1.06 -1.62
N PRO B 84 -16.24 2.39 -1.59
CA PRO B 84 -16.57 3.03 -0.31
C PRO B 84 -17.76 2.34 0.35
N TYR B 85 -17.70 2.17 1.69
CA TYR B 85 -18.79 1.53 2.40
C TYR B 85 -20.08 2.38 2.26
N PRO B 86 -21.16 1.80 1.71
CA PRO B 86 -22.36 2.60 1.44
C PRO B 86 -23.21 2.90 2.67
N SER B 87 -22.71 3.76 3.54
CA SER B 87 -23.39 4.22 4.74
C SER B 87 -24.69 4.97 4.34
N PRO B 88 -25.74 5.00 5.21
CA PRO B 88 -26.99 5.72 4.83
C PRO B 88 -26.77 7.18 4.46
N GLY B 89 -27.21 7.55 3.26
CA GLY B 89 -27.11 8.91 2.75
C GLY B 89 -25.81 9.27 2.05
N ARG B 90 -24.83 8.33 2.03
CA ARG B 90 -23.52 8.54 1.40
C ARG B 90 -23.66 8.56 -0.12
N ASP B 91 -23.10 9.61 -0.75
CA ASP B 91 -23.16 9.80 -2.21
C ASP B 91 -22.09 8.97 -2.93
N VAL B 92 -22.39 7.68 -3.15
CA VAL B 92 -21.46 6.76 -3.79
C VAL B 92 -22.09 6.00 -4.96
N TYR B 93 -21.24 5.48 -5.88
CA TYR B 93 -21.65 4.63 -6.99
C TYR B 93 -22.46 3.47 -6.39
N ARG B 94 -23.68 3.27 -6.89
CA ARG B 94 -24.60 2.27 -6.36
C ARG B 94 -24.72 0.94 -7.11
N CYS B 95 -24.98 -0.10 -6.32
CA CYS B 95 -25.12 -1.47 -6.78
C CYS B 95 -26.29 -2.12 -6.00
N THR B 96 -26.90 -3.19 -6.56
CA THR B 96 -28.06 -3.87 -5.95
C THR B 96 -27.77 -5.30 -5.46
N LEU B 97 -26.49 -5.71 -5.44
CA LEU B 97 -26.14 -7.04 -4.91
C LEU B 97 -26.43 -7.11 -3.41
N GLY B 98 -27.08 -8.18 -2.99
CA GLY B 98 -27.50 -8.34 -1.60
C GLY B 98 -28.56 -7.30 -1.22
N GLY B 99 -29.20 -6.73 -2.25
CA GLY B 99 -30.22 -5.71 -2.13
C GLY B 99 -29.73 -4.30 -2.41
N ASN B 100 -28.65 -3.88 -1.75
CA ASN B 100 -28.16 -2.50 -1.87
C ASN B 100 -26.62 -2.37 -1.75
N MET B 101 -25.88 -3.48 -1.90
CA MET B 101 -24.41 -3.48 -1.75
C MET B 101 -23.74 -3.87 -3.08
N THR B 102 -22.38 -3.96 -3.05
CA THR B 102 -21.56 -4.39 -4.19
C THR B 102 -21.19 -5.87 -4.00
N VAL B 103 -21.77 -6.55 -2.98
CA VAL B 103 -21.46 -7.95 -2.63
C VAL B 103 -22.72 -8.72 -2.23
N GLU B 104 -22.80 -10.00 -2.65
CA GLU B 104 -23.93 -10.87 -2.32
C GLU B 104 -23.43 -12.29 -2.02
N LEU B 105 -23.97 -12.91 -0.97
CA LEU B 105 -23.67 -14.30 -0.64
C LEU B 105 -24.81 -15.19 -1.09
N SER B 106 -24.50 -16.39 -1.52
CA SER B 106 -25.47 -17.40 -1.92
C SER B 106 -24.92 -18.75 -1.55
N GLN B 107 -25.81 -19.73 -1.43
CA GLN B 107 -25.46 -21.06 -1.03
C GLN B 107 -26.28 -22.07 -1.85
N ASN B 108 -25.56 -23.09 -2.33
CA ASN B 108 -26.09 -24.19 -3.13
CA ASN B 108 -26.14 -24.19 -3.10
C ASN B 108 -26.23 -25.41 -2.21
N PHE B 109 -27.38 -26.11 -2.27
CA PHE B 109 -27.64 -27.28 -1.44
C PHE B 109 -27.60 -28.65 -2.18
N GLN B 110 -26.58 -29.49 -1.83
CA GLN B 110 -26.42 -30.84 -2.39
C GLN B 110 -25.87 -31.84 -1.37
N GLY B 113 -23.16 -32.01 1.84
CA GLY B 113 -22.63 -30.66 1.99
C GLY B 113 -23.24 -29.61 1.07
N SER B 114 -22.84 -28.35 1.30
CA SER B 114 -23.27 -27.17 0.55
C SER B 114 -22.04 -26.46 0.02
N THR B 115 -22.19 -25.60 -0.99
CA THR B 115 -21.10 -24.79 -1.54
C THR B 115 -21.55 -23.34 -1.48
N THR B 116 -20.63 -22.46 -1.09
CA THR B 116 -20.90 -21.02 -0.96
C THR B 116 -20.37 -20.32 -2.21
N ARG B 117 -21.00 -19.20 -2.55
CA ARG B 117 -20.60 -18.35 -3.65
C ARG B 117 -20.63 -16.91 -3.16
N ILE B 118 -19.61 -16.14 -3.58
CA ILE B 118 -19.46 -14.71 -3.29
C ILE B 118 -19.54 -14.00 -4.65
N ALA B 119 -20.56 -13.15 -4.84
CA ALA B 119 -20.71 -12.40 -6.08
C ALA B 119 -20.51 -10.94 -5.73
N PHE B 120 -19.83 -10.18 -6.61
CA PHE B 120 -19.57 -8.77 -6.33
C PHE B 120 -19.36 -8.01 -7.59
N GLU B 121 -19.64 -6.68 -7.56
CA GLU B 121 -19.32 -5.83 -8.70
C GLU B 121 -17.97 -5.16 -8.35
N PRO B 122 -16.83 -5.47 -9.02
CA PRO B 122 -15.59 -4.75 -8.68
C PRO B 122 -15.80 -3.25 -8.92
N VAL B 123 -15.47 -2.44 -7.92
CA VAL B 123 -15.64 -0.99 -8.00
C VAL B 123 -14.54 -0.31 -7.14
N ARG B 124 -14.09 0.85 -7.59
CA ARG B 124 -13.13 1.65 -6.84
C ARG B 124 -13.74 3.00 -6.59
N TYR B 125 -13.21 3.76 -5.63
CA TYR B 125 -13.79 5.06 -5.27
C TYR B 125 -13.90 6.07 -6.40
N GLN B 126 -13.00 5.97 -7.40
CA GLN B 126 -13.01 6.84 -8.58
C GLN B 126 -14.37 6.84 -9.29
N ALA B 127 -15.07 5.68 -9.28
CA ALA B 127 -16.42 5.57 -9.88
C ALA B 127 -17.46 6.47 -9.16
N SER B 128 -17.19 6.87 -7.89
CA SER B 128 -18.09 7.73 -7.11
C SER B 128 -17.77 9.23 -7.22
N VAL B 129 -16.56 9.58 -7.70
CA VAL B 129 -16.08 10.98 -7.71
C VAL B 129 -15.75 11.56 -9.12
N GLY B 130 -16.33 10.96 -10.15
CA GLY B 130 -16.18 11.40 -11.54
C GLY B 130 -14.92 10.96 -12.25
N HIS B 131 -14.16 9.99 -11.69
CA HIS B 131 -12.92 9.54 -12.34
C HIS B 131 -13.01 8.18 -13.07
N ASP B 132 -14.22 7.61 -13.18
CA ASP B 132 -14.53 6.37 -13.88
C ASP B 132 -16.06 6.27 -14.04
N ARG B 133 -16.59 7.08 -15.01
CA ARG B 133 -18.04 7.27 -15.24
C ARG B 133 -18.89 6.00 -15.38
N PHE B 134 -18.37 5.01 -16.13
CA PHE B 134 -19.07 3.76 -16.35
C PHE B 134 -18.36 2.59 -15.68
N ASN B 135 -17.57 2.89 -14.61
CA ASN B 135 -16.84 1.90 -13.80
C ASN B 135 -16.14 0.83 -14.70
N ARG B 136 -15.26 1.29 -15.59
CA ARG B 136 -14.62 0.38 -16.55
C ARG B 136 -13.33 -0.30 -16.06
N THR B 137 -12.56 0.38 -15.20
CA THR B 137 -11.23 -0.10 -14.79
C THR B 137 -11.15 -1.12 -13.69
N SER B 138 -12.12 -1.12 -12.76
CA SER B 138 -12.09 -1.97 -11.55
C SER B 138 -12.05 -3.45 -11.77
N VAL B 139 -12.81 -3.96 -12.75
CA VAL B 139 -12.83 -5.38 -13.08
C VAL B 139 -11.43 -5.84 -13.55
N ASN B 140 -10.74 -4.98 -14.30
CA ASN B 140 -9.39 -5.20 -14.81
C ASN B 140 -8.38 -5.24 -13.66
N ALA B 141 -8.48 -4.29 -12.73
CA ALA B 141 -7.60 -4.25 -11.52
C ALA B 141 -7.84 -5.54 -10.71
N PHE B 142 -9.13 -5.90 -10.51
CA PHE B 142 -9.50 -7.10 -9.77
C PHE B 142 -8.89 -8.39 -10.37
N PHE B 143 -9.11 -8.64 -11.69
CA PHE B 143 -8.55 -9.82 -12.36
C PHE B 143 -7.05 -9.90 -12.28
N SER B 144 -6.35 -8.75 -12.35
CA SER B 144 -4.89 -8.72 -12.28
C SER B 144 -4.39 -9.17 -10.92
N GLN B 145 -5.23 -9.08 -9.88
CA GLN B 145 -4.92 -9.57 -8.53
C GLN B 145 -5.38 -11.03 -8.39
N LEU B 146 -6.62 -11.34 -8.83
CA LEU B 146 -7.16 -12.71 -8.76
C LEU B 146 -6.27 -13.75 -9.45
N GLN B 147 -5.76 -13.42 -10.67
CA GLN B 147 -4.92 -14.33 -11.41
C GLN B 147 -3.60 -14.66 -10.75
N LEU B 148 -3.13 -13.79 -9.83
CA LEU B 148 -1.90 -14.04 -9.08
C LEU B 148 -2.09 -15.14 -8.02
N LEU B 149 -3.31 -15.28 -7.48
CA LEU B 149 -3.61 -16.27 -6.45
C LEU B 149 -4.26 -17.54 -6.96
N VAL B 150 -5.14 -17.44 -8.00
CA VAL B 150 -5.84 -18.59 -8.57
C VAL B 150 -5.38 -18.73 -10.02
N LYS B 151 -4.40 -19.61 -10.23
CA LYS B 151 -3.78 -19.87 -11.53
C LYS B 151 -4.73 -20.35 -12.60
N SER B 152 -5.76 -21.12 -12.21
CA SER B 152 -6.72 -21.69 -13.16
C SER B 152 -7.66 -20.61 -13.74
N VAL B 153 -7.66 -19.39 -13.19
CA VAL B 153 -8.50 -18.29 -13.69
C VAL B 153 -7.95 -17.78 -15.01
N ASN B 154 -8.76 -17.89 -16.06
CA ASN B 154 -8.39 -17.44 -17.39
C ASN B 154 -9.38 -16.33 -17.80
N ILE B 155 -8.86 -15.16 -18.18
CA ILE B 155 -9.69 -14.01 -18.53
C ILE B 155 -9.77 -13.73 -20.04
N GLU B 156 -9.33 -14.68 -20.89
CA GLU B 156 -9.42 -14.48 -22.35
C GLU B 156 -10.85 -14.10 -22.80
N LEU B 157 -11.88 -14.67 -22.14
CA LEU B 157 -13.28 -14.36 -22.44
C LEU B 157 -13.70 -12.97 -22.01
N HIS B 158 -13.09 -12.43 -20.95
CA HIS B 158 -13.33 -11.06 -20.53
C HIS B 158 -12.89 -10.12 -21.67
N HIS B 159 -11.68 -10.33 -22.21
CA HIS B 159 -11.13 -9.55 -23.32
C HIS B 159 -12.02 -9.62 -24.57
N LEU B 160 -12.46 -10.84 -24.93
CA LEU B 160 -13.30 -11.08 -26.11
C LEU B 160 -14.73 -10.55 -25.97
N LEU B 161 -15.39 -10.79 -24.82
CA LEU B 161 -16.80 -10.43 -24.62
C LEU B 161 -17.10 -8.98 -24.29
N SER B 162 -16.16 -8.23 -23.67
CA SER B 162 -16.38 -6.83 -23.23
C SER B 162 -16.90 -5.92 -24.32
N GLU B 163 -16.28 -5.99 -25.49
CA GLU B 163 -16.63 -5.20 -26.69
CA GLU B 163 -16.66 -5.17 -26.65
C GLU B 163 -18.13 -5.40 -27.03
N HIS B 164 -18.58 -6.65 -27.00
CA HIS B 164 -19.96 -7.00 -27.39
C HIS B 164 -21.03 -6.73 -26.39
N LEU B 165 -20.66 -6.66 -25.07
CA LEU B 165 -21.64 -6.55 -24.01
C LEU B 165 -21.60 -5.33 -23.14
N THR B 166 -20.62 -4.44 -23.36
CA THR B 166 -20.44 -3.24 -22.54
C THR B 166 -20.29 -2.02 -23.40
N LEU B 167 -20.47 -0.85 -22.79
CA LEU B 167 -20.40 0.43 -23.49
C LEU B 167 -18.96 0.78 -23.96
N THR B 168 -18.73 0.77 -25.28
CA THR B 168 -17.42 1.11 -25.85
C THR B 168 -17.40 2.61 -26.12
N ALA B 169 -16.22 3.16 -26.54
CA ALA B 169 -16.04 4.58 -26.87
C ALA B 169 -17.02 5.02 -27.97
N LYS B 170 -17.17 4.18 -29.01
CA LYS B 170 -18.04 4.36 -30.16
C LYS B 170 -19.54 4.43 -29.71
N ASP B 171 -19.94 3.57 -28.75
CA ASP B 171 -21.31 3.52 -28.21
C ASP B 171 -21.61 4.78 -27.43
N GLU B 172 -20.66 5.17 -26.56
CA GLU B 172 -20.74 6.36 -25.71
C GLU B 172 -20.97 7.65 -26.54
N ARG B 173 -20.37 7.75 -27.76
CA ARG B 173 -20.54 8.89 -28.68
C ARG B 173 -21.98 8.99 -29.19
N ASN B 174 -22.74 7.87 -29.12
CA ASN B 174 -24.13 7.78 -29.55
C ASN B 174 -25.12 8.05 -28.42
N LEU B 175 -24.65 8.23 -27.16
CA LEU B 175 -25.56 8.54 -26.05
C LEU B 175 -26.01 10.00 -26.16
N ASN B 176 -27.32 10.27 -25.90
CA ASN B 176 -27.87 11.64 -25.98
C ASN B 176 -27.67 12.45 -24.68
N GLU B 177 -27.77 13.80 -24.77
CA GLU B 177 -27.60 14.78 -23.68
C GLU B 177 -28.30 14.39 -22.37
N GLU B 178 -29.57 13.91 -22.47
CA GLU B 178 -30.43 13.47 -21.36
C GLU B 178 -29.86 12.23 -20.67
N GLN B 179 -29.38 11.24 -21.45
CA GLN B 179 -28.76 10.00 -20.96
C GLN B 179 -27.41 10.28 -20.28
N LEU B 180 -26.57 11.19 -20.85
CA LEU B 180 -25.25 11.54 -20.31
C LEU B 180 -25.32 12.26 -18.98
N THR B 181 -26.30 13.18 -18.84
CA THR B 181 -26.53 13.92 -17.59
C THR B 181 -27.00 12.94 -16.52
N LYS B 182 -27.95 12.04 -16.91
CA LYS B 182 -28.52 10.95 -16.12
C LYS B 182 -27.42 9.99 -15.61
N TYR B 183 -26.38 9.73 -16.43
CA TYR B 183 -25.25 8.85 -16.11
C TYR B 183 -24.06 9.51 -15.37
N LEU B 184 -24.01 10.87 -15.38
CA LEU B 184 -22.94 11.67 -14.75
C LEU B 184 -22.91 11.58 -13.22
N THR B 185 -24.10 11.45 -12.60
CA THR B 185 -24.29 11.34 -11.14
C THR B 185 -24.21 9.88 -10.66
N ASN B 186 -24.28 9.66 -9.33
CA ASN B 186 -24.29 8.35 -8.69
C ASN B 186 -25.74 7.81 -8.54
N PHE B 187 -26.73 8.54 -9.10
CA PHE B 187 -28.16 8.19 -9.05
C PHE B 187 -28.51 6.89 -9.77
N GLN B 188 -28.05 6.74 -11.04
CA GLN B 188 -28.28 5.56 -11.86
C GLN B 188 -27.39 4.39 -11.49
N VAL B 189 -27.95 3.16 -11.49
CA VAL B 189 -27.20 1.92 -11.31
C VAL B 189 -26.56 1.65 -12.69
N LYS B 190 -25.21 1.64 -12.73
CA LYS B 190 -24.46 1.52 -13.98
C LYS B 190 -23.70 0.21 -14.13
N THR B 191 -24.08 -0.81 -13.34
CA THR B 191 -23.45 -2.12 -13.33
C THR B 191 -23.37 -2.75 -14.72
N GLN B 192 -22.15 -3.13 -15.14
CA GLN B 192 -21.95 -3.82 -16.43
C GLN B 192 -21.29 -5.15 -16.19
N TYR B 193 -20.52 -5.25 -15.08
CA TYR B 193 -19.80 -6.49 -14.73
C TYR B 193 -20.10 -6.91 -13.29
N VAL B 194 -20.26 -8.22 -13.09
CA VAL B 194 -20.38 -8.85 -11.78
C VAL B 194 -19.45 -10.06 -11.86
N VAL B 195 -18.65 -10.26 -10.83
CA VAL B 195 -17.79 -11.43 -10.74
C VAL B 195 -18.35 -12.33 -9.65
N ALA B 196 -18.42 -13.63 -9.91
CA ALA B 196 -18.84 -14.57 -8.86
C ALA B 196 -17.71 -15.53 -8.60
N LEU B 197 -17.37 -15.74 -7.33
CA LEU B 197 -16.35 -16.71 -6.96
C LEU B 197 -17.11 -17.91 -6.39
N ASP B 198 -17.09 -19.04 -7.11
CA ASP B 198 -17.75 -20.26 -6.65
C ASP B 198 -16.73 -21.01 -5.81
N LEU B 199 -16.98 -21.05 -4.49
CA LEU B 199 -16.02 -21.63 -3.54
C LEU B 199 -16.12 -23.13 -3.47
N ARG B 200 -15.73 -23.81 -4.54
CA ARG B 200 -15.77 -25.28 -4.56
C ARG B 200 -14.65 -25.83 -3.66
N LYS B 201 -14.88 -27.02 -3.09
CA LYS B 201 -13.88 -27.68 -2.25
C LYS B 201 -12.65 -28.11 -3.02
N THR B 202 -12.81 -28.34 -4.34
CA THR B 202 -11.68 -28.71 -5.21
C THR B 202 -10.89 -27.46 -5.66
N GLY B 203 -11.41 -26.26 -5.35
CA GLY B 203 -10.78 -25.00 -5.72
C GLY B 203 -11.75 -24.02 -6.35
N ILE B 204 -11.45 -22.72 -6.22
CA ILE B 204 -12.26 -21.63 -6.77
C ILE B 204 -12.42 -21.70 -8.28
N VAL B 205 -13.64 -21.44 -8.73
CA VAL B 205 -13.99 -21.26 -10.12
C VAL B 205 -14.61 -19.85 -10.18
N ALA B 206 -14.10 -19.00 -11.06
CA ALA B 206 -14.64 -17.66 -11.22
C ALA B 206 -15.59 -17.60 -12.43
N LYS B 207 -16.64 -16.81 -12.29
CA LYS B 207 -17.64 -16.61 -13.34
C LYS B 207 -17.78 -15.11 -13.55
N GLU B 208 -18.03 -14.71 -14.80
CA GLU B 208 -18.21 -13.30 -15.11
C GLU B 208 -19.56 -13.09 -15.76
N TYR B 209 -20.32 -12.11 -15.26
CA TYR B 209 -21.64 -11.69 -15.72
C TYR B 209 -21.46 -10.36 -16.44
N PHE B 210 -22.07 -10.26 -17.64
CA PHE B 210 -22.01 -9.07 -18.48
C PHE B 210 -23.42 -8.58 -18.63
N PHE B 211 -23.67 -7.30 -18.28
CA PHE B 211 -25.01 -6.69 -18.35
C PHE B 211 -25.02 -5.67 -19.49
N PRO B 212 -25.63 -6.02 -20.65
CA PRO B 212 -25.57 -5.12 -21.81
C PRO B 212 -26.51 -3.91 -21.80
N GLY B 213 -27.24 -3.70 -20.71
CA GLY B 213 -28.22 -2.62 -20.53
C GLY B 213 -27.74 -1.24 -20.95
N ILE B 214 -26.57 -0.82 -20.47
CA ILE B 214 -26.00 0.50 -20.79
C ILE B 214 -25.64 0.56 -22.29
N LYS B 215 -24.94 -0.47 -22.80
CA LYS B 215 -24.58 -0.55 -24.21
C LYS B 215 -25.83 -0.43 -25.10
N CYS B 216 -26.90 -1.17 -24.76
CA CYS B 216 -28.18 -1.17 -25.47
C CYS B 216 -28.92 0.17 -25.41
N ALA B 217 -28.78 0.92 -24.31
CA ALA B 217 -29.37 2.25 -24.18
C ALA B 217 -28.75 3.18 -25.25
N ALA B 218 -27.44 2.97 -25.57
CA ALA B 218 -26.71 3.73 -26.58
C ALA B 218 -26.93 3.24 -28.00
N THR B 219 -26.89 1.92 -28.23
CA THR B 219 -26.96 1.34 -29.58
C THR B 219 -28.37 1.09 -30.10
N GLY B 220 -29.34 0.89 -29.19
CA GLY B 220 -30.73 0.61 -29.57
C GLY B 220 -31.00 -0.85 -29.80
N GLN B 221 -29.98 -1.69 -29.65
CA GLN B 221 -30.04 -3.15 -29.79
C GLN B 221 -30.72 -3.73 -28.51
N THR B 222 -31.32 -4.92 -28.60
CA THR B 222 -31.88 -5.55 -27.40
C THR B 222 -30.77 -6.31 -26.68
N GLY B 223 -30.96 -6.58 -25.39
CA GLY B 223 -30.03 -7.33 -24.58
C GLY B 223 -29.78 -8.74 -25.10
N SER B 224 -30.86 -9.43 -25.54
CA SER B 224 -30.75 -10.79 -26.11
C SER B 224 -29.96 -10.80 -27.43
N ASN B 225 -30.17 -9.80 -28.29
CA ASN B 225 -29.40 -9.70 -29.53
C ASN B 225 -27.92 -9.48 -29.23
N ALA B 226 -27.61 -8.66 -28.18
CA ALA B 226 -26.23 -8.45 -27.77
C ALA B 226 -25.62 -9.74 -27.27
N CYS B 227 -26.37 -10.51 -26.44
CA CYS B 227 -25.88 -11.77 -25.84
C CYS B 227 -25.56 -12.83 -26.88
N PHE B 228 -26.50 -13.06 -27.83
CA PHE B 228 -26.28 -14.03 -28.92
C PHE B 228 -25.19 -13.64 -29.88
N GLY B 229 -25.11 -12.35 -30.20
CA GLY B 229 -24.03 -11.81 -31.04
C GLY B 229 -22.68 -12.02 -30.40
N ALA B 230 -22.60 -11.86 -29.07
CA ALA B 230 -21.37 -12.09 -28.29
C ALA B 230 -20.97 -13.57 -28.30
N ILE B 231 -21.94 -14.49 -28.07
CA ILE B 231 -21.65 -15.93 -28.08
C ILE B 231 -21.14 -16.34 -29.46
N ARG B 232 -21.81 -15.86 -30.53
CA ARG B 232 -21.44 -16.17 -31.92
C ARG B 232 -20.04 -15.70 -32.29
N ALA B 233 -19.67 -14.49 -31.83
CA ALA B 233 -18.35 -13.91 -32.09
C ALA B 233 -17.26 -14.73 -31.41
N VAL B 234 -17.61 -15.39 -30.32
CA VAL B 234 -16.69 -16.17 -29.51
C VAL B 234 -16.66 -17.65 -29.88
N ASP B 235 -17.82 -18.21 -30.23
CA ASP B 235 -17.99 -19.61 -30.65
C ASP B 235 -17.49 -19.77 -32.08
N LYS B 236 -16.16 -19.72 -32.25
CA LYS B 236 -15.41 -19.76 -33.51
C LYS B 236 -15.81 -20.80 -34.51
N ASP B 237 -16.10 -22.03 -34.05
CA ASP B 237 -16.52 -23.10 -34.96
C ASP B 237 -18.03 -23.33 -34.99
N GLY B 238 -18.79 -22.42 -34.37
CA GLY B 238 -20.24 -22.48 -34.36
C GLY B 238 -20.87 -23.68 -33.68
N HIS B 239 -20.17 -24.23 -32.69
CA HIS B 239 -20.61 -25.38 -31.89
C HIS B 239 -21.90 -25.14 -31.08
N LEU B 240 -22.19 -23.86 -30.75
CA LEU B 240 -23.37 -23.45 -29.98
C LEU B 240 -24.51 -22.84 -30.83
N ASP B 241 -24.34 -22.73 -32.17
CA ASP B 241 -25.34 -22.12 -33.07
C ASP B 241 -26.77 -22.68 -32.95
N SER B 242 -26.92 -24.00 -32.99
CA SER B 242 -28.25 -24.62 -32.91
C SER B 242 -28.90 -24.41 -31.54
N LEU B 243 -28.09 -24.41 -30.47
CA LEU B 243 -28.56 -24.15 -29.10
C LEU B 243 -29.04 -22.71 -29.00
N CYS B 244 -28.26 -21.76 -29.57
CA CYS B 244 -28.56 -20.33 -29.62
C CYS B 244 -29.89 -20.07 -30.33
N GLN B 245 -30.05 -20.65 -31.55
CA GLN B 245 -31.24 -20.53 -32.38
C GLN B 245 -32.51 -20.95 -31.65
N LEU B 246 -32.43 -22.05 -30.88
CA LEU B 246 -33.55 -22.58 -30.09
C LEU B 246 -33.99 -21.58 -29.01
N ILE B 247 -33.02 -20.99 -28.27
CA ILE B 247 -33.30 -20.01 -27.22
C ILE B 247 -33.81 -18.69 -27.82
N GLU B 248 -33.14 -18.18 -28.89
CA GLU B 248 -33.50 -16.97 -29.63
C GLU B 248 -34.94 -17.00 -30.10
N ALA B 249 -35.33 -18.10 -30.75
CA ALA B 249 -36.68 -18.29 -31.28
C ALA B 249 -37.69 -18.17 -30.15
N HIS B 250 -37.40 -18.76 -28.97
CA HIS B 250 -38.28 -18.66 -27.79
C HIS B 250 -38.39 -17.22 -27.30
N PHE B 251 -37.27 -16.50 -27.26
CA PHE B 251 -37.25 -15.11 -26.83
C PHE B 251 -38.08 -14.23 -27.77
N GLN B 252 -37.99 -14.49 -29.09
CA GLN B 252 -38.76 -13.76 -30.10
C GLN B 252 -40.26 -14.05 -29.94
N GLN B 253 -40.63 -15.35 -29.86
CA GLN B 253 -42.01 -15.82 -29.69
C GLN B 253 -42.65 -15.33 -28.39
N SER B 254 -41.94 -15.44 -27.25
CA SER B 254 -42.45 -15.04 -25.93
C SER B 254 -42.29 -13.55 -25.64
N LYS B 255 -41.63 -12.80 -26.56
CA LYS B 255 -41.40 -11.34 -26.48
C LYS B 255 -40.50 -10.92 -25.31
N ILE B 256 -39.29 -11.51 -25.20
CA ILE B 256 -38.30 -11.20 -24.17
C ILE B 256 -37.03 -10.67 -24.83
N ASP B 257 -36.60 -9.45 -24.42
CA ASP B 257 -35.42 -8.72 -24.90
C ASP B 257 -34.34 -8.58 -23.82
N ASP B 258 -34.74 -8.48 -22.54
CA ASP B 258 -33.90 -8.23 -21.38
C ASP B 258 -33.06 -9.43 -20.92
N ALA B 259 -31.95 -9.65 -21.63
CA ALA B 259 -31.04 -10.74 -21.33
C ALA B 259 -29.66 -10.26 -20.91
N PHE B 260 -28.94 -11.12 -20.17
CA PHE B 260 -27.57 -10.91 -19.76
C PHE B 260 -26.83 -12.22 -19.83
N LEU B 261 -25.50 -12.16 -19.86
CA LEU B 261 -24.68 -13.33 -20.10
C LEU B 261 -23.73 -13.62 -18.97
N CYS B 262 -23.46 -14.91 -18.75
CA CYS B 262 -22.54 -15.41 -17.75
C CYS B 262 -21.62 -16.42 -18.42
N CYS B 263 -20.33 -16.41 -18.09
CA CYS B 263 -19.38 -17.41 -18.61
C CYS B 263 -18.42 -17.81 -17.51
N ASP B 264 -17.82 -18.99 -17.62
CA ASP B 264 -16.79 -19.45 -16.69
C ASP B 264 -15.48 -18.87 -17.16
N LEU B 265 -14.72 -18.33 -16.22
CA LEU B 265 -13.41 -17.76 -16.51
C LEU B 265 -12.33 -18.85 -16.51
N VAL B 266 -12.41 -19.68 -17.53
CA VAL B 266 -11.50 -20.80 -17.77
C VAL B 266 -11.10 -20.67 -19.25
N ASP B 267 -10.20 -21.56 -19.71
CA ASP B 267 -9.78 -21.56 -21.11
C ASP B 267 -11.02 -21.64 -21.99
N PRO B 268 -11.17 -20.74 -22.99
CA PRO B 268 -12.40 -20.72 -23.80
C PRO B 268 -12.94 -22.07 -24.29
N ALA B 269 -12.05 -23.07 -24.52
CA ALA B 269 -12.41 -24.44 -24.96
C ALA B 269 -13.34 -25.14 -23.96
N HIS B 270 -13.05 -24.95 -22.66
CA HIS B 270 -13.74 -25.56 -21.53
C HIS B 270 -14.82 -24.68 -20.90
N THR B 271 -15.16 -23.53 -21.50
CA THR B 271 -16.15 -22.65 -20.86
C THR B 271 -17.58 -23.10 -21.02
N ARG B 272 -18.46 -22.56 -20.19
CA ARG B 272 -19.89 -22.79 -20.23
C ARG B 272 -20.55 -21.42 -20.23
N PHE B 273 -21.45 -21.18 -21.17
CA PHE B 273 -22.22 -19.93 -21.25
C PHE B 273 -23.59 -20.18 -20.68
N LYS B 274 -24.13 -19.18 -19.97
CA LYS B 274 -25.49 -19.21 -19.46
C LYS B 274 -26.12 -17.89 -19.89
N VAL B 275 -27.25 -17.98 -20.61
CA VAL B 275 -27.99 -16.78 -21.01
C VAL B 275 -29.11 -16.62 -19.99
N TYR B 276 -29.15 -15.45 -19.34
CA TYR B 276 -30.18 -15.13 -18.36
C TYR B 276 -31.22 -14.21 -18.93
N ILE B 277 -32.44 -14.32 -18.41
CA ILE B 277 -33.56 -13.43 -18.70
C ILE B 277 -34.25 -13.11 -17.41
N ALA B 278 -34.71 -11.86 -17.30
CA ALA B 278 -35.51 -11.38 -16.17
C ALA B 278 -36.89 -11.10 -16.75
N ASP B 279 -37.93 -11.54 -16.05
CA ASP B 279 -39.31 -11.35 -16.51
C ASP B 279 -40.13 -10.74 -15.38
N PRO B 280 -40.71 -9.51 -15.59
CA PRO B 280 -41.51 -8.88 -14.53
C PRO B 280 -42.83 -9.58 -14.22
N LEU B 281 -43.36 -10.43 -15.13
CA LEU B 281 -44.61 -11.17 -14.92
C LEU B 281 -44.37 -12.37 -14.03
N VAL B 282 -44.72 -12.23 -12.75
CA VAL B 282 -44.45 -13.28 -11.78
C VAL B 282 -45.62 -14.24 -11.60
N THR B 283 -45.74 -15.20 -12.53
CA THR B 283 -46.79 -16.22 -12.51
C THR B 283 -46.17 -17.59 -12.81
N LEU B 284 -46.79 -18.67 -12.32
CA LEU B 284 -46.34 -20.04 -12.56
C LEU B 284 -46.41 -20.36 -14.06
N ALA B 285 -47.48 -19.91 -14.76
CA ALA B 285 -47.67 -20.12 -16.19
C ALA B 285 -46.53 -19.52 -17.02
N ARG B 286 -46.08 -18.29 -16.66
CA ARG B 286 -44.97 -17.63 -17.35
C ARG B 286 -43.63 -18.33 -17.05
N ALA B 287 -43.43 -18.79 -15.79
CA ALA B 287 -42.23 -19.54 -15.39
C ALA B 287 -42.15 -20.88 -16.15
N GLU B 288 -43.32 -21.57 -16.31
CA GLU B 288 -43.47 -22.83 -17.05
C GLU B 288 -43.13 -22.64 -18.52
N GLU B 289 -43.65 -21.54 -19.11
CA GLU B 289 -43.42 -21.19 -20.52
C GLU B 289 -41.91 -21.03 -20.77
N HIS B 290 -41.21 -20.36 -19.87
CA HIS B 290 -39.76 -20.16 -19.99
C HIS B 290 -38.96 -21.42 -19.68
N TRP B 291 -39.38 -22.20 -18.67
CA TRP B 291 -38.70 -23.44 -18.27
C TRP B 291 -38.57 -24.44 -19.42
N THR B 292 -39.63 -24.58 -20.23
CA THR B 292 -39.67 -25.53 -21.35
C THR B 292 -39.27 -24.88 -22.70
N LEU B 293 -38.89 -23.57 -22.68
CA LEU B 293 -38.59 -22.77 -23.88
C LEU B 293 -39.77 -22.83 -24.89
N GLY B 294 -41.00 -22.63 -24.39
CA GLY B 294 -42.21 -22.67 -25.19
C GLY B 294 -42.52 -24.05 -25.77
N GLY B 295 -42.12 -25.09 -25.04
CA GLY B 295 -42.33 -26.48 -25.45
C GLY B 295 -41.16 -27.10 -26.19
N ARG B 296 -40.10 -26.32 -26.47
CA ARG B 296 -38.91 -26.80 -27.19
C ARG B 296 -38.06 -27.78 -26.38
N LEU B 297 -38.15 -27.74 -25.02
CA LEU B 297 -37.40 -28.64 -24.14
C LEU B 297 -38.26 -29.84 -23.80
N THR B 298 -37.99 -30.95 -24.49
CA THR B 298 -38.75 -32.20 -24.41
C THR B 298 -38.17 -33.32 -23.54
N ASP B 299 -36.94 -33.15 -23.01
CA ASP B 299 -36.28 -34.17 -22.17
C ASP B 299 -37.03 -34.55 -20.89
N GLU B 300 -36.76 -35.77 -20.37
CA GLU B 300 -37.37 -36.35 -19.17
C GLU B 300 -37.04 -35.53 -17.92
N ASP B 301 -35.78 -35.08 -17.78
CA ASP B 301 -35.30 -34.28 -16.65
C ASP B 301 -36.05 -32.94 -16.50
N ALA B 302 -36.29 -32.24 -17.63
CA ALA B 302 -37.04 -30.98 -17.65
C ALA B 302 -38.52 -31.19 -17.25
N ALA B 303 -39.09 -32.35 -17.63
CA ALA B 303 -40.47 -32.74 -17.32
C ALA B 303 -40.65 -33.00 -15.81
N VAL B 304 -39.72 -33.73 -15.18
CA VAL B 304 -39.74 -34.03 -13.74
C VAL B 304 -39.55 -32.70 -12.96
N GLY B 305 -38.61 -31.87 -13.42
CA GLY B 305 -38.30 -30.56 -12.85
C GLY B 305 -39.48 -29.62 -12.77
N LEU B 306 -40.28 -29.56 -13.85
CA LEU B 306 -41.49 -28.72 -13.91
C LEU B 306 -42.55 -29.16 -12.89
N GLU B 307 -42.67 -30.48 -12.64
CA GLU B 307 -43.60 -31.00 -11.64
C GLU B 307 -43.18 -30.57 -10.24
N ILE B 308 -41.86 -30.63 -9.95
CA ILE B 308 -41.27 -30.21 -8.68
C ILE B 308 -41.48 -28.68 -8.49
N ILE B 309 -41.26 -27.89 -9.57
CA ILE B 309 -41.45 -26.42 -9.58
C ILE B 309 -42.91 -26.09 -9.24
N ARG B 310 -43.88 -26.76 -9.90
CA ARG B 310 -45.31 -26.56 -9.68
C ARG B 310 -45.67 -26.68 -8.20
N GLY B 311 -45.12 -27.70 -7.54
CA GLY B 311 -45.29 -27.95 -6.12
C GLY B 311 -44.65 -26.87 -5.27
N LEU B 312 -43.35 -26.56 -5.53
CA LEU B 312 -42.59 -25.53 -4.82
C LEU B 312 -43.24 -24.16 -4.90
N TRP B 313 -43.62 -23.72 -6.12
CA TRP B 313 -44.25 -22.43 -6.39
C TRP B 313 -45.53 -22.26 -5.54
N SER B 314 -46.36 -23.32 -5.50
CA SER B 314 -47.62 -23.39 -4.75
C SER B 314 -47.38 -23.32 -3.23
N GLU B 315 -46.49 -24.20 -2.70
CA GLU B 315 -46.14 -24.27 -1.29
C GLU B 315 -45.54 -22.93 -0.80
N LEU B 316 -44.68 -22.31 -1.59
CA LEU B 316 -44.06 -21.02 -1.24
C LEU B 316 -45.02 -19.85 -1.37
N GLY B 317 -45.91 -19.92 -2.38
CA GLY B 317 -46.87 -18.87 -2.67
C GLY B 317 -46.18 -17.64 -3.23
N ILE B 318 -45.39 -17.83 -4.31
CA ILE B 318 -44.64 -16.77 -4.98
C ILE B 318 -45.58 -15.61 -5.34
N ILE B 319 -45.25 -14.41 -4.82
CA ILE B 319 -46.04 -13.18 -4.95
C ILE B 319 -46.00 -12.54 -6.34
N GLN B 320 -47.18 -12.41 -6.98
CA GLN B 320 -47.33 -11.76 -8.27
C GLN B 320 -47.38 -10.23 -8.05
N GLY B 321 -46.31 -9.55 -8.43
CA GLY B 321 -46.21 -8.10 -8.28
C GLY B 321 -46.59 -7.28 -9.50
N PRO B 322 -46.42 -5.94 -9.46
CA PRO B 322 -46.73 -5.12 -10.65
C PRO B 322 -45.66 -5.22 -11.73
N LEU B 323 -46.10 -5.15 -12.99
CA LEU B 323 -45.26 -5.25 -14.19
C LEU B 323 -44.33 -4.03 -14.37
N GLU B 324 -44.77 -2.85 -13.90
CA GLU B 324 -44.00 -1.60 -13.98
C GLU B 324 -42.81 -1.66 -12.99
N PRO B 325 -41.55 -1.45 -13.45
CA PRO B 325 -40.39 -1.57 -12.54
C PRO B 325 -40.38 -0.69 -11.29
N SER B 326 -40.88 0.56 -11.40
CA SER B 326 -40.95 1.50 -10.26
C SER B 326 -42.05 1.10 -9.27
N ALA B 327 -43.21 0.62 -9.79
CA ALA B 327 -44.36 0.13 -9.00
C ALA B 327 -44.01 -1.19 -8.29
N MET B 328 -43.16 -2.01 -8.94
CA MET B 328 -42.68 -3.31 -8.46
C MET B 328 -41.80 -3.15 -7.21
N MET B 329 -40.88 -2.17 -7.23
CA MET B 329 -39.95 -1.89 -6.13
C MET B 329 -40.60 -1.19 -4.92
N GLU B 330 -41.88 -0.74 -5.05
CA GLU B 330 -42.66 -0.08 -4.00
C GLU B 330 -42.75 -0.97 -2.74
N LYS B 331 -43.15 -2.24 -2.92
CA LYS B 331 -43.22 -3.24 -1.86
C LYS B 331 -41.91 -4.06 -1.81
N GLY B 332 -40.96 -3.70 -2.68
CA GLY B 332 -39.66 -4.35 -2.77
C GLY B 332 -39.75 -5.73 -3.38
N LEU B 333 -40.55 -5.87 -4.44
CA LEU B 333 -40.75 -7.13 -5.15
C LEU B 333 -39.76 -7.33 -6.29
N LEU B 334 -39.43 -8.59 -6.58
CA LEU B 334 -38.45 -8.98 -7.59
C LEU B 334 -39.08 -9.71 -8.77
N PRO B 335 -38.45 -9.68 -9.98
CA PRO B 335 -39.05 -10.40 -11.12
C PRO B 335 -38.72 -11.88 -11.05
N ILE B 336 -39.14 -12.68 -12.05
CA ILE B 336 -38.68 -14.06 -12.12
C ILE B 336 -37.46 -13.98 -13.03
N MET B 337 -36.56 -14.94 -12.90
CA MET B 337 -35.41 -15.04 -13.78
C MET B 337 -35.23 -16.49 -14.15
N LEU B 338 -34.55 -16.72 -15.27
CA LEU B 338 -34.13 -18.04 -15.73
C LEU B 338 -32.79 -17.86 -16.40
N ASN B 339 -32.02 -18.94 -16.46
CA ASN B 339 -30.80 -19.00 -17.24
C ASN B 339 -30.84 -20.29 -18.04
N TYR B 340 -30.18 -20.32 -19.17
CA TYR B 340 -30.11 -21.50 -20.01
C TYR B 340 -28.64 -21.79 -20.25
N GLU B 341 -28.20 -22.95 -19.78
CA GLU B 341 -26.83 -23.42 -19.89
C GLU B 341 -26.62 -24.11 -21.23
N MET B 342 -25.56 -23.72 -21.96
CA MET B 342 -25.18 -24.27 -23.27
C MET B 342 -23.95 -25.18 -23.23
N LYS B 343 -24.12 -26.43 -23.70
CA LYS B 343 -23.07 -27.45 -23.78
C LYS B 343 -22.94 -27.94 -25.21
N ALA B 344 -21.77 -27.70 -25.82
CA ALA B 344 -21.38 -28.08 -27.18
C ALA B 344 -21.96 -29.42 -27.64
N GLY B 345 -21.81 -30.45 -26.83
CA GLY B 345 -22.27 -31.80 -27.13
C GLY B 345 -23.78 -31.99 -27.15
N GLN B 346 -24.50 -31.41 -26.15
CA GLN B 346 -25.96 -31.56 -26.02
C GLN B 346 -26.77 -30.88 -27.10
N ARG B 347 -27.94 -31.46 -27.41
CA ARG B 347 -28.88 -30.94 -28.40
C ARG B 347 -29.83 -29.91 -27.78
N LEU B 348 -30.00 -29.93 -26.44
CA LEU B 348 -30.89 -29.01 -25.74
C LEU B 348 -30.22 -28.20 -24.64
N PRO B 349 -30.58 -26.91 -24.46
CA PRO B 349 -30.04 -26.13 -23.33
C PRO B 349 -30.65 -26.63 -22.01
N LYS B 350 -29.99 -26.34 -20.88
CA LYS B 350 -30.45 -26.77 -19.57
C LYS B 350 -31.00 -25.56 -18.79
N PRO B 351 -32.30 -25.59 -18.38
CA PRO B 351 -32.88 -24.44 -17.67
C PRO B 351 -32.62 -24.41 -16.16
N LYS B 352 -32.69 -23.20 -15.60
CA LYS B 352 -32.59 -22.94 -14.17
C LYS B 352 -33.62 -21.84 -13.92
N LEU B 353 -34.50 -22.04 -12.92
CA LEU B 353 -35.52 -21.05 -12.56
C LEU B 353 -35.17 -20.36 -11.26
N TYR B 354 -35.28 -19.01 -11.23
CA TYR B 354 -35.05 -18.18 -10.03
C TYR B 354 -36.43 -17.67 -9.60
N MET B 355 -36.87 -18.12 -8.43
CA MET B 355 -38.15 -17.71 -7.87
C MET B 355 -37.91 -16.60 -6.84
N PRO B 356 -38.58 -15.43 -6.99
CA PRO B 356 -38.37 -14.35 -6.01
C PRO B 356 -39.04 -14.69 -4.67
N LEU B 357 -38.33 -14.46 -3.57
CA LEU B 357 -38.77 -14.79 -2.22
C LEU B 357 -39.06 -13.57 -1.33
N THR B 358 -38.82 -12.34 -1.82
CA THR B 358 -39.06 -11.12 -1.05
C THR B 358 -40.56 -10.91 -0.87
N GLY B 359 -40.97 -10.77 0.39
CA GLY B 359 -42.38 -10.66 0.75
C GLY B 359 -42.90 -11.89 1.47
N ILE B 360 -42.16 -13.02 1.37
CA ILE B 360 -42.50 -14.29 2.02
C ILE B 360 -41.73 -14.39 3.34
N PRO B 361 -42.42 -14.62 4.50
CA PRO B 361 -41.68 -14.76 5.78
C PRO B 361 -40.61 -15.84 5.75
N GLU B 362 -39.48 -15.58 6.42
CA GLU B 362 -38.33 -16.51 6.43
C GLU B 362 -38.62 -17.88 7.02
N THR B 363 -39.48 -17.93 8.04
CA THR B 363 -39.90 -19.19 8.69
C THR B 363 -40.77 -20.05 7.75
N LYS B 364 -41.55 -19.39 6.86
CA LYS B 364 -42.36 -20.09 5.87
C LYS B 364 -41.43 -20.75 4.85
N ILE B 365 -40.45 -19.99 4.32
CA ILE B 365 -39.44 -20.50 3.38
C ILE B 365 -38.70 -21.68 4.02
N ALA B 366 -38.24 -21.51 5.29
CA ALA B 366 -37.54 -22.55 6.04
C ALA B 366 -38.35 -23.83 6.21
N ARG B 367 -39.68 -23.69 6.46
CA ARG B 367 -40.61 -24.81 6.59
C ARG B 367 -40.76 -25.59 5.28
N ILE B 368 -40.95 -24.87 4.16
CA ILE B 368 -41.08 -25.45 2.82
C ILE B 368 -39.76 -26.13 2.39
N MET B 369 -38.62 -25.48 2.66
CA MET B 369 -37.30 -26.02 2.34
C MET B 369 -37.00 -27.32 3.11
N THR B 370 -37.30 -27.35 4.44
CA THR B 370 -37.12 -28.52 5.33
C THR B 370 -37.94 -29.69 4.82
N ALA B 371 -39.21 -29.45 4.46
CA ALA B 371 -40.08 -30.50 3.94
C ALA B 371 -39.57 -30.99 2.58
N PHE B 372 -39.08 -30.06 1.75
CA PHE B 372 -38.52 -30.38 0.43
C PHE B 372 -37.31 -31.32 0.55
N PHE B 373 -36.34 -30.98 1.42
CA PHE B 373 -35.14 -31.79 1.64
C PHE B 373 -35.49 -33.18 2.15
N GLN B 374 -36.42 -33.26 3.11
CA GLN B 374 -36.86 -34.53 3.69
C GLN B 374 -37.39 -35.48 2.62
N ARG B 375 -38.22 -34.94 1.70
CA ARG B 375 -38.88 -35.60 0.58
C ARG B 375 -37.87 -36.07 -0.48
N HIS B 376 -36.81 -35.27 -0.72
CA HIS B 376 -35.78 -35.54 -1.72
C HIS B 376 -34.50 -36.18 -1.17
N ASP B 377 -34.65 -36.96 -0.08
CA ASP B 377 -33.59 -37.72 0.59
C ASP B 377 -32.34 -36.94 0.94
N MET B 378 -32.55 -35.80 1.62
CA MET B 378 -31.49 -34.92 2.11
C MET B 378 -31.82 -34.59 3.59
N PRO B 379 -31.88 -35.62 4.49
CA PRO B 379 -32.24 -35.35 5.89
C PRO B 379 -31.26 -34.50 6.69
N GLU B 380 -29.97 -34.50 6.33
CA GLU B 380 -28.92 -33.69 6.98
C GLU B 380 -29.17 -32.20 6.71
N GLN B 381 -29.62 -31.86 5.50
CA GLN B 381 -29.98 -30.50 5.10
C GLN B 381 -31.24 -30.06 5.85
N ALA B 382 -32.31 -30.88 5.81
CA ALA B 382 -33.58 -30.61 6.48
C ALA B 382 -33.41 -30.28 7.97
N GLU B 383 -32.64 -31.11 8.71
CA GLU B 383 -32.35 -31.01 10.15
C GLU B 383 -31.78 -29.65 10.59
N VAL B 384 -30.86 -29.08 9.78
CA VAL B 384 -30.15 -27.84 10.13
C VAL B 384 -30.60 -26.57 9.41
N PHE B 385 -31.49 -26.68 8.41
CA PHE B 385 -31.91 -25.51 7.61
C PHE B 385 -32.28 -24.27 8.43
N MET B 386 -33.22 -24.44 9.37
CA MET B 386 -33.76 -23.39 10.22
C MET B 386 -32.71 -22.78 11.17
N GLU B 387 -32.00 -23.66 11.90
CA GLU B 387 -30.91 -23.40 12.84
C GLU B 387 -29.83 -22.52 12.18
N ASN B 388 -29.39 -22.91 10.97
CA ASN B 388 -28.35 -22.22 10.20
C ASN B 388 -28.82 -20.86 9.73
N LEU B 389 -30.07 -20.77 9.25
CA LEU B 389 -30.68 -19.52 8.80
C LEU B 389 -30.78 -18.53 9.96
N GLN B 390 -31.22 -19.02 11.13
CA GLN B 390 -31.34 -18.23 12.35
C GLN B 390 -29.98 -17.70 12.80
N ALA B 391 -28.90 -18.52 12.69
CA ALA B 391 -27.55 -18.08 13.05
C ALA B 391 -27.02 -17.01 12.11
N TYR B 392 -27.37 -17.04 10.79
CA TYR B 392 -26.93 -16.00 9.84
C TYR B 392 -27.51 -14.64 10.21
N TYR B 393 -28.72 -14.65 10.77
CA TYR B 393 -29.49 -13.47 11.16
C TYR B 393 -29.78 -13.57 12.65
N GLU B 394 -28.72 -13.79 13.45
CA GLU B 394 -28.76 -13.94 14.89
C GLU B 394 -29.56 -12.82 15.56
N GLY B 395 -30.49 -13.20 16.43
CA GLY B 395 -31.35 -12.25 17.15
C GLY B 395 -32.51 -11.66 16.35
N LYS B 396 -32.57 -11.92 15.03
CA LYS B 396 -33.65 -11.40 14.17
C LYS B 396 -34.86 -12.32 14.21
N ASN B 397 -36.07 -11.73 14.17
CA ASN B 397 -37.34 -12.45 14.16
C ASN B 397 -37.60 -12.91 12.72
N LEU B 398 -37.48 -14.23 12.48
CA LEU B 398 -37.64 -14.78 11.13
C LEU B 398 -39.08 -14.89 10.63
N GLU B 399 -40.05 -14.73 11.55
CA GLU B 399 -41.46 -14.73 11.23
C GLU B 399 -41.85 -13.37 10.62
N GLU B 400 -41.25 -12.29 11.17
CA GLU B 400 -41.48 -10.91 10.73
C GLU B 400 -40.68 -10.56 9.47
N ALA B 401 -39.43 -11.06 9.36
CA ALA B 401 -38.55 -10.79 8.22
C ALA B 401 -39.04 -11.48 6.95
N THR B 402 -39.03 -10.73 5.83
CA THR B 402 -39.44 -11.21 4.51
C THR B 402 -38.39 -10.90 3.43
N ARG B 403 -37.32 -10.17 3.79
CA ARG B 403 -36.28 -9.75 2.83
C ARG B 403 -34.86 -10.29 3.07
N TYR B 404 -34.72 -11.45 3.72
CA TYR B 404 -33.39 -12.04 3.97
C TYR B 404 -33.04 -13.04 2.87
N GLN B 405 -33.87 -14.08 2.68
CA GLN B 405 -33.72 -15.02 1.57
C GLN B 405 -34.53 -14.39 0.44
N ALA B 406 -33.81 -13.89 -0.59
CA ALA B 406 -34.37 -13.12 -1.69
C ALA B 406 -34.76 -13.93 -2.92
N TRP B 407 -33.99 -14.98 -3.23
CA TRP B 407 -34.24 -15.84 -4.37
C TRP B 407 -33.99 -17.28 -4.03
N LEU B 408 -34.74 -18.16 -4.70
CA LEU B 408 -34.55 -19.58 -4.67
C LEU B 408 -34.35 -19.99 -6.12
N SER B 409 -33.22 -20.60 -6.41
CA SER B 409 -33.01 -21.09 -7.77
C SER B 409 -33.20 -22.59 -7.80
N PHE B 410 -33.71 -23.09 -8.91
CA PHE B 410 -33.98 -24.51 -9.08
C PHE B 410 -33.54 -25.01 -10.45
N ALA B 411 -32.81 -26.13 -10.45
CA ALA B 411 -32.38 -26.89 -11.64
C ALA B 411 -32.56 -28.38 -11.28
N TYR B 412 -32.63 -29.27 -12.27
CA TYR B 412 -32.82 -30.67 -11.99
C TYR B 412 -32.16 -31.62 -13.00
N THR B 413 -31.56 -32.69 -12.48
CA THR B 413 -31.01 -33.82 -13.26
C THR B 413 -31.45 -35.11 -12.56
N LYS B 414 -31.77 -36.18 -13.31
CA LYS B 414 -32.16 -37.47 -12.72
C LYS B 414 -30.97 -38.01 -11.89
N GLU B 415 -29.76 -37.92 -12.46
CA GLU B 415 -28.48 -38.36 -11.90
C GLU B 415 -28.17 -37.74 -10.53
N LYS B 416 -28.14 -36.39 -10.43
CA LYS B 416 -27.80 -35.67 -9.20
C LYS B 416 -29.00 -35.19 -8.34
N GLY B 417 -30.23 -35.31 -8.86
CA GLY B 417 -31.43 -34.87 -8.18
C GLY B 417 -31.66 -33.36 -8.24
N PRO B 418 -32.48 -32.79 -7.30
CA PRO B 418 -32.73 -31.34 -7.32
C PRO B 418 -31.50 -30.53 -6.92
N TYR B 419 -31.29 -29.39 -7.62
CA TYR B 419 -30.16 -28.49 -7.38
C TYR B 419 -30.74 -27.13 -6.98
N LEU B 420 -30.78 -26.88 -5.67
CA LEU B 420 -31.37 -25.66 -5.10
C LEU B 420 -30.34 -24.69 -4.55
N SER B 421 -30.54 -23.37 -4.80
CA SER B 421 -29.68 -22.34 -4.24
C SER B 421 -30.49 -21.21 -3.62
N ILE B 422 -29.98 -20.61 -2.52
CA ILE B 422 -30.60 -19.45 -1.84
C ILE B 422 -29.64 -18.25 -1.98
N TYR B 423 -30.18 -17.09 -2.40
CA TYR B 423 -29.43 -15.84 -2.55
C TYR B 423 -29.94 -14.90 -1.47
N TYR B 424 -29.03 -14.44 -0.61
CA TYR B 424 -29.35 -13.63 0.57
C TYR B 424 -29.20 -12.15 0.35
N PHE B 425 -30.09 -11.38 1.00
CA PHE B 425 -30.01 -9.93 1.03
C PHE B 425 -29.52 -9.51 2.43
N TRP B 426 -28.71 -8.43 2.50
CA TRP B 426 -28.20 -7.91 3.76
C TRP B 426 -29.35 -7.34 4.61
N PRO B 427 -29.37 -7.58 5.95
CA PRO B 427 -30.48 -7.08 6.76
C PRO B 427 -30.60 -5.54 6.79
N GLU B 428 -31.84 -5.03 6.96
CA GLU B 428 -32.23 -3.62 7.06
C GLU B 428 -31.77 -2.74 5.90
N PRO C 21 -4.41 33.16 -19.32
CA PRO C 21 -4.26 33.47 -17.89
C PRO C 21 -4.29 32.22 -17.01
N ILE C 22 -3.11 31.81 -16.51
CA ILE C 22 -2.93 30.62 -15.67
C ILE C 22 -3.47 30.82 -14.25
N PRO C 23 -4.27 29.88 -13.69
CA PRO C 23 -4.77 30.07 -12.33
C PRO C 23 -3.63 30.06 -11.31
N LYS C 24 -3.77 30.83 -10.23
CA LYS C 24 -2.78 30.92 -9.17
C LYS C 24 -2.45 29.52 -8.59
N ASP C 25 -3.44 28.60 -8.52
CA ASP C 25 -3.26 27.23 -8.04
C ASP C 25 -2.89 26.19 -9.14
N ILE C 26 -2.24 26.64 -10.24
CA ILE C 26 -1.75 25.74 -11.31
C ILE C 26 -0.94 24.50 -10.78
N ALA C 27 -0.14 24.64 -9.70
CA ALA C 27 0.64 23.50 -9.15
C ALA C 27 -0.27 22.42 -8.58
N TYR C 28 -1.42 22.86 -7.97
CA TYR C 28 -2.47 21.96 -7.46
C TYR C 28 -3.14 21.21 -8.64
N HIS C 29 -3.56 21.93 -9.70
CA HIS C 29 -4.17 21.34 -10.88
C HIS C 29 -3.20 20.38 -11.59
N THR C 30 -1.90 20.71 -11.59
CA THR C 30 -0.84 19.92 -12.21
C THR C 30 -0.61 18.62 -11.45
N LEU C 31 -0.43 18.71 -10.15
CA LEU C 31 -0.22 17.52 -9.33
C LEU C 31 -1.45 16.60 -9.31
N THR C 32 -2.65 17.16 -9.45
CA THR C 32 -3.91 16.42 -9.54
C THR C 32 -3.85 15.43 -10.73
N LYS C 33 -3.15 15.79 -11.82
CA LYS C 33 -2.99 14.94 -13.01
C LYS C 33 -1.96 13.83 -12.84
N ALA C 34 -1.15 13.89 -11.77
CA ALA C 34 -0.05 12.98 -11.57
C ALA C 34 -0.09 12.10 -10.32
N LEU C 35 -0.92 12.47 -9.33
CA LEU C 35 -0.98 11.74 -8.05
C LEU C 35 -2.14 10.77 -8.00
N LEU C 36 -1.86 9.52 -7.67
CA LEU C 36 -2.90 8.51 -7.57
C LEU C 36 -3.16 8.20 -6.09
N PHE C 37 -4.19 8.84 -5.48
CA PHE C 37 -4.56 8.62 -4.06
C PHE C 37 -5.13 7.25 -3.83
N PRO C 38 -4.64 6.50 -2.81
CA PRO C 38 -5.08 5.10 -2.63
C PRO C 38 -6.51 4.92 -2.11
N ASP C 39 -7.10 5.97 -1.51
CA ASP C 39 -8.45 5.86 -0.95
C ASP C 39 -9.15 7.20 -1.06
N ILE C 40 -10.47 7.18 -0.96
CA ILE C 40 -11.37 8.33 -1.09
C ILE C 40 -11.11 9.45 -0.08
N ASP C 41 -10.70 9.09 1.15
CA ASP C 41 -10.45 10.08 2.21
C ASP C 41 -9.23 10.96 1.93
N GLN C 42 -8.12 10.34 1.46
CA GLN C 42 -6.89 11.05 1.07
C GLN C 42 -7.22 11.94 -0.13
N TYR C 43 -8.00 11.40 -1.10
CA TYR C 43 -8.45 12.12 -2.28
C TYR C 43 -9.21 13.40 -1.84
N GLN C 44 -10.17 13.26 -0.91
CA GLN C 44 -10.98 14.38 -0.45
C GLN C 44 -10.18 15.40 0.33
N HIS C 45 -9.18 14.97 1.13
CA HIS C 45 -8.34 15.91 1.88
C HIS C 45 -7.45 16.69 0.91
N TRP C 46 -6.93 16.03 -0.12
CA TRP C 46 -6.09 16.68 -1.15
C TRP C 46 -6.91 17.80 -1.81
N HIS C 47 -8.13 17.48 -2.29
CA HIS C 47 -9.00 18.45 -2.97
C HIS C 47 -9.52 19.58 -2.08
N HIS C 48 -9.66 19.30 -0.80
CA HIS C 48 -10.11 20.28 0.18
C HIS C 48 -8.97 21.25 0.57
N VAL C 49 -7.75 20.72 0.77
CA VAL C 49 -6.58 21.48 1.27
C VAL C 49 -5.65 22.09 0.24
N ALA C 50 -5.24 21.29 -0.77
CA ALA C 50 -4.25 21.68 -1.77
C ALA C 50 -4.52 22.97 -2.56
N PRO C 51 -5.78 23.31 -3.00
CA PRO C 51 -5.96 24.57 -3.74
C PRO C 51 -5.51 25.80 -2.94
N MET C 52 -5.95 25.93 -1.67
CA MET C 52 -5.56 27.06 -0.82
C MET C 52 -4.09 27.04 -0.50
N LEU C 53 -3.52 25.85 -0.18
CA LEU C 53 -2.11 25.69 0.10
C LEU C 53 -1.27 26.14 -1.11
N ALA C 54 -1.63 25.73 -2.35
CA ALA C 54 -0.93 26.14 -3.58
C ALA C 54 -0.91 27.68 -3.72
N LYS C 55 -2.06 28.37 -3.47
CA LYS C 55 -2.19 29.85 -3.52
C LYS C 55 -1.28 30.54 -2.48
N MET C 56 -1.27 30.02 -1.25
CA MET C 56 -0.46 30.54 -0.16
C MET C 56 1.04 30.40 -0.47
N LEU C 57 1.44 29.31 -1.13
CA LEU C 57 2.84 29.11 -1.51
C LEU C 57 3.26 30.08 -2.61
N VAL C 58 2.35 30.37 -3.56
CA VAL C 58 2.59 31.37 -4.59
C VAL C 58 2.77 32.74 -3.88
N ASP C 59 1.83 33.10 -2.98
CA ASP C 59 1.80 34.37 -2.23
C ASP C 59 3.00 34.58 -1.34
N GLY C 60 3.45 33.54 -0.69
CA GLY C 60 4.63 33.57 0.16
C GLY C 60 5.95 33.69 -0.60
N LYS C 61 5.92 33.76 -1.96
CA LYS C 61 7.09 33.90 -2.84
C LYS C 61 8.04 32.69 -2.80
N TYR C 62 7.49 31.50 -2.59
CA TYR C 62 8.28 30.26 -2.63
C TYR C 62 8.63 30.04 -4.10
N SER C 63 9.80 29.45 -4.38
CA SER C 63 10.15 29.13 -5.78
C SER C 63 9.15 28.07 -6.29
N ILE C 64 8.99 27.97 -7.60
CA ILE C 64 8.12 26.98 -8.23
C ILE C 64 8.50 25.55 -7.76
N HIS C 65 9.80 25.28 -7.64
CA HIS C 65 10.33 24.00 -7.16
C HIS C 65 9.83 23.66 -5.76
N GLN C 66 9.91 24.64 -4.85
CA GLN C 66 9.47 24.47 -3.46
C GLN C 66 7.95 24.39 -3.33
N GLN C 67 7.23 25.03 -4.27
CA GLN C 67 5.77 24.93 -4.32
C GLN C 67 5.39 23.48 -4.54
N TYR C 68 5.99 22.85 -5.58
CA TYR C 68 5.77 21.45 -5.94
C TYR C 68 6.25 20.52 -4.84
N GLU C 69 7.41 20.80 -4.24
CA GLU C 69 7.97 20.01 -3.13
C GLU C 69 7.01 19.92 -1.93
N TYR C 70 6.50 21.06 -1.44
CA TYR C 70 5.62 21.09 -0.27
C TYR C 70 4.21 20.56 -0.54
N LEU C 71 3.68 20.78 -1.76
CA LEU C 71 2.37 20.23 -2.14
C LEU C 71 2.46 18.70 -2.21
N CYS C 72 3.56 18.17 -2.79
CA CYS C 72 3.77 16.73 -2.93
CA CYS C 72 3.83 16.72 -2.90
C CYS C 72 4.01 16.10 -1.54
N LEU C 73 4.76 16.76 -0.70
CA LEU C 73 4.96 16.30 0.62
C LEU C 73 3.70 16.26 1.46
N PHE C 74 2.84 17.23 1.30
CA PHE C 74 1.53 17.25 1.95
C PHE C 74 0.74 15.99 1.51
N ALA C 75 0.68 15.72 0.20
CA ALA C 75 -0.01 14.56 -0.37
C ALA C 75 0.58 13.24 0.17
N GLN C 76 1.92 13.12 0.15
CA GLN C 76 2.66 11.90 0.51
C GLN C 76 2.72 11.60 2.00
N LEU C 77 2.83 12.63 2.83
CA LEU C 77 3.03 12.49 4.26
C LEU C 77 1.87 12.89 5.14
N VAL C 78 1.23 14.01 4.78
CA VAL C 78 0.16 14.53 5.63
C VAL C 78 -1.23 13.92 5.36
N ALA C 79 -1.70 13.94 4.09
CA ALA C 79 -3.03 13.38 3.75
C ALA C 79 -3.24 11.95 4.29
N PRO C 80 -2.23 11.02 4.33
CA PRO C 80 -2.51 9.68 4.91
C PRO C 80 -2.81 9.68 6.42
N VAL C 81 -2.49 10.77 7.14
CA VAL C 81 -2.76 10.82 8.59
C VAL C 81 -3.85 11.83 8.97
N LEU C 82 -4.69 12.23 7.99
CA LEU C 82 -5.77 13.19 8.28
C LEU C 82 -7.06 12.49 8.69
N GLY C 83 -7.10 11.16 8.52
CA GLY C 83 -8.22 10.31 8.90
C GLY C 83 -9.37 10.30 7.91
N PRO C 84 -10.49 9.62 8.24
CA PRO C 84 -11.66 9.64 7.33
C PRO C 84 -12.14 11.09 7.12
N TYR C 85 -12.51 11.40 5.87
CA TYR C 85 -12.98 12.74 5.55
C TYR C 85 -14.27 13.04 6.33
N PRO C 86 -14.28 14.11 7.17
CA PRO C 86 -15.45 14.35 8.03
C PRO C 86 -16.64 14.96 7.32
N SER C 87 -17.29 14.16 6.47
CA SER C 87 -18.49 14.55 5.75
C SER C 87 -19.63 14.87 6.76
N PRO C 88 -20.61 15.74 6.41
CA PRO C 88 -21.69 16.06 7.38
C PRO C 88 -22.44 14.83 7.89
N GLY C 89 -22.49 14.69 9.22
CA GLY C 89 -23.18 13.59 9.89
C GLY C 89 -22.38 12.30 10.04
N ARG C 90 -21.12 12.27 9.52
CA ARG C 90 -20.28 11.08 9.59
C ARG C 90 -19.75 10.89 11.02
N ASP C 91 -19.94 9.66 11.57
CA ASP C 91 -19.52 9.32 12.93
C ASP C 91 -18.02 9.01 12.98
N VAL C 92 -17.19 10.05 13.09
CA VAL C 92 -15.74 9.90 13.12
C VAL C 92 -15.09 10.68 14.26
N TYR C 93 -13.89 10.28 14.64
CA TYR C 93 -13.08 10.94 15.66
C TYR C 93 -12.95 12.43 15.22
N ARG C 94 -13.31 13.34 16.12
CA ARG C 94 -13.34 14.78 15.83
C ARG C 94 -12.17 15.62 16.32
N CYS C 95 -11.89 16.67 15.55
CA CYS C 95 -10.82 17.64 15.76
C CYS C 95 -11.35 19.03 15.42
N THR C 96 -10.73 20.09 15.97
CA THR C 96 -11.17 21.48 15.76
C THR C 96 -10.20 22.36 14.94
N LEU C 97 -9.17 21.74 14.34
CA LEU C 97 -8.23 22.49 13.51
C LEU C 97 -8.95 23.01 12.27
N GLY C 98 -8.75 24.28 11.94
CA GLY C 98 -9.43 24.92 10.83
C GLY C 98 -10.91 25.03 11.11
N GLY C 99 -11.29 24.90 12.38
CA GLY C 99 -12.67 24.96 12.84
C GLY C 99 -13.28 23.62 13.17
N ASN C 100 -13.20 22.68 12.23
CA ASN C 100 -13.86 21.37 12.37
C ASN C 100 -13.09 20.21 11.69
N MET C 101 -11.82 20.41 11.32
CA MET C 101 -11.02 19.40 10.61
C MET C 101 -9.82 18.95 11.46
N THR C 102 -8.97 18.07 10.89
CA THR C 102 -7.75 17.56 11.51
C THR C 102 -6.56 18.32 10.92
N VAL C 103 -6.80 19.39 10.12
CA VAL C 103 -5.77 20.19 9.43
C VAL C 103 -6.12 21.69 9.43
N GLU C 104 -5.09 22.53 9.59
CA GLU C 104 -5.23 23.98 9.61
C GLU C 104 -4.07 24.64 8.89
N LEU C 105 -4.38 25.65 8.06
CA LEU C 105 -3.36 26.45 7.38
C LEU C 105 -3.21 27.78 8.08
N SER C 106 -1.99 28.29 8.13
CA SER C 106 -1.70 29.61 8.69
C SER C 106 -0.56 30.23 7.89
N GLN C 107 -0.42 31.54 7.95
CA GLN C 107 0.55 32.31 7.19
C GLN C 107 1.16 33.38 8.09
N ASN C 108 2.48 33.53 7.98
CA ASN C 108 3.27 34.49 8.72
CA ASN C 108 3.23 34.53 8.72
C ASN C 108 3.66 35.62 7.76
N PHE C 109 3.45 36.87 8.14
CA PHE C 109 3.78 38.03 7.29
C PHE C 109 4.97 38.86 7.82
N GLN C 110 6.01 39.02 6.96
CA GLN C 110 7.21 39.80 7.23
C GLN C 110 7.88 40.32 5.94
N GLY C 113 8.57 38.66 1.76
CA GLY C 113 7.80 37.42 1.62
C GLY C 113 7.03 36.97 2.84
N SER C 114 6.36 35.81 2.70
CA SER C 114 5.56 35.18 3.76
C SER C 114 5.93 33.73 3.92
N THR C 115 5.59 33.11 5.06
CA THR C 115 5.84 31.67 5.24
C THR C 115 4.55 30.96 5.62
N THR C 116 4.30 29.78 5.03
CA THR C 116 3.10 28.99 5.31
C THR C 116 3.41 27.91 6.33
N ARG C 117 2.43 27.59 7.16
CA ARG C 117 2.50 26.50 8.13
C ARG C 117 1.26 25.62 7.97
N ILE C 118 1.47 24.30 8.05
CA ILE C 118 0.43 23.26 8.00
C ILE C 118 0.45 22.58 9.39
N ALA C 119 -0.66 22.68 10.13
CA ALA C 119 -0.79 22.05 11.43
C ALA C 119 -1.86 20.97 11.31
N PHE C 120 -1.66 19.83 11.95
CA PHE C 120 -2.63 18.73 11.83
C PHE C 120 -2.53 17.83 13.03
N GLU C 121 -3.64 17.12 13.34
CA GLU C 121 -3.60 16.12 14.38
C GLU C 121 -3.45 14.76 13.66
N PRO C 122 -2.29 14.05 13.74
CA PRO C 122 -2.20 12.74 13.07
C PRO C 122 -3.28 11.82 13.64
N VAL C 123 -4.06 11.20 12.75
CA VAL C 123 -5.17 10.33 13.13
C VAL C 123 -5.36 9.26 12.06
N ARG C 124 -5.74 8.07 12.47
CA ARG C 124 -6.04 6.99 11.55
C ARG C 124 -7.46 6.54 11.84
N TYR C 125 -8.09 5.83 10.91
CA TYR C 125 -9.49 5.41 11.05
C TYR C 125 -9.78 4.61 12.30
N GLN C 126 -8.80 3.86 12.80
CA GLN C 126 -8.94 3.06 14.03
C GLN C 126 -9.45 3.88 15.21
N ALA C 127 -9.05 5.18 15.29
CA ALA C 127 -9.53 6.09 16.34
C ALA C 127 -11.05 6.33 16.27
N SER C 128 -11.68 6.08 15.10
CA SER C 128 -13.12 6.29 14.90
C SER C 128 -13.94 5.03 15.12
N VAL C 129 -13.31 3.84 15.12
CA VAL C 129 -14.01 2.54 15.19
C VAL C 129 -13.67 1.66 16.42
N GLY C 130 -13.15 2.29 17.49
CA GLY C 130 -12.81 1.63 18.74
C GLY C 130 -11.48 0.89 18.79
N HIS C 131 -10.58 1.14 17.82
CA HIS C 131 -9.29 0.45 17.84
C HIS C 131 -8.07 1.32 18.29
N ASP C 132 -8.33 2.59 18.71
CA ASP C 132 -7.33 3.53 19.27
C ASP C 132 -8.09 4.68 19.99
N ARG C 133 -8.76 4.34 21.13
CA ARG C 133 -9.62 5.22 21.96
C ARG C 133 -9.13 6.65 22.21
N PHE C 134 -7.85 6.79 22.59
CA PHE C 134 -7.27 8.10 22.83
C PHE C 134 -6.27 8.52 21.75
N ASN C 135 -6.43 7.93 20.54
CA ASN C 135 -5.60 8.21 19.35
C ASN C 135 -4.09 8.31 19.69
N ARG C 136 -3.54 7.24 20.24
CA ARG C 136 -2.14 7.23 20.67
C ARG C 136 -1.11 6.83 19.61
N THR C 137 -1.49 5.95 18.68
CA THR C 137 -0.55 5.41 17.69
C THR C 137 -0.22 6.24 16.46
N SER C 138 -1.16 7.08 15.98
CA SER C 138 -1.01 7.82 14.74
C SER C 138 0.14 8.78 14.66
N VAL C 139 0.44 9.51 15.75
CA VAL C 139 1.58 10.45 15.79
C VAL C 139 2.91 9.66 15.59
N ASN C 140 2.98 8.44 16.13
CA ASN C 140 4.14 7.55 16.00
C ASN C 140 4.29 7.08 14.56
N ALA C 141 3.17 6.67 13.93
CA ALA C 141 3.16 6.26 12.52
C ALA C 141 3.63 7.45 11.67
N PHE C 142 3.07 8.65 11.93
CA PHE C 142 3.42 9.87 11.21
C PHE C 142 4.93 10.19 11.27
N PHE C 143 5.50 10.25 12.49
CA PHE C 143 6.93 10.54 12.66
C PHE C 143 7.84 9.55 11.97
N SER C 144 7.44 8.26 11.96
CA SER C 144 8.23 7.21 11.32
C SER C 144 8.31 7.41 9.79
N GLN C 145 7.36 8.16 9.22
CA GLN C 145 7.34 8.53 7.80
C GLN C 145 8.05 9.85 7.60
N LEU C 146 7.71 10.87 8.41
CA LEU C 146 8.35 12.19 8.36
C LEU C 146 9.88 12.15 8.41
N GLN C 147 10.44 11.35 9.36
CA GLN C 147 11.88 11.26 9.53
C GLN C 147 12.61 10.66 8.32
N LEU C 148 11.91 9.88 7.50
CA LEU C 148 12.48 9.32 6.26
C LEU C 148 12.68 10.41 5.18
N LEU C 149 11.87 11.48 5.19
CA LEU C 149 11.98 12.55 4.20
C LEU C 149 12.71 13.78 4.69
N VAL C 150 12.56 14.13 5.98
CA VAL C 150 13.18 15.32 6.57
C VAL C 150 14.13 14.83 7.66
N LYS C 151 15.40 14.67 7.28
CA LYS C 151 16.45 14.13 8.15
C LYS C 151 16.77 14.95 9.39
N SER C 152 16.50 16.27 9.35
CA SER C 152 16.74 17.17 10.48
C SER C 152 15.66 17.03 11.58
N VAL C 153 14.55 16.32 11.32
CA VAL C 153 13.51 16.09 12.32
C VAL C 153 14.01 15.10 13.37
N ASN C 154 14.03 15.55 14.61
CA ASN C 154 14.47 14.74 15.75
C ASN C 154 13.29 14.60 16.71
N ILE C 155 12.91 13.38 17.04
CA ILE C 155 11.75 13.10 17.90
C ILE C 155 12.10 12.66 19.33
N GLU C 156 13.36 12.86 19.76
CA GLU C 156 13.76 12.55 21.14
C GLU C 156 12.84 13.19 22.18
N LEU C 157 12.36 14.43 21.90
CA LEU C 157 11.47 15.16 22.77
C LEU C 157 10.07 14.58 22.81
N HIS C 158 9.61 13.98 21.71
CA HIS C 158 8.32 13.28 21.68
C HIS C 158 8.38 12.13 22.69
N HIS C 159 9.45 11.30 22.65
CA HIS C 159 9.66 10.18 23.57
C HIS C 159 9.72 10.65 25.03
N LEU C 160 10.43 11.74 25.31
CA LEU C 160 10.60 12.28 26.67
C LEU C 160 9.35 12.95 27.22
N LEU C 161 8.70 13.81 26.43
CA LEU C 161 7.54 14.60 26.88
C LEU C 161 6.18 13.87 26.95
N SER C 162 6.03 12.80 26.21
CA SER C 162 4.78 12.11 26.11
C SER C 162 4.15 11.70 27.42
N GLU C 163 4.94 11.02 28.22
CA GLU C 163 4.62 10.53 29.57
C GLU C 163 4.09 11.66 30.47
N HIS C 164 4.70 12.85 30.40
CA HIS C 164 4.34 13.98 31.26
C HIS C 164 3.10 14.72 30.83
N LEU C 165 2.77 14.67 29.52
CA LEU C 165 1.69 15.50 28.98
C LEU C 165 0.48 14.79 28.38
N THR C 166 0.50 13.45 28.37
CA THR C 166 -0.59 12.68 27.75
C THR C 166 -1.06 11.57 28.69
N LEU C 167 -2.23 11.02 28.41
CA LEU C 167 -2.85 9.98 29.21
C LEU C 167 -2.09 8.64 29.11
N THR C 168 -1.43 8.22 30.20
CA THR C 168 -0.69 6.96 30.24
C THR C 168 -1.65 5.86 30.68
N ALA C 169 -1.21 4.57 30.65
CA ALA C 169 -2.02 3.42 31.06
C ALA C 169 -2.47 3.58 32.51
N LYS C 170 -1.56 4.05 33.38
CA LYS C 170 -1.76 4.29 34.81
C LYS C 170 -2.86 5.38 35.03
N ASP C 171 -2.83 6.47 34.22
CA ASP C 171 -3.79 7.57 34.28
C ASP C 171 -5.18 7.10 33.89
N GLU C 172 -5.24 6.33 32.80
CA GLU C 172 -6.46 5.76 32.24
C GLU C 172 -7.21 4.87 33.25
N ARG C 173 -6.47 4.14 34.12
CA ARG C 173 -7.05 3.31 35.19
C ARG C 173 -7.76 4.17 36.26
N ASN C 174 -7.40 5.46 36.34
CA ASN C 174 -7.97 6.45 37.26
C ASN C 174 -9.17 7.19 36.71
N LEU C 175 -9.60 6.85 35.48
CA LEU C 175 -10.82 7.44 34.93
C LEU C 175 -12.00 6.70 35.55
N ASN C 176 -13.05 7.43 35.93
CA ASN C 176 -14.26 6.83 36.50
C ASN C 176 -15.19 6.38 35.38
N GLU C 177 -16.29 5.68 35.75
CA GLU C 177 -17.32 5.18 34.81
C GLU C 177 -17.84 6.28 33.88
N GLU C 178 -18.17 7.46 34.46
CA GLU C 178 -18.65 8.68 33.78
C GLU C 178 -17.68 9.13 32.66
N GLN C 179 -16.38 9.27 33.00
CA GLN C 179 -15.33 9.69 32.07
C GLN C 179 -15.10 8.63 31.00
N LEU C 180 -15.12 7.35 31.40
CA LEU C 180 -14.93 6.22 30.47
C LEU C 180 -16.08 6.14 29.45
N THR C 181 -17.30 6.48 29.88
CA THR C 181 -18.50 6.50 29.02
C THR C 181 -18.40 7.61 27.96
N LYS C 182 -18.12 8.88 28.38
CA LYS C 182 -18.02 10.02 27.48
C LYS C 182 -16.91 9.88 26.41
N TYR C 183 -15.75 9.31 26.81
CA TYR C 183 -14.61 9.11 25.91
C TYR C 183 -14.74 7.87 25.01
N LEU C 184 -15.70 6.98 25.30
CA LEU C 184 -15.94 5.74 24.54
C LEU C 184 -16.44 6.02 23.10
N THR C 185 -17.24 7.08 22.93
CA THR C 185 -17.81 7.51 21.65
C THR C 185 -16.87 8.51 20.92
N ASN C 186 -17.27 8.96 19.71
CA ASN C 186 -16.57 9.98 18.91
C ASN C 186 -17.09 11.40 19.24
N PHE C 187 -17.96 11.53 20.27
CA PHE C 187 -18.56 12.79 20.72
C PHE C 187 -17.54 13.79 21.28
N GLN C 188 -16.69 13.34 22.21
CA GLN C 188 -15.67 14.18 22.83
C GLN C 188 -14.46 14.42 21.93
N VAL C 189 -13.92 15.65 21.95
CA VAL C 189 -12.67 15.99 21.26
C VAL C 189 -11.56 15.46 22.20
N LYS C 190 -10.75 14.51 21.70
CA LYS C 190 -9.72 13.85 22.52
C LYS C 190 -8.29 14.18 22.13
N THR C 191 -8.09 15.25 21.36
CA THR C 191 -6.78 15.69 20.85
C THR C 191 -5.74 15.84 21.96
N GLN C 192 -4.60 15.15 21.81
CA GLN C 192 -3.47 15.23 22.76
C GLN C 192 -2.21 15.71 22.02
N TYR C 193 -2.15 15.43 20.71
CA TYR C 193 -1.01 15.83 19.90
C TYR C 193 -1.45 16.59 18.64
N VAL C 194 -0.71 17.63 18.29
CA VAL C 194 -0.84 18.38 17.06
C VAL C 194 0.58 18.55 16.54
N VAL C 195 0.78 18.30 15.25
CA VAL C 195 2.07 18.50 14.61
C VAL C 195 1.94 19.70 13.69
N ALA C 196 2.94 20.60 13.72
CA ALA C 196 2.93 21.73 12.78
C ALA C 196 4.19 21.61 11.92
N LEU C 197 4.02 21.75 10.60
CA LEU C 197 5.15 21.76 9.69
C LEU C 197 5.33 23.22 9.26
N ASP C 198 6.43 23.85 9.70
CA ASP C 198 6.73 25.23 9.31
CA ASP C 198 6.73 25.24 9.33
C ASP C 198 7.49 25.18 8.00
N LEU C 199 6.85 25.61 6.92
CA LEU C 199 7.43 25.52 5.58
C LEU C 199 8.42 26.63 5.28
N ARG C 200 9.57 26.60 5.94
CA ARG C 200 10.58 27.63 5.72
C ARG C 200 11.27 27.39 4.39
N LYS C 201 11.75 28.47 3.76
CA LYS C 201 12.46 28.37 2.48
C LYS C 201 13.80 27.65 2.60
N THR C 202 14.38 27.65 3.82
CA THR C 202 15.64 26.94 4.10
C THR C 202 15.39 25.44 4.38
N GLY C 203 14.12 25.08 4.53
CA GLY C 203 13.70 23.71 4.82
C GLY C 203 12.73 23.61 5.97
N ILE C 204 11.91 22.55 5.98
CA ILE C 204 10.91 22.28 7.01
C ILE C 204 11.49 22.17 8.41
N VAL C 205 10.79 22.81 9.34
CA VAL C 205 11.01 22.69 10.78
C VAL C 205 9.68 22.17 11.35
N ALA C 206 9.74 21.06 12.09
CA ALA C 206 8.54 20.47 12.67
C ALA C 206 8.42 20.86 14.14
N LYS C 207 7.19 21.08 14.58
CA LYS C 207 6.87 21.44 15.96
C LYS C 207 5.83 20.46 16.47
N GLU C 208 5.88 20.16 17.76
CA GLU C 208 4.91 19.26 18.38
C GLU C 208 4.23 19.97 19.55
N TYR C 209 2.90 19.93 19.57
CA TYR C 209 2.02 20.49 20.59
C TYR C 209 1.49 19.34 21.41
N PHE C 210 1.54 19.47 22.74
CA PHE C 210 1.06 18.45 23.69
C PHE C 210 -0.04 19.11 24.49
N PHE C 211 -1.23 18.48 24.51
CA PHE C 211 -2.40 18.99 25.22
C PHE C 211 -2.67 18.11 26.41
N PRO C 212 -2.30 18.56 27.64
CA PRO C 212 -2.45 17.69 28.83
C PRO C 212 -3.85 17.56 29.42
N GLY C 213 -4.85 18.18 28.78
CA GLY C 213 -6.25 18.19 29.22
C GLY C 213 -6.82 16.84 29.64
N ILE C 214 -6.66 15.81 28.79
CA ILE C 214 -7.16 14.45 29.08
C ILE C 214 -6.40 13.86 30.29
N LYS C 215 -5.06 13.96 30.29
CA LYS C 215 -4.23 13.47 31.40
C LYS C 215 -4.68 14.13 32.72
N CYS C 216 -4.87 15.46 32.71
CA CYS C 216 -5.30 16.24 33.88
C CYS C 216 -6.70 15.89 34.36
N ALA C 217 -7.59 15.48 33.44
CA ALA C 217 -8.95 15.06 33.79
C ALA C 217 -8.86 13.80 34.68
N ALA C 218 -7.87 12.92 34.39
CA ALA C 218 -7.61 11.68 35.11
C ALA C 218 -6.80 11.85 36.38
N THR C 219 -5.75 12.68 36.37
CA THR C 219 -4.84 12.84 37.50
C THR C 219 -5.23 13.91 38.52
N GLY C 220 -5.98 14.93 38.06
CA GLY C 220 -6.35 16.05 38.93
C GLY C 220 -5.31 17.16 38.97
N GLN C 221 -4.20 17.01 38.23
CA GLN C 221 -3.12 17.99 38.11
C GLN C 221 -3.59 19.13 37.18
N THR C 222 -3.02 20.33 37.29
CA THR C 222 -3.40 21.40 36.36
C THR C 222 -2.53 21.27 35.09
N GLY C 223 -2.99 21.82 33.98
CA GLY C 223 -2.26 21.85 32.72
C GLY C 223 -0.91 22.53 32.83
N SER C 224 -0.85 23.69 33.53
CA SER C 224 0.40 24.42 33.74
C SER C 224 1.41 23.63 34.59
N ASN C 225 0.93 22.91 35.63
CA ASN C 225 1.83 22.08 36.44
C ASN C 225 2.40 20.95 35.60
N ALA C 226 1.58 20.37 34.70
CA ALA C 226 2.03 19.32 33.80
C ALA C 226 3.08 19.87 32.85
N CYS C 227 2.85 21.08 32.28
CA CYS C 227 3.77 21.72 31.31
C CYS C 227 5.14 22.02 31.92
N PHE C 228 5.15 22.67 33.10
CA PHE C 228 6.41 23.01 33.77
C PHE C 228 7.17 21.79 34.29
N GLY C 229 6.42 20.78 34.77
CA GLY C 229 7.00 19.52 35.20
C GLY C 229 7.66 18.80 34.05
N ALA C 230 7.05 18.90 32.83
CA ALA C 230 7.59 18.30 31.61
C ALA C 230 8.89 19.01 31.18
N ILE C 231 8.90 20.36 31.19
CA ILE C 231 10.09 21.14 30.84
C ILE C 231 11.23 20.80 31.82
N ARG C 232 10.92 20.77 33.13
CA ARG C 232 11.92 20.46 34.19
C ARG C 232 12.51 19.07 34.05
N ALA C 233 11.69 18.07 33.70
CA ALA C 233 12.13 16.68 33.50
C ALA C 233 13.10 16.58 32.33
N VAL C 234 12.99 17.47 31.34
CA VAL C 234 13.82 17.52 30.14
C VAL C 234 15.02 18.48 30.28
N ASP C 235 14.90 19.51 31.13
CA ASP C 235 15.93 20.53 31.39
C ASP C 235 16.77 20.10 32.62
N LYS C 236 17.63 19.11 32.39
CA LYS C 236 18.48 18.45 33.41
C LYS C 236 19.33 19.38 34.28
N ASP C 237 19.91 20.44 33.70
CA ASP C 237 20.74 21.39 34.45
C ASP C 237 19.98 22.62 34.94
N GLY C 238 18.65 22.64 34.75
CA GLY C 238 17.82 23.75 35.19
C GLY C 238 18.09 25.08 34.51
N HIS C 239 18.60 25.09 33.27
CA HIS C 239 18.87 26.31 32.49
C HIS C 239 17.64 27.18 32.17
N LEU C 240 16.43 26.56 32.17
CA LEU C 240 15.16 27.28 31.96
C LEU C 240 14.39 27.55 33.28
N ASP C 241 14.92 27.09 34.44
CA ASP C 241 14.24 27.23 35.73
C ASP C 241 13.78 28.64 36.09
N SER C 242 14.67 29.64 36.00
CA SER C 242 14.29 31.02 36.34
C SER C 242 13.23 31.59 35.39
N LEU C 243 13.29 31.21 34.10
CA LEU C 243 12.30 31.62 33.10
C LEU C 243 10.93 30.98 33.44
N CYS C 244 10.94 29.69 33.80
CA CYS C 244 9.76 28.91 34.20
C CYS C 244 9.10 29.52 35.43
N GLN C 245 9.90 29.82 36.49
CA GLN C 245 9.45 30.44 37.74
C GLN C 245 8.71 31.74 37.52
N LEU C 246 9.22 32.58 36.61
CA LEU C 246 8.63 33.86 36.26
C LEU C 246 7.23 33.68 35.64
N ILE C 247 7.08 32.73 34.69
CA ILE C 247 5.81 32.42 34.05
C ILE C 247 4.82 31.77 35.07
N GLU C 248 5.29 30.76 35.83
CA GLU C 248 4.52 30.05 36.86
C GLU C 248 3.92 31.05 37.86
N ALA C 249 4.70 32.06 38.28
CA ALA C 249 4.26 33.11 39.20
C ALA C 249 3.16 33.96 38.58
N HIS C 250 3.27 34.31 37.28
CA HIS C 250 2.20 35.10 36.67
C HIS C 250 0.90 34.28 36.63
N PHE C 251 1.00 32.99 36.30
CA PHE C 251 -0.12 32.06 36.22
C PHE C 251 -0.81 31.92 37.61
N GLN C 252 -0.02 31.82 38.69
CA GLN C 252 -0.52 31.71 40.05
C GLN C 252 -1.28 33.00 40.43
N GLN C 253 -0.66 34.18 40.22
CA GLN C 253 -1.23 35.49 40.54
C GLN C 253 -2.48 35.81 39.73
N SER C 254 -2.45 35.53 38.39
CA SER C 254 -3.58 35.81 37.50
C SER C 254 -4.64 34.72 37.49
N LYS C 255 -4.38 33.58 38.20
CA LYS C 255 -5.26 32.42 38.35
C LYS C 255 -5.49 31.64 37.03
N ILE C 256 -4.39 31.20 36.40
CA ILE C 256 -4.40 30.42 35.15
C ILE C 256 -3.87 28.99 35.39
N ASP C 257 -4.60 27.97 34.89
CA ASP C 257 -4.26 26.53 34.97
C ASP C 257 -4.17 25.87 33.59
N ASP C 258 -5.01 26.33 32.63
CA ASP C 258 -5.19 25.79 31.28
C ASP C 258 -4.06 26.09 30.30
N ALA C 259 -2.97 25.32 30.44
CA ALA C 259 -1.80 25.47 29.60
C ALA C 259 -1.51 24.25 28.74
N PHE C 260 -0.81 24.47 27.62
CA PHE C 260 -0.32 23.43 26.73
C PHE C 260 1.08 23.78 26.26
N LEU C 261 1.81 22.79 25.80
CA LEU C 261 3.22 22.97 25.45
C LEU C 261 3.50 22.70 24.01
N CYS C 262 4.45 23.44 23.47
CA CYS C 262 4.95 23.30 22.12
C CYS C 262 6.48 23.21 22.16
N CYS C 263 7.10 22.35 21.34
CA CYS C 263 8.55 22.28 21.25
C CYS C 263 8.95 22.08 19.80
N ASP C 264 10.18 22.47 19.45
CA ASP C 264 10.73 22.21 18.11
C ASP C 264 11.28 20.79 18.11
N LEU C 265 10.96 20.04 17.09
CA LEU C 265 11.44 18.68 16.93
C LEU C 265 12.83 18.66 16.30
N VAL C 266 13.78 19.11 17.09
CA VAL C 266 15.21 19.18 16.77
C VAL C 266 15.94 18.54 17.96
N ASP C 267 17.28 18.45 17.87
CA ASP C 267 18.08 17.89 18.97
C ASP C 267 17.76 18.65 20.24
N PRO C 268 17.44 17.96 21.35
CA PRO C 268 17.02 18.68 22.59
C PRO C 268 17.85 19.91 23.00
N ALA C 269 19.19 19.93 22.69
CA ALA C 269 20.10 21.05 23.00
C ALA C 269 19.65 22.35 22.31
N HIS C 270 19.19 22.25 21.06
CA HIS C 270 18.77 23.34 20.21
C HIS C 270 17.25 23.60 20.21
N THR C 271 16.47 22.95 21.09
CA THR C 271 15.03 23.16 21.06
C THR C 271 14.58 24.46 21.70
N ARG C 272 13.36 24.86 21.39
CA ARG C 272 12.71 26.01 21.95
C ARG C 272 11.36 25.56 22.45
N PHE C 273 11.06 25.85 23.72
CA PHE C 273 9.76 25.54 24.31
C PHE C 273 8.91 26.78 24.31
N LYS C 274 7.61 26.60 24.06
CA LYS C 274 6.62 27.68 24.14
C LYS C 274 5.51 27.16 25.03
N VAL C 275 5.20 27.88 26.10
CA VAL C 275 4.08 27.52 26.98
C VAL C 275 2.91 28.39 26.54
N TYR C 276 1.79 27.74 26.21
CA TYR C 276 0.58 28.42 25.78
C TYR C 276 -0.44 28.41 26.88
N ILE C 277 -1.31 29.43 26.87
CA ILE C 277 -2.47 29.57 27.74
C ILE C 277 -3.62 30.07 26.90
N ALA C 278 -4.83 29.59 27.22
CA ALA C 278 -6.09 30.03 26.62
C ALA C 278 -6.85 30.70 27.74
N ASP C 279 -7.42 31.87 27.47
CA ASP C 279 -8.18 32.64 28.46
C ASP C 279 -9.54 33.03 27.88
N PRO C 280 -10.66 32.58 28.50
CA PRO C 280 -12.00 32.93 27.97
C PRO C 280 -12.38 34.41 28.10
N LEU C 281 -11.68 35.19 28.97
CA LEU C 281 -11.92 36.62 29.17
C LEU C 281 -11.25 37.42 28.05
N VAL C 282 -12.04 37.74 27.02
CA VAL C 282 -11.59 38.44 25.81
C VAL C 282 -11.68 39.97 25.97
N THR C 283 -10.74 40.54 26.73
CA THR C 283 -10.64 41.99 26.95
C THR C 283 -9.20 42.44 26.73
N LEU C 284 -9.00 43.72 26.34
CA LEU C 284 -7.67 44.28 26.14
C LEU C 284 -6.87 44.28 27.46
N ALA C 285 -7.53 44.61 28.59
CA ALA C 285 -6.91 44.64 29.91
C ALA C 285 -6.35 43.27 30.30
N ARG C 286 -7.10 42.18 30.03
CA ARG C 286 -6.67 40.82 30.32
C ARG C 286 -5.52 40.40 29.39
N ALA C 287 -5.57 40.78 28.09
CA ALA C 287 -4.52 40.49 27.13
C ALA C 287 -3.22 41.22 27.51
N GLU C 288 -3.34 42.49 27.98
CA GLU C 288 -2.22 43.31 28.46
C GLU C 288 -1.58 42.68 29.69
N GLU C 289 -2.41 42.19 30.63
CA GLU C 289 -1.97 41.54 31.87
C GLU C 289 -1.11 40.32 31.53
N HIS C 290 -1.54 39.53 30.56
CA HIS C 290 -0.80 38.35 30.13
C HIS C 290 0.45 38.69 29.30
N TRP C 291 0.35 39.71 28.41
CA TRP C 291 1.46 40.15 27.57
C TRP C 291 2.70 40.54 28.37
N THR C 292 2.51 41.25 29.48
CA THR C 292 3.59 41.72 30.34
C THR C 292 3.91 40.76 31.50
N LEU C 293 3.20 39.60 31.59
CA LEU C 293 3.29 38.63 32.69
C LEU C 293 3.06 39.32 34.05
N GLY C 294 2.00 40.15 34.13
CA GLY C 294 1.65 40.92 35.32
C GLY C 294 2.66 41.98 35.70
N GLY C 295 3.34 42.54 34.71
CA GLY C 295 4.37 43.55 34.91
C GLY C 295 5.80 43.01 35.01
N ARG C 296 5.96 41.67 34.95
CA ARG C 296 7.28 41.03 35.05
C ARG C 296 8.14 41.24 33.78
N LEU C 297 7.52 41.50 32.61
CA LEU C 297 8.24 41.74 31.36
C LEU C 297 8.43 43.25 31.19
N THR C 298 9.64 43.72 31.49
CA THR C 298 10.02 45.13 31.53
C THR C 298 10.80 45.66 30.32
N ASP C 299 11.23 44.79 29.40
CA ASP C 299 12.02 45.18 28.24
C ASP C 299 11.32 46.17 27.28
N GLU C 300 12.11 46.86 26.42
CA GLU C 300 11.61 47.84 25.45
C GLU C 300 10.72 47.20 24.37
N ASP C 301 11.09 46.00 23.87
CA ASP C 301 10.34 45.25 22.85
C ASP C 301 8.89 44.97 23.26
N ALA C 302 8.69 44.54 24.53
CA ALA C 302 7.39 44.23 25.12
C ALA C 302 6.54 45.48 25.24
N ALA C 303 7.17 46.61 25.61
CA ALA C 303 6.53 47.92 25.78
C ALA C 303 6.04 48.47 24.45
N VAL C 304 6.91 48.47 23.42
CA VAL C 304 6.57 48.92 22.06
C VAL C 304 5.44 48.03 21.50
N GLY C 305 5.58 46.71 21.70
CA GLY C 305 4.61 45.70 21.28
C GLY C 305 3.23 45.93 21.85
N LEU C 306 3.16 46.24 23.17
CA LEU C 306 1.93 46.54 23.90
C LEU C 306 1.18 47.73 23.30
N GLU C 307 1.92 48.79 22.91
CA GLU C 307 1.35 49.98 22.26
C GLU C 307 0.75 49.63 20.91
N ILE C 308 1.45 48.76 20.13
CA ILE C 308 0.98 48.29 18.83
C ILE C 308 -0.29 47.44 19.02
N ILE C 309 -0.31 46.56 20.04
CA ILE C 309 -1.45 45.68 20.38
C ILE C 309 -2.68 46.54 20.70
N ARG C 310 -2.51 47.57 21.56
CA ARG C 310 -3.58 48.49 21.97
C ARG C 310 -4.27 49.09 20.75
N GLY C 311 -3.49 49.51 19.76
CA GLY C 311 -3.98 50.06 18.49
C GLY C 311 -4.70 49.01 17.67
N LEU C 312 -4.06 47.84 17.44
CA LEU C 312 -4.63 46.72 16.68
C LEU C 312 -5.96 46.23 17.26
N TRP C 313 -6.00 45.99 18.59
CA TRP C 313 -7.18 45.51 19.31
C TRP C 313 -8.37 46.44 19.10
N SER C 314 -8.13 47.77 19.19
CA SER C 314 -9.10 48.83 19.01
C SER C 314 -9.61 48.88 17.56
N GLU C 315 -8.68 48.95 16.57
CA GLU C 315 -8.98 48.99 15.15
C GLU C 315 -9.79 47.77 14.70
N LEU C 316 -9.42 46.58 15.19
CA LEU C 316 -10.11 45.34 14.85
C LEU C 316 -11.46 45.21 15.57
N GLY C 317 -11.53 45.71 16.80
CA GLY C 317 -12.72 45.62 17.62
C GLY C 317 -12.97 44.20 18.07
N ILE C 318 -11.94 43.56 18.69
CA ILE C 318 -11.99 42.18 19.20
C ILE C 318 -13.23 42.01 20.09
N ILE C 319 -14.09 41.04 19.72
CA ILE C 319 -15.36 40.75 20.36
C ILE C 319 -15.24 40.03 21.70
N GLN C 320 -15.76 40.66 22.77
CA GLN C 320 -15.80 40.08 24.11
C GLN C 320 -17.01 39.14 24.20
N GLY C 321 -16.72 37.84 24.25
CA GLY C 321 -17.76 36.81 24.33
C GLY C 321 -18.12 36.34 25.72
N PRO C 322 -19.02 35.34 25.86
CA PRO C 322 -19.37 34.83 27.20
C PRO C 322 -18.32 33.84 27.72
N LEU C 323 -17.86 34.03 28.99
CA LEU C 323 -16.84 33.21 29.66
C LEU C 323 -17.16 31.70 29.72
N GLU C 324 -18.47 31.34 29.74
CA GLU C 324 -18.95 29.96 29.76
C GLU C 324 -18.58 29.28 28.42
N PRO C 325 -17.83 28.14 28.46
CA PRO C 325 -17.39 27.49 27.21
C PRO C 325 -18.47 27.08 26.22
N SER C 326 -19.64 26.61 26.70
CA SER C 326 -20.77 26.20 25.85
C SER C 326 -21.47 27.42 25.24
N ALA C 327 -21.62 28.52 26.03
CA ALA C 327 -22.23 29.78 25.60
C ALA C 327 -21.37 30.49 24.54
N MET C 328 -20.04 30.31 24.60
CA MET C 328 -19.09 30.87 23.63
C MET C 328 -19.05 30.01 22.36
N MET C 329 -19.36 28.71 22.49
CA MET C 329 -19.41 27.72 21.41
C MET C 329 -20.54 28.05 20.45
N GLU C 330 -21.76 28.33 20.98
CA GLU C 330 -22.97 28.65 20.22
C GLU C 330 -22.79 29.91 19.37
N LYS C 331 -22.14 30.96 19.94
CA LYS C 331 -21.86 32.22 19.22
C LYS C 331 -20.68 32.06 18.22
N GLY C 332 -20.00 30.91 18.28
CA GLY C 332 -18.83 30.59 17.47
C GLY C 332 -17.63 31.46 17.82
N LEU C 333 -17.57 31.93 19.08
CA LEU C 333 -16.50 32.80 19.55
C LEU C 333 -15.33 32.03 20.17
N LEU C 334 -14.14 32.63 20.05
CA LEU C 334 -12.90 32.02 20.51
C LEU C 334 -12.28 32.75 21.71
N PRO C 335 -11.45 32.07 22.53
CA PRO C 335 -10.84 32.79 23.67
C PRO C 335 -9.61 33.57 23.21
N ILE C 336 -8.91 34.23 24.12
CA ILE C 336 -7.63 34.82 23.77
C ILE C 336 -6.58 33.73 24.10
N MET C 337 -5.46 33.77 23.43
CA MET C 337 -4.37 32.85 23.75
C MET C 337 -3.07 33.64 23.75
N LEU C 338 -2.08 33.11 24.44
CA LEU C 338 -0.72 33.63 24.44
C LEU C 338 0.20 32.46 24.56
N ASN C 339 1.44 32.62 24.07
CA ASN C 339 2.50 31.68 24.30
C ASN C 339 3.70 32.48 24.82
N TYR C 340 4.59 31.82 25.55
CA TYR C 340 5.81 32.43 26.08
C TYR C 340 6.96 31.54 25.66
N GLU C 341 7.84 32.11 24.84
CA GLU C 341 9.00 31.42 24.30
C GLU C 341 10.18 31.52 25.29
N MET C 342 10.86 30.40 25.55
CA MET C 342 11.99 30.32 26.50
C MET C 342 13.33 30.02 25.84
N LYS C 343 14.33 30.88 26.09
CA LYS C 343 15.71 30.72 25.58
C LYS C 343 16.71 30.76 26.73
N ALA C 344 17.47 29.64 26.89
CA ALA C 344 18.51 29.40 27.90
C ALA C 344 19.30 30.66 28.28
N GLY C 345 19.79 31.39 27.29
CA GLY C 345 20.56 32.61 27.52
C GLY C 345 19.80 33.79 28.11
N GLN C 346 18.56 34.02 27.62
CA GLN C 346 17.69 35.16 27.97
C GLN C 346 17.17 35.22 29.40
N ARG C 347 17.08 36.45 29.94
CA ARG C 347 16.58 36.70 31.30
C ARG C 347 15.05 36.74 31.36
N LEU C 348 14.40 37.05 30.23
CA LEU C 348 12.95 37.16 30.15
C LEU C 348 12.34 36.29 29.04
N PRO C 349 11.16 35.68 29.27
CA PRO C 349 10.46 34.96 28.18
C PRO C 349 9.93 35.96 27.14
N LYS C 350 9.67 35.50 25.91
CA LYS C 350 9.17 36.34 24.82
C LYS C 350 7.68 36.05 24.59
N PRO C 351 6.79 37.06 24.73
CA PRO C 351 5.34 36.81 24.54
C PRO C 351 4.84 36.88 23.10
N LYS C 352 3.74 36.18 22.84
CA LYS C 352 3.03 36.20 21.57
C LYS C 352 1.56 36.20 21.91
N LEU C 353 0.81 37.15 21.36
CA LEU C 353 -0.63 37.24 21.63
C LEU C 353 -1.44 36.74 20.42
N TYR C 354 -2.48 35.91 20.67
CA TYR C 354 -3.40 35.41 19.64
C TYR C 354 -4.73 36.08 19.90
N MET C 355 -5.13 36.96 18.98
CA MET C 355 -6.40 37.69 19.08
C MET C 355 -7.46 36.94 18.27
N PRO C 356 -8.63 36.59 18.87
CA PRO C 356 -9.67 35.89 18.11
C PRO C 356 -10.34 36.84 17.10
N LEU C 357 -10.48 36.39 15.84
CA LEU C 357 -11.06 37.22 14.78
C LEU C 357 -12.47 36.82 14.37
N THR C 358 -12.97 35.61 14.78
CA THR C 358 -14.32 35.16 14.42
C THR C 358 -15.38 36.14 14.90
N GLY C 359 -16.29 36.50 13.99
CA GLY C 359 -17.34 37.50 14.24
C GLY C 359 -17.06 38.83 13.58
N ILE C 360 -15.80 39.08 13.19
CA ILE C 360 -15.34 40.30 12.51
C ILE C 360 -15.34 40.06 10.99
N PRO C 361 -16.03 40.92 10.18
CA PRO C 361 -16.03 40.72 8.72
C PRO C 361 -14.63 40.70 8.12
N GLU C 362 -14.42 39.85 7.11
CA GLU C 362 -13.11 39.66 6.47
C GLU C 362 -12.53 40.90 5.82
N THR C 363 -13.41 41.76 5.23
CA THR C 363 -13.02 43.03 4.62
C THR C 363 -12.54 44.04 5.67
N LYS C 364 -13.09 43.98 6.90
CA LYS C 364 -12.69 44.85 8.00
C LYS C 364 -11.26 44.46 8.39
N ILE C 365 -11.01 43.13 8.60
CA ILE C 365 -9.68 42.59 8.94
C ILE C 365 -8.69 42.99 7.85
N ALA C 366 -9.05 42.78 6.57
CA ALA C 366 -8.20 43.12 5.43
C ALA C 366 -7.83 44.60 5.37
N ARG C 367 -8.78 45.49 5.70
CA ARG C 367 -8.58 46.94 5.73
C ARG C 367 -7.57 47.32 6.83
N ILE C 368 -7.75 46.76 8.06
CA ILE C 368 -6.87 47.00 9.21
C ILE C 368 -5.47 46.46 8.93
N MET C 369 -5.37 45.25 8.36
CA MET C 369 -4.09 44.63 8.02
C MET C 369 -3.33 45.44 6.98
N THR C 370 -4.00 45.87 5.89
CA THR C 370 -3.46 46.70 4.81
C THR C 370 -2.86 47.99 5.38
N ALA C 371 -3.62 48.71 6.24
CA ALA C 371 -3.16 49.96 6.88
C ALA C 371 -1.98 49.69 7.82
N PHE C 372 -2.01 48.54 8.53
CA PHE C 372 -0.95 48.13 9.46
C PHE C 372 0.37 47.93 8.72
N PHE C 373 0.36 47.13 7.63
CA PHE C 373 1.54 46.87 6.82
C PHE C 373 2.13 48.15 6.25
N GLN C 374 1.27 49.06 5.71
CA GLN C 374 1.68 50.36 5.14
C GLN C 374 2.46 51.20 6.16
N ARG C 375 1.95 51.26 7.40
CA ARG C 375 2.48 51.98 8.57
C ARG C 375 3.82 51.40 9.03
N HIS C 376 3.98 50.06 8.96
CA HIS C 376 5.17 49.34 9.41
C HIS C 376 6.14 48.95 8.30
N ASP C 377 6.17 49.79 7.24
CA ASP C 377 7.06 49.66 6.07
C ASP C 377 7.06 48.28 5.39
N MET C 378 5.86 47.80 5.06
CA MET C 378 5.61 46.54 4.36
C MET C 378 4.64 46.86 3.19
N PRO C 379 5.02 47.74 2.23
CA PRO C 379 4.08 48.09 1.15
C PRO C 379 3.72 46.95 0.20
N GLU C 380 4.61 45.95 0.05
CA GLU C 380 4.38 44.79 -0.82
C GLU C 380 3.29 43.88 -0.26
N GLN C 381 3.26 43.70 1.08
CA GLN C 381 2.23 42.91 1.79
C GLN C 381 0.91 43.69 1.76
N ALA C 382 0.97 45.02 2.02
CA ALA C 382 -0.19 45.92 2.03
C ALA C 382 -0.98 45.90 0.71
N GLU C 383 -0.27 45.95 -0.41
CA GLU C 383 -0.79 45.97 -1.77
C GLU C 383 -1.62 44.73 -2.16
N VAL C 384 -1.17 43.54 -1.72
CA VAL C 384 -1.79 42.27 -2.11
C VAL C 384 -2.66 41.58 -1.06
N PHE C 385 -2.70 42.09 0.20
CA PHE C 385 -3.46 41.43 1.26
C PHE C 385 -4.88 41.00 0.90
N MET C 386 -5.69 41.95 0.40
CA MET C 386 -7.09 41.77 0.05
C MET C 386 -7.29 40.79 -1.12
N GLU C 387 -6.54 41.03 -2.22
CA GLU C 387 -6.47 40.25 -3.45
C GLU C 387 -6.22 38.77 -3.15
N ASN C 388 -5.19 38.50 -2.31
CA ASN C 388 -4.77 37.16 -1.90
C ASN C 388 -5.83 36.46 -1.08
N LEU C 389 -6.42 37.19 -0.11
CA LEU C 389 -7.49 36.69 0.76
C LEU C 389 -8.70 36.29 -0.08
N GLN C 390 -9.07 37.16 -1.04
CA GLN C 390 -10.19 36.92 -1.96
C GLN C 390 -9.95 35.66 -2.81
N ALA C 391 -8.70 35.44 -3.27
CA ALA C 391 -8.38 34.25 -4.07
C ALA C 391 -8.45 32.96 -3.26
N TYR C 392 -8.11 33.00 -1.93
CA TYR C 392 -8.21 31.81 -1.06
C TYR C 392 -9.67 31.36 -0.93
N TYR C 393 -10.59 32.34 -0.94
CA TYR C 393 -12.03 32.15 -0.78
C TYR C 393 -12.72 32.69 -2.01
N GLU C 394 -12.27 32.22 -3.18
CA GLU C 394 -12.76 32.62 -4.50
C GLU C 394 -14.30 32.57 -4.58
N GLY C 395 -14.89 33.66 -5.05
CA GLY C 395 -16.35 33.78 -5.18
C GLY C 395 -17.12 34.02 -3.90
N LYS C 396 -16.44 34.02 -2.74
CA LYS C 396 -17.10 34.28 -1.45
C LYS C 396 -17.16 35.77 -1.16
N ASN C 397 -18.28 36.23 -0.54
CA ASN C 397 -18.48 37.62 -0.15
C ASN C 397 -17.73 37.85 1.15
N LEU C 398 -16.63 38.62 1.10
CA LEU C 398 -15.79 38.85 2.28
C LEU C 398 -16.36 39.86 3.29
N GLU C 399 -17.40 40.61 2.88
CA GLU C 399 -18.10 41.55 3.76
C GLU C 399 -19.04 40.77 4.68
N GLU C 400 -19.68 39.71 4.15
CA GLU C 400 -20.60 38.83 4.87
C GLU C 400 -19.89 37.78 5.72
N ALA C 401 -18.75 37.25 5.23
CA ALA C 401 -17.99 36.23 5.96
C ALA C 401 -17.28 36.81 7.18
N THR C 402 -17.35 36.09 8.31
CA THR C 402 -16.74 36.48 9.59
C THR C 402 -15.92 35.32 10.21
N ARG C 403 -15.95 34.12 9.59
CA ARG C 403 -15.27 32.93 10.11
C ARG C 403 -14.17 32.32 9.21
N TYR C 404 -13.52 33.14 8.37
CA TYR C 404 -12.44 32.64 7.51
C TYR C 404 -11.09 32.87 8.19
N GLN C 405 -10.75 34.13 8.52
CA GLN C 405 -9.56 34.48 9.30
C GLN C 405 -10.02 34.41 10.74
N ALA C 406 -9.56 33.36 11.46
CA ALA C 406 -9.99 33.03 12.82
C ALA C 406 -9.15 33.62 13.94
N TRP C 407 -7.82 33.73 13.72
CA TRP C 407 -6.91 34.30 14.71
C TRP C 407 -5.88 35.17 14.04
N LEU C 408 -5.42 36.17 14.78
CA LEU C 408 -4.30 37.02 14.41
C LEU C 408 -3.29 36.87 15.55
N SER C 409 -2.09 36.41 15.24
CA SER C 409 -1.09 36.36 16.29
C SER C 409 -0.14 37.55 16.15
N PHE C 410 0.41 38.01 17.27
CA PHE C 410 1.31 39.13 17.25
C PHE C 410 2.47 38.94 18.19
N ALA C 411 3.68 39.19 17.70
CA ALA C 411 4.94 39.21 18.46
C ALA C 411 5.75 40.40 17.96
N TYR C 412 6.73 40.90 18.74
CA TYR C 412 7.53 42.06 18.33
C TYR C 412 8.96 42.04 18.84
N THR C 413 9.90 42.49 17.97
CA THR C 413 11.32 42.76 18.26
C THR C 413 11.68 44.04 17.49
N LYS C 414 12.54 44.90 18.07
CA LYS C 414 13.01 46.14 17.42
C LYS C 414 13.75 45.76 16.12
N GLU C 415 14.58 44.71 16.20
CA GLU C 415 15.40 44.15 15.12
C GLU C 415 14.60 43.79 13.88
N LYS C 416 13.63 42.87 14.00
CA LYS C 416 12.83 42.36 12.89
C LYS C 416 11.45 43.02 12.70
N GLY C 417 11.05 43.87 13.65
CA GLY C 417 9.77 44.58 13.62
C GLY C 417 8.58 43.70 14.00
N PRO C 418 7.35 44.11 13.63
CA PRO C 418 6.17 43.29 13.97
C PRO C 418 6.15 41.94 13.26
N TYR C 419 5.75 40.88 13.98
CA TYR C 419 5.67 39.51 13.47
C TYR C 419 4.20 39.07 13.56
N LEU C 420 3.46 39.17 12.45
CA LEU C 420 2.02 38.86 12.40
C LEU C 420 1.74 37.55 11.70
N SER C 421 0.71 36.81 12.18
CA SER C 421 0.27 35.56 11.54
C SER C 421 -1.25 35.46 11.52
N ILE C 422 -1.82 34.90 10.44
CA ILE C 422 -3.26 34.66 10.30
C ILE C 422 -3.49 33.14 10.25
N TYR C 423 -4.46 32.66 11.05
CA TYR C 423 -4.84 31.24 11.12
C TYR C 423 -6.24 31.16 10.51
N TYR C 424 -6.38 30.35 9.47
CA TYR C 424 -7.61 30.23 8.69
C TYR C 424 -8.48 29.07 9.09
N PHE C 425 -9.81 29.31 9.00
CA PHE C 425 -10.80 28.26 9.18
C PHE C 425 -11.37 27.87 7.80
N TRP C 426 -11.68 26.59 7.60
CA TRP C 426 -12.26 26.10 6.35
C TRP C 426 -13.70 26.63 6.17
N PRO C 427 -14.19 26.89 4.93
CA PRO C 427 -15.59 27.34 4.80
C PRO C 427 -16.59 26.28 5.26
N GLU C 428 -17.62 26.70 6.03
CA GLU C 428 -18.67 25.82 6.56
C GLU C 428 -19.87 25.74 5.62
N PRO D 21 23.65 28.41 -9.90
CA PRO D 21 24.26 27.07 -9.99
C PRO D 21 23.25 25.91 -9.84
N ILE D 22 21.95 26.18 -10.16
CA ILE D 22 20.89 25.16 -10.08
C ILE D 22 21.14 24.05 -11.10
N PRO D 23 21.17 22.77 -10.67
CA PRO D 23 21.41 21.69 -11.63
C PRO D 23 20.25 21.56 -12.63
N LYS D 24 20.54 21.06 -13.84
CA LYS D 24 19.53 20.84 -14.86
C LYS D 24 18.40 19.91 -14.36
N ASP D 25 18.75 18.90 -13.52
CA ASP D 25 17.78 17.95 -12.97
C ASP D 25 17.23 18.36 -11.56
N ILE D 26 17.12 19.68 -11.31
CA ILE D 26 16.56 20.24 -10.07
C ILE D 26 15.16 19.65 -9.73
N ALA D 27 14.30 19.38 -10.75
CA ALA D 27 12.96 18.83 -10.56
C ALA D 27 13.02 17.43 -9.97
N TYR D 28 14.06 16.64 -10.33
CA TYR D 28 14.35 15.30 -9.80
C TYR D 28 14.82 15.43 -8.32
N HIS D 29 15.76 16.33 -8.03
CA HIS D 29 16.25 16.57 -6.67
C HIS D 29 15.13 17.05 -5.75
N THR D 30 14.22 17.87 -6.29
CA THR D 30 13.08 18.44 -5.56
C THR D 30 12.06 17.35 -5.22
N LEU D 31 11.65 16.56 -6.20
CA LEU D 31 10.71 15.46 -5.96
C LEU D 31 11.28 14.40 -5.03
N THR D 32 12.61 14.20 -5.04
CA THR D 32 13.32 13.26 -4.16
C THR D 32 13.06 13.61 -2.67
N LYS D 33 12.91 14.90 -2.37
CA LYS D 33 12.61 15.41 -1.03
C LYS D 33 11.15 15.23 -0.62
N ALA D 34 10.28 14.85 -1.55
CA ALA D 34 8.83 14.77 -1.29
C ALA D 34 8.17 13.44 -1.52
N LEU D 35 8.82 12.52 -2.24
CA LEU D 35 8.22 11.22 -2.58
C LEU D 35 8.73 10.11 -1.66
N LEU D 36 7.79 9.37 -1.08
CA LEU D 36 8.11 8.26 -0.19
C LEU D 36 7.85 6.94 -0.92
N PHE D 37 8.89 6.33 -1.52
CA PHE D 37 8.74 5.06 -2.24
C PHE D 37 8.47 3.90 -1.31
N PRO D 38 7.46 3.04 -1.62
CA PRO D 38 7.09 1.98 -0.63
C PRO D 38 8.07 0.81 -0.53
N ASP D 39 8.96 0.64 -1.52
CA ASP D 39 9.91 -0.48 -1.51
C ASP D 39 11.18 -0.06 -2.20
N ILE D 40 12.26 -0.81 -1.96
CA ILE D 40 13.60 -0.57 -2.47
C ILE D 40 13.70 -0.57 -3.99
N ASP D 41 12.91 -1.40 -4.67
CA ASP D 41 12.96 -1.51 -6.13
C ASP D 41 12.42 -0.27 -6.83
N GLN D 42 11.29 0.28 -6.34
CA GLN D 42 10.72 1.55 -6.86
C GLN D 42 11.71 2.68 -6.61
N TYR D 43 12.30 2.70 -5.39
CA TYR D 43 13.31 3.67 -4.98
C TYR D 43 14.49 3.62 -6.02
N GLN D 44 15.03 2.43 -6.29
CA GLN D 44 16.15 2.28 -7.21
C GLN D 44 15.80 2.66 -8.66
N HIS D 45 14.57 2.36 -9.12
CA HIS D 45 14.16 2.74 -10.46
C HIS D 45 14.03 4.25 -10.58
N TRP D 46 13.51 4.91 -9.55
CA TRP D 46 13.36 6.37 -9.50
C TRP D 46 14.75 7.01 -9.65
N HIS D 47 15.71 6.59 -8.83
CA HIS D 47 17.06 7.14 -8.84
C HIS D 47 17.88 6.83 -10.11
N HIS D 48 17.56 5.73 -10.74
CA HIS D 48 18.21 5.29 -11.96
C HIS D 48 17.65 6.08 -13.18
N VAL D 49 16.34 6.29 -13.23
CA VAL D 49 15.65 6.87 -14.37
C VAL D 49 15.38 8.38 -14.31
N ALA D 50 14.85 8.88 -13.18
CA ALA D 50 14.43 10.26 -13.02
C ALA D 50 15.48 11.35 -13.32
N PRO D 51 16.79 11.23 -12.97
CA PRO D 51 17.73 12.32 -13.29
C PRO D 51 17.80 12.59 -14.79
N MET D 52 17.96 11.54 -15.63
CA MET D 52 18.02 11.69 -17.09
C MET D 52 16.70 12.19 -17.64
N LEU D 53 15.58 11.63 -17.15
CA LEU D 53 14.25 12.04 -17.60
C LEU D 53 14.03 13.55 -17.32
N ALA D 54 14.41 14.02 -16.11
CA ALA D 54 14.29 15.44 -15.73
C ALA D 54 15.06 16.33 -16.70
N LYS D 55 16.30 15.92 -17.09
CA LYS D 55 17.19 16.62 -18.02
C LYS D 55 16.57 16.73 -19.41
N MET D 56 16.04 15.60 -19.92
CA MET D 56 15.37 15.50 -21.22
C MET D 56 14.14 16.40 -21.29
N LEU D 57 13.40 16.52 -20.16
CA LEU D 57 12.22 17.39 -20.12
C LEU D 57 12.61 18.86 -20.14
N VAL D 58 13.72 19.19 -19.49
CA VAL D 58 14.27 20.56 -19.55
C VAL D 58 14.66 20.86 -21.01
N ASP D 59 15.41 19.92 -21.65
CA ASP D 59 15.91 20.03 -23.03
C ASP D 59 14.81 20.14 -24.06
N GLY D 60 13.71 19.44 -23.83
CA GLY D 60 12.58 19.43 -24.74
C GLY D 60 11.73 20.66 -24.64
N LYS D 61 12.08 21.60 -23.73
CA LYS D 61 11.37 22.87 -23.53
C LYS D 61 9.95 22.70 -22.98
N TYR D 62 9.76 21.66 -22.15
CA TYR D 62 8.48 21.45 -21.46
C TYR D 62 8.39 22.53 -20.40
N SER D 63 7.18 23.00 -20.08
CA SER D 63 7.02 23.99 -19.01
C SER D 63 7.42 23.33 -17.67
N ILE D 64 7.82 24.14 -16.67
CA ILE D 64 8.21 23.63 -15.36
C ILE D 64 7.09 22.74 -14.76
N HIS D 65 5.83 23.14 -14.97
CA HIS D 65 4.65 22.44 -14.50
C HIS D 65 4.55 21.05 -15.07
N GLN D 66 4.72 20.93 -16.39
CA GLN D 66 4.66 19.68 -17.11
C GLN D 66 5.84 18.75 -16.79
N GLN D 67 7.01 19.33 -16.45
CA GLN D 67 8.21 18.60 -16.05
C GLN D 67 7.89 17.85 -14.73
N TYR D 68 7.33 18.57 -13.74
CA TYR D 68 6.90 18.03 -12.46
C TYR D 68 5.77 17.04 -12.65
N GLU D 69 4.82 17.34 -13.54
CA GLU D 69 3.71 16.42 -13.85
C GLU D 69 4.20 15.06 -14.37
N TYR D 70 5.11 15.07 -15.35
CA TYR D 70 5.60 13.84 -15.97
C TYR D 70 6.54 13.04 -15.10
N LEU D 71 7.37 13.73 -14.30
CA LEU D 71 8.26 13.06 -13.33
C LEU D 71 7.44 12.38 -12.24
N CYS D 72 6.39 13.07 -11.76
CA CYS D 72 5.53 12.53 -10.70
CA CYS D 72 5.48 12.52 -10.72
C CYS D 72 4.69 11.35 -11.24
N LEU D 73 4.24 11.46 -12.46
CA LEU D 73 3.46 10.42 -13.10
C LEU D 73 4.34 9.17 -13.32
N PHE D 74 5.61 9.35 -13.71
CA PHE D 74 6.55 8.25 -13.83
C PHE D 74 6.68 7.52 -12.43
N ALA D 75 6.86 8.30 -11.36
CA ALA D 75 6.99 7.76 -10.00
C ALA D 75 5.72 7.00 -9.58
N GLN D 76 4.53 7.60 -9.84
CA GLN D 76 3.25 7.08 -9.38
C GLN D 76 2.72 5.90 -10.15
N LEU D 77 2.88 5.94 -11.45
CA LEU D 77 2.34 4.98 -12.40
C LEU D 77 3.32 3.97 -12.94
N VAL D 78 4.50 4.44 -13.34
CA VAL D 78 5.49 3.58 -14.02
C VAL D 78 6.41 2.78 -13.08
N ALA D 79 7.11 3.45 -12.15
CA ALA D 79 8.04 2.77 -11.21
C ALA D 79 7.38 1.54 -10.53
N PRO D 80 6.06 1.52 -10.12
CA PRO D 80 5.50 0.29 -9.52
C PRO D 80 5.42 -0.91 -10.47
N VAL D 81 5.50 -0.70 -11.79
CA VAL D 81 5.42 -1.83 -12.73
C VAL D 81 6.74 -2.11 -13.46
N LEU D 82 7.88 -1.64 -12.89
CA LEU D 82 9.19 -1.88 -13.49
C LEU D 82 9.83 -3.17 -12.98
N GLY D 83 9.23 -3.71 -11.89
CA GLY D 83 9.62 -4.97 -11.28
C GLY D 83 10.83 -4.88 -10.37
N PRO D 84 11.36 -6.01 -9.89
CA PRO D 84 12.55 -5.96 -9.02
C PRO D 84 13.72 -5.29 -9.74
N TYR D 85 14.48 -4.46 -9.03
CA TYR D 85 15.61 -3.77 -9.64
C TYR D 85 16.66 -4.82 -10.05
N PRO D 86 17.01 -4.87 -11.35
CA PRO D 86 17.88 -5.95 -11.83
C PRO D 86 19.36 -5.75 -11.52
N SER D 87 19.71 -5.86 -10.26
CA SER D 87 21.08 -5.76 -9.76
C SER D 87 21.95 -6.87 -10.40
N PRO D 88 23.28 -6.68 -10.55
CA PRO D 88 24.14 -7.73 -11.15
C PRO D 88 24.00 -9.08 -10.45
N GLY D 89 23.70 -10.12 -11.24
CA GLY D 89 23.56 -11.50 -10.79
C GLY D 89 22.21 -11.86 -10.18
N ARG D 90 21.27 -10.88 -10.10
CA ARG D 90 19.95 -11.10 -9.50
C ARG D 90 19.08 -11.95 -10.43
N ASP D 91 18.51 -13.03 -9.88
CA ASP D 91 17.66 -13.96 -10.62
C ASP D 91 16.23 -13.40 -10.79
N VAL D 92 16.06 -12.55 -11.77
CA VAL D 92 14.77 -11.92 -12.07
C VAL D 92 14.38 -12.04 -13.54
N TYR D 93 13.08 -11.92 -13.81
CA TYR D 93 12.50 -11.89 -15.15
C TYR D 93 13.25 -10.76 -15.91
N ARG D 94 13.80 -11.09 -17.07
CA ARG D 94 14.60 -10.17 -17.85
C ARG D 94 13.95 -9.50 -19.04
N CYS D 95 14.42 -8.28 -19.32
CA CYS D 95 13.96 -7.44 -20.41
C CYS D 95 15.20 -6.75 -21.03
N THR D 96 15.08 -6.27 -22.28
CA THR D 96 16.20 -5.63 -23.00
C THR D 96 16.00 -4.14 -23.28
N LEU D 97 14.96 -3.54 -22.70
CA LEU D 97 14.75 -2.10 -22.86
C LEU D 97 15.89 -1.32 -22.22
N GLY D 98 16.44 -0.35 -22.95
CA GLY D 98 17.60 0.42 -22.45
C GLY D 98 18.83 -0.47 -22.35
N GLY D 99 18.80 -1.61 -23.05
CA GLY D 99 19.87 -2.59 -23.08
C GLY D 99 19.61 -3.80 -22.21
N ASN D 100 19.28 -3.57 -20.93
CA ASN D 100 19.12 -4.68 -19.98
C ASN D 100 18.06 -4.41 -18.89
N MET D 101 17.19 -3.40 -19.08
CA MET D 101 16.18 -3.01 -18.09
C MET D 101 14.76 -3.24 -18.64
N THR D 102 13.75 -2.86 -17.85
CA THR D 102 12.33 -2.92 -18.20
C THR D 102 11.86 -1.53 -18.64
N VAL D 103 12.77 -0.55 -18.76
CA VAL D 103 12.47 0.85 -19.11
C VAL D 103 13.53 1.44 -20.08
N GLU D 104 13.07 2.26 -21.03
CA GLU D 104 13.93 2.89 -22.02
C GLU D 104 13.44 4.31 -22.29
N LEU D 105 14.37 5.26 -22.34
CA LEU D 105 14.06 6.65 -22.71
C LEU D 105 14.47 6.88 -24.16
N SER D 106 13.74 7.73 -24.84
CA SER D 106 14.03 8.15 -26.21
C SER D 106 13.55 9.57 -26.38
N GLN D 107 14.10 10.27 -27.36
CA GLN D 107 13.83 11.67 -27.65
C GLN D 107 13.66 11.82 -29.14
N ASN D 108 12.72 12.64 -29.53
CA ASN D 108 12.40 12.96 -30.91
C ASN D 108 12.89 14.39 -31.14
N PHE D 109 13.59 14.63 -32.25
CA PHE D 109 14.10 15.96 -32.61
C PHE D 109 13.52 16.48 -33.93
N GLN D 110 13.02 17.73 -33.89
CA GLN D 110 12.56 18.43 -35.12
C GLN D 110 12.52 19.97 -34.95
N GLY D 113 11.63 22.61 -30.36
CA GLY D 113 11.64 21.69 -29.22
C GLY D 113 11.82 20.22 -29.56
N SER D 114 11.81 19.42 -28.51
CA SER D 114 11.95 17.96 -28.59
C SER D 114 10.85 17.30 -27.75
N THR D 115 10.58 16.04 -28.02
CA THR D 115 9.58 15.27 -27.30
C THR D 115 10.24 14.04 -26.71
N THR D 116 9.93 13.72 -25.46
CA THR D 116 10.48 12.56 -24.76
C THR D 116 9.43 11.49 -24.75
N ARG D 117 9.88 10.26 -24.82
CA ARG D 117 9.04 9.10 -24.69
C ARG D 117 9.66 8.17 -23.63
N ILE D 118 8.81 7.53 -22.85
CA ILE D 118 9.18 6.52 -21.85
C ILE D 118 8.52 5.20 -22.30
N ALA D 119 9.32 4.18 -22.59
CA ALA D 119 8.81 2.86 -23.00
C ALA D 119 9.20 1.89 -21.90
N PHE D 120 8.29 0.96 -21.58
CA PHE D 120 8.58 0.01 -20.50
C PHE D 120 7.78 -1.25 -20.70
N GLU D 121 8.27 -2.35 -20.14
CA GLU D 121 7.50 -3.59 -20.16
C GLU D 121 6.86 -3.69 -18.77
N PRO D 122 5.52 -3.52 -18.61
CA PRO D 122 4.93 -3.70 -17.25
C PRO D 122 5.27 -5.11 -16.74
N VAL D 123 5.81 -5.18 -15.53
CA VAL D 123 6.20 -6.45 -14.92
C VAL D 123 6.05 -6.35 -13.39
N ARG D 124 5.68 -7.43 -12.76
CA ARG D 124 5.59 -7.47 -11.29
C ARG D 124 6.46 -8.62 -10.85
N TYR D 125 6.84 -8.64 -9.56
CA TYR D 125 7.76 -9.65 -9.03
C TYR D 125 7.31 -11.09 -9.24
N GLN D 126 5.99 -11.32 -9.32
CA GLN D 126 5.44 -12.67 -9.54
C GLN D 126 5.99 -13.33 -10.81
N ALA D 127 6.33 -12.54 -11.84
CA ALA D 127 6.94 -13.05 -13.08
C ALA D 127 8.34 -13.63 -12.85
N SER D 128 9.04 -13.24 -11.74
CA SER D 128 10.37 -13.76 -11.43
C SER D 128 10.34 -14.96 -10.49
N VAL D 129 9.17 -15.24 -9.83
CA VAL D 129 9.07 -16.30 -8.80
C VAL D 129 8.08 -17.44 -9.10
N GLY D 130 7.73 -17.60 -10.38
CA GLY D 130 6.83 -18.66 -10.84
C GLY D 130 5.36 -18.35 -10.76
N HIS D 131 4.96 -17.17 -10.35
CA HIS D 131 3.54 -16.89 -10.28
C HIS D 131 2.88 -16.15 -11.46
N ASP D 132 3.62 -15.97 -12.54
CA ASP D 132 3.16 -15.40 -13.82
C ASP D 132 4.22 -15.66 -14.91
N ARG D 133 4.37 -16.94 -15.30
CA ARG D 133 5.38 -17.48 -16.26
C ARG D 133 5.61 -16.66 -17.54
N PHE D 134 4.54 -16.21 -18.18
CA PHE D 134 4.65 -15.43 -19.40
C PHE D 134 4.27 -13.97 -19.20
N ASN D 135 4.37 -13.50 -17.93
CA ASN D 135 4.10 -12.11 -17.53
C ASN D 135 2.81 -11.56 -18.21
N ARG D 136 1.69 -12.21 -17.97
CA ARG D 136 0.42 -11.84 -18.59
C ARG D 136 -0.39 -10.78 -17.84
N THR D 137 -0.30 -10.75 -16.50
CA THR D 137 -1.14 -9.89 -15.67
C THR D 137 -0.74 -8.43 -15.52
N SER D 138 0.56 -8.13 -15.55
CA SER D 138 1.11 -6.81 -15.25
C SER D 138 0.63 -5.67 -16.13
N VAL D 139 0.51 -5.91 -17.44
CA VAL D 139 0.03 -4.90 -18.38
C VAL D 139 -1.44 -4.50 -18.02
N ASN D 140 -2.23 -5.47 -17.55
CA ASN D 140 -3.63 -5.26 -17.14
C ASN D 140 -3.68 -4.43 -15.87
N ALA D 141 -2.80 -4.75 -14.88
CA ALA D 141 -2.69 -3.98 -13.63
C ALA D 141 -2.26 -2.53 -13.97
N PHE D 142 -1.27 -2.39 -14.88
CA PHE D 142 -0.77 -1.08 -15.31
C PHE D 142 -1.87 -0.20 -15.94
N PHE D 143 -2.60 -0.75 -16.94
CA PHE D 143 -3.66 -0.01 -17.61
C PHE D 143 -4.76 0.42 -16.66
N SER D 144 -5.09 -0.42 -15.66
CA SER D 144 -6.13 -0.09 -14.69
C SER D 144 -5.74 1.12 -13.83
N GLN D 145 -4.45 1.41 -13.70
CA GLN D 145 -3.92 2.57 -13.00
C GLN D 145 -3.80 3.75 -13.97
N LEU D 146 -3.20 3.53 -15.15
CA LEU D 146 -3.04 4.57 -16.18
C LEU D 146 -4.35 5.26 -16.54
N GLN D 147 -5.42 4.47 -16.77
CA GLN D 147 -6.72 5.02 -17.18
C GLN D 147 -7.37 5.91 -16.12
N LEU D 148 -6.96 5.76 -14.85
CA LEU D 148 -7.46 6.63 -13.77
C LEU D 148 -6.85 8.05 -13.86
N LEU D 149 -5.64 8.19 -14.39
CA LEU D 149 -4.98 9.50 -14.51
C LEU D 149 -5.07 10.12 -15.88
N VAL D 150 -5.05 9.31 -16.97
CA VAL D 150 -5.10 9.80 -18.34
C VAL D 150 -6.37 9.23 -18.96
N LYS D 151 -7.45 10.03 -18.91
CA LYS D 151 -8.79 9.66 -19.38
C LYS D 151 -8.91 9.37 -20.87
N SER D 152 -8.01 9.94 -21.69
CA SER D 152 -8.01 9.73 -23.14
C SER D 152 -7.41 8.36 -23.55
N VAL D 153 -6.81 7.63 -22.59
CA VAL D 153 -6.23 6.30 -22.87
C VAL D 153 -7.38 5.29 -23.02
N ASN D 154 -7.46 4.66 -24.18
CA ASN D 154 -8.49 3.68 -24.48
C ASN D 154 -7.78 2.33 -24.75
N ILE D 155 -8.17 1.30 -24.03
CA ILE D 155 -7.51 -0.01 -24.12
C ILE D 155 -8.33 -1.08 -24.85
N GLU D 156 -9.38 -0.67 -25.58
CA GLU D 156 -10.19 -1.61 -26.36
C GLU D 156 -9.32 -2.47 -27.29
N LEU D 157 -8.26 -1.89 -27.87
CA LEU D 157 -7.31 -2.58 -28.75
C LEU D 157 -6.47 -3.58 -28.03
N HIS D 158 -6.14 -3.34 -26.76
CA HIS D 158 -5.42 -4.31 -25.94
C HIS D 158 -6.28 -5.58 -25.81
N HIS D 159 -7.56 -5.44 -25.46
CA HIS D 159 -8.52 -6.56 -25.35
C HIS D 159 -8.69 -7.33 -26.69
N LEU D 160 -8.80 -6.61 -27.80
CA LEU D 160 -8.97 -7.20 -29.13
C LEU D 160 -7.71 -7.85 -29.69
N LEU D 161 -6.54 -7.18 -29.57
CA LEU D 161 -5.29 -7.67 -30.16
C LEU D 161 -4.55 -8.75 -29.40
N SER D 162 -4.67 -8.82 -28.06
CA SER D 162 -3.95 -9.80 -27.23
C SER D 162 -4.05 -11.25 -27.73
N GLU D 163 -5.25 -11.70 -28.03
CA GLU D 163 -5.54 -13.06 -28.52
C GLU D 163 -4.71 -13.36 -29.77
N HIS D 164 -4.59 -12.39 -30.71
CA HIS D 164 -3.91 -12.57 -31.98
C HIS D 164 -2.42 -12.52 -31.90
N LEU D 165 -1.88 -11.82 -30.89
CA LEU D 165 -0.44 -11.55 -30.85
C LEU D 165 0.32 -12.09 -29.66
N THR D 166 -0.37 -12.75 -28.70
CA THR D 166 0.29 -13.25 -27.50
C THR D 166 -0.08 -14.70 -27.25
N LEU D 167 0.71 -15.36 -26.41
CA LEU D 167 0.52 -16.77 -26.08
C LEU D 167 -0.76 -17.00 -25.24
N THR D 168 -1.79 -17.64 -25.84
CA THR D 168 -3.05 -17.94 -25.16
C THR D 168 -2.89 -19.30 -24.45
N ALA D 169 -3.90 -19.70 -23.62
CA ALA D 169 -3.89 -21.00 -22.93
C ALA D 169 -3.78 -22.16 -23.92
N LYS D 170 -4.50 -22.07 -25.04
CA LYS D 170 -4.54 -23.05 -26.11
C LYS D 170 -3.13 -23.21 -26.77
N ASP D 171 -2.42 -22.07 -26.99
CA ASP D 171 -1.09 -22.03 -27.60
C ASP D 171 -0.06 -22.69 -26.67
N GLU D 172 -0.15 -22.34 -25.38
CA GLU D 172 0.70 -22.86 -24.33
C GLU D 172 0.65 -24.40 -24.23
N ARG D 173 -0.53 -25.01 -24.46
CA ARG D 173 -0.73 -26.48 -24.47
C ARG D 173 0.03 -27.15 -25.65
N ASN D 174 0.39 -26.36 -26.67
CA ASN D 174 1.13 -26.79 -27.85
C ASN D 174 2.64 -26.65 -27.72
N LEU D 175 3.12 -26.19 -26.56
CA LEU D 175 4.55 -26.11 -26.28
C LEU D 175 5.04 -27.50 -25.87
N ASN D 176 6.13 -27.97 -26.49
CA ASN D 176 6.73 -29.27 -26.15
C ASN D 176 7.62 -29.13 -24.90
N GLU D 177 7.98 -30.27 -24.28
CA GLU D 177 8.82 -30.38 -23.07
C GLU D 177 10.02 -29.43 -23.10
N GLU D 178 10.77 -29.42 -24.23
CA GLU D 178 11.94 -28.57 -24.52
C GLU D 178 11.61 -27.07 -24.32
N GLN D 179 10.52 -26.62 -24.96
CA GLN D 179 10.00 -25.27 -24.90
C GLN D 179 9.60 -24.90 -23.45
N LEU D 180 8.80 -25.76 -22.78
CA LEU D 180 8.31 -25.56 -21.41
C LEU D 180 9.42 -25.45 -20.37
N THR D 181 10.50 -26.24 -20.54
CA THR D 181 11.67 -26.26 -19.65
C THR D 181 12.43 -24.93 -19.77
N LYS D 182 12.74 -24.54 -21.02
CA LYS D 182 13.44 -23.32 -21.45
C LYS D 182 12.77 -22.04 -20.89
N TYR D 183 11.41 -22.02 -20.85
CA TYR D 183 10.54 -20.91 -20.42
C TYR D 183 10.19 -20.91 -18.92
N LEU D 184 10.54 -22.00 -18.23
CA LEU D 184 10.26 -22.18 -16.80
C LEU D 184 11.14 -21.28 -15.92
N THR D 185 12.39 -21.02 -16.37
CA THR D 185 13.34 -20.16 -15.63
C THR D 185 13.16 -18.67 -16.00
N ASN D 186 14.12 -17.82 -15.61
CA ASN D 186 14.22 -16.39 -15.90
C ASN D 186 15.28 -16.16 -16.99
N PHE D 187 15.89 -17.23 -17.50
CA PHE D 187 16.92 -17.17 -18.53
C PHE D 187 16.42 -16.56 -19.85
N GLN D 188 15.28 -17.03 -20.37
CA GLN D 188 14.71 -16.54 -21.63
C GLN D 188 14.03 -15.19 -21.48
N VAL D 189 14.20 -14.29 -22.48
CA VAL D 189 13.48 -13.01 -22.55
C VAL D 189 12.09 -13.39 -23.08
N LYS D 190 11.04 -13.12 -22.30
CA LYS D 190 9.68 -13.52 -22.63
C LYS D 190 8.72 -12.35 -22.92
N THR D 191 9.27 -11.16 -23.19
CA THR D 191 8.52 -9.94 -23.47
C THR D 191 7.47 -10.13 -24.56
N GLN D 192 6.21 -9.80 -24.25
CA GLN D 192 5.11 -9.87 -25.23
C GLN D 192 4.47 -8.50 -25.37
N TYR D 193 4.55 -7.67 -24.31
CA TYR D 193 3.99 -6.34 -24.30
C TYR D 193 5.01 -5.27 -23.88
N VAL D 194 4.97 -4.13 -24.55
CA VAL D 194 5.75 -2.95 -24.21
C VAL D 194 4.76 -1.80 -24.32
N VAL D 195 4.75 -0.91 -23.33
CA VAL D 195 3.90 0.27 -23.35
C VAL D 195 4.84 1.48 -23.54
N ALA D 196 4.47 2.39 -24.45
CA ALA D 196 5.23 3.61 -24.61
C ALA D 196 4.33 4.78 -24.22
N LEU D 197 4.84 5.69 -23.39
CA LEU D 197 4.10 6.90 -23.06
C LEU D 197 4.79 8.02 -23.82
N ASP D 198 4.10 8.58 -24.82
CA ASP D 198 4.64 9.70 -25.59
CA ASP D 198 4.63 9.68 -25.61
C ASP D 198 4.27 10.97 -24.86
N LEU D 199 5.27 11.63 -24.29
CA LEU D 199 5.04 12.83 -23.48
C LEU D 199 4.84 14.09 -24.30
N ARG D 200 3.72 14.18 -25.01
CA ARG D 200 3.44 15.36 -25.82
C ARG D 200 3.05 16.51 -24.92
N LYS D 201 3.32 17.75 -25.37
CA LYS D 201 2.96 18.96 -24.62
C LYS D 201 1.47 19.16 -24.51
N THR D 202 0.71 18.61 -25.46
CA THR D 202 -0.76 18.67 -25.46
C THR D 202 -1.38 17.59 -24.55
N GLY D 203 -0.54 16.67 -24.07
CA GLY D 203 -0.96 15.57 -23.20
C GLY D 203 -0.43 14.22 -23.67
N ILE D 204 -0.32 13.28 -22.73
CA ILE D 204 0.16 11.91 -22.98
C ILE D 204 -0.68 11.14 -23.99
N VAL D 205 0.03 10.46 -24.88
CA VAL D 205 -0.54 9.51 -25.82
C VAL D 205 0.17 8.18 -25.52
N ALA D 206 -0.58 7.13 -25.27
CA ALA D 206 -0.02 5.82 -24.98
C ALA D 206 -0.06 4.94 -26.24
N LYS D 207 0.97 4.13 -26.40
CA LYS D 207 1.12 3.19 -27.49
C LYS D 207 1.40 1.83 -26.91
N GLU D 208 0.89 0.78 -27.57
CA GLU D 208 1.13 -0.58 -27.12
C GLU D 208 1.78 -1.37 -28.24
N TYR D 209 2.85 -2.08 -27.90
CA TYR D 209 3.65 -2.94 -28.77
C TYR D 209 3.35 -4.38 -28.39
N PHE D 210 3.08 -5.22 -29.39
CA PHE D 210 2.76 -6.64 -29.20
C PHE D 210 3.84 -7.42 -29.93
N PHE D 211 4.52 -8.33 -29.22
CA PHE D 211 5.59 -9.16 -29.77
C PHE D 211 5.08 -10.59 -29.88
N PRO D 212 4.73 -11.04 -31.12
CA PRO D 212 4.15 -12.39 -31.27
C PRO D 212 5.13 -13.56 -31.26
N GLY D 213 6.42 -13.30 -31.03
CA GLY D 213 7.48 -14.31 -31.00
C GLY D 213 7.18 -15.56 -30.20
N ILE D 214 6.72 -15.42 -28.95
CA ILE D 214 6.39 -16.57 -28.08
C ILE D 214 5.19 -17.34 -28.67
N LYS D 215 4.11 -16.61 -29.06
CA LYS D 215 2.92 -17.22 -29.67
C LYS D 215 3.33 -18.07 -30.91
N CYS D 216 4.16 -17.48 -31.80
CA CYS D 216 4.67 -18.11 -33.00
C CYS D 216 5.55 -19.34 -32.75
N ALA D 217 6.33 -19.33 -31.66
CA ALA D 217 7.14 -20.48 -31.28
C ALA D 217 6.22 -21.69 -30.96
N ALA D 218 5.00 -21.43 -30.42
CA ALA D 218 3.99 -22.45 -30.10
C ALA D 218 3.13 -22.86 -31.28
N THR D 219 2.66 -21.89 -32.09
CA THR D 219 1.73 -22.15 -33.21
C THR D 219 2.38 -22.51 -34.54
N GLY D 220 3.61 -22.05 -34.76
CA GLY D 220 4.30 -22.27 -36.03
C GLY D 220 4.00 -21.24 -37.09
N GLN D 221 3.16 -20.24 -36.76
CA GLN D 221 2.78 -19.11 -37.61
C GLN D 221 3.97 -18.12 -37.66
N THR D 222 4.09 -17.30 -38.71
CA THR D 222 5.17 -16.29 -38.73
C THR D 222 4.64 -15.04 -37.99
N GLY D 223 5.57 -14.20 -37.51
CA GLY D 223 5.25 -12.95 -36.83
C GLY D 223 4.45 -12.00 -37.72
N SER D 224 4.84 -11.88 -39.01
CA SER D 224 4.13 -11.02 -39.97
C SER D 224 2.71 -11.51 -40.23
N ASN D 225 2.49 -12.83 -40.35
CA ASN D 225 1.14 -13.38 -40.53
C ASN D 225 0.28 -13.08 -39.32
N ALA D 226 0.88 -13.17 -38.09
CA ALA D 226 0.15 -12.85 -36.87
C ALA D 226 -0.24 -11.37 -36.87
N CYS D 227 0.70 -10.48 -37.25
CA CYS D 227 0.48 -9.01 -37.30
C CYS D 227 -0.62 -8.59 -38.25
N PHE D 228 -0.57 -9.07 -39.50
CA PHE D 228 -1.59 -8.76 -40.50
C PHE D 228 -2.95 -9.36 -40.18
N GLY D 229 -2.96 -10.57 -39.62
CA GLY D 229 -4.19 -11.22 -39.18
C GLY D 229 -4.84 -10.44 -38.04
N ALA D 230 -4.02 -9.85 -37.15
CA ALA D 230 -4.50 -9.00 -36.05
C ALA D 230 -5.11 -7.70 -36.59
N ILE D 231 -4.43 -7.03 -37.56
CA ILE D 231 -4.91 -5.80 -38.18
C ILE D 231 -6.25 -6.06 -38.88
N ARG D 232 -6.34 -7.14 -39.65
CA ARG D 232 -7.56 -7.56 -40.37
C ARG D 232 -8.73 -7.85 -39.45
N ALA D 233 -8.47 -8.48 -38.28
CA ALA D 233 -9.50 -8.79 -37.28
C ALA D 233 -10.10 -7.51 -36.69
N VAL D 234 -9.35 -6.41 -36.67
CA VAL D 234 -9.76 -5.09 -36.14
C VAL D 234 -10.33 -4.22 -37.23
N ASP D 235 -9.75 -4.29 -38.43
CA ASP D 235 -10.15 -3.49 -39.57
C ASP D 235 -11.30 -4.22 -40.30
N LYS D 236 -12.50 -4.08 -39.73
CA LYS D 236 -13.73 -4.75 -40.18
C LYS D 236 -14.10 -4.51 -41.63
N ASP D 237 -13.94 -3.26 -42.13
CA ASP D 237 -14.30 -2.94 -43.51
C ASP D 237 -13.14 -3.04 -44.49
N GLY D 238 -11.99 -3.54 -44.02
CA GLY D 238 -10.82 -3.70 -44.85
C GLY D 238 -10.23 -2.43 -45.44
N HIS D 239 -10.42 -1.28 -44.75
CA HIS D 239 -9.88 0.02 -45.18
C HIS D 239 -8.34 0.08 -45.25
N LEU D 240 -7.65 -0.81 -44.53
CA LEU D 240 -6.18 -0.91 -44.57
C LEU D 240 -5.69 -2.09 -45.45
N ASP D 241 -6.60 -2.90 -46.03
CA ASP D 241 -6.25 -4.09 -46.79
C ASP D 241 -5.22 -3.87 -47.91
N SER D 242 -5.41 -2.86 -48.78
CA SER D 242 -4.48 -2.62 -49.87
C SER D 242 -3.10 -2.19 -49.37
N LEU D 243 -3.04 -1.43 -48.25
CA LEU D 243 -1.79 -1.02 -47.62
C LEU D 243 -1.08 -2.25 -47.03
N CYS D 244 -1.84 -3.15 -46.37
CA CYS D 244 -1.37 -4.40 -45.79
C CYS D 244 -0.76 -5.30 -46.86
N GLN D 245 -1.50 -5.51 -47.99
CA GLN D 245 -1.10 -6.34 -49.12
C GLN D 245 0.24 -5.89 -49.71
N LEU D 246 0.46 -4.57 -49.81
CA LEU D 246 1.70 -3.98 -50.32
C LEU D 246 2.89 -4.34 -49.43
N ILE D 247 2.73 -4.21 -48.09
CA ILE D 247 3.77 -4.56 -47.11
C ILE D 247 4.00 -6.08 -47.08
N GLU D 248 2.92 -6.90 -47.00
CA GLU D 248 2.95 -8.38 -47.03
C GLU D 248 3.72 -8.85 -48.28
N ALA D 249 3.47 -8.20 -49.46
CA ALA D 249 4.14 -8.48 -50.74
C ALA D 249 5.63 -8.31 -50.65
N HIS D 250 6.09 -7.19 -50.04
CA HIS D 250 7.53 -6.94 -49.85
C HIS D 250 8.10 -7.95 -48.84
N PHE D 251 7.35 -8.28 -47.76
CA PHE D 251 7.84 -9.25 -46.74
C PHE D 251 8.08 -10.64 -47.34
N GLN D 252 7.17 -11.09 -48.24
CA GLN D 252 7.28 -12.36 -48.96
C GLN D 252 8.48 -12.38 -49.88
N GLN D 253 8.61 -11.36 -50.78
CA GLN D 253 9.69 -11.22 -51.75
C GLN D 253 11.07 -11.11 -51.12
N SER D 254 11.20 -10.28 -50.07
CA SER D 254 12.49 -10.04 -49.38
C SER D 254 12.81 -11.12 -48.32
N LYS D 255 11.88 -12.07 -48.08
CA LYS D 255 11.99 -13.19 -47.13
C LYS D 255 12.08 -12.74 -45.66
N ILE D 256 11.12 -11.92 -45.22
CA ILE D 256 10.99 -11.38 -43.87
C ILE D 256 9.72 -11.95 -43.21
N ASP D 257 9.85 -12.49 -41.97
CA ASP D 257 8.79 -13.10 -41.15
C ASP D 257 8.69 -12.43 -39.75
N ASP D 258 9.83 -11.94 -39.22
CA ASP D 258 9.99 -11.39 -37.87
C ASP D 258 9.43 -9.99 -37.69
N ALA D 259 8.09 -9.93 -37.52
CA ALA D 259 7.41 -8.67 -37.34
C ALA D 259 6.73 -8.55 -35.98
N PHE D 260 6.49 -7.30 -35.57
CA PHE D 260 5.75 -6.96 -34.37
C PHE D 260 4.89 -5.76 -34.66
N LEU D 261 3.88 -5.54 -33.82
CA LEU D 261 2.89 -4.51 -34.06
C LEU D 261 2.84 -3.50 -32.97
N CYS D 262 2.52 -2.28 -33.36
CA CYS D 262 2.34 -1.14 -32.48
C CYS D 262 1.00 -0.47 -32.84
N CYS D 263 0.23 -0.04 -31.84
CA CYS D 263 -1.01 0.70 -32.09
C CYS D 263 -1.11 1.82 -31.06
N ASP D 264 -1.88 2.86 -31.39
CA ASP D 264 -2.18 3.95 -30.44
C ASP D 264 -3.33 3.47 -29.56
N LEU D 265 -3.22 3.70 -28.26
CA LEU D 265 -4.27 3.34 -27.31
C LEU D 265 -5.30 4.47 -27.21
N VAL D 266 -6.07 4.59 -28.29
CA VAL D 266 -7.16 5.55 -28.48
C VAL D 266 -8.35 4.73 -29.00
N ASP D 267 -9.51 5.39 -29.20
CA ASP D 267 -10.70 4.72 -29.72
C ASP D 267 -10.32 4.00 -31.04
N PRO D 268 -10.62 2.70 -31.21
CA PRO D 268 -10.16 1.98 -32.41
C PRO D 268 -10.36 2.67 -33.77
N ALA D 269 -11.44 3.49 -33.93
CA ALA D 269 -11.70 4.22 -35.19
C ALA D 269 -10.56 5.20 -35.53
N HIS D 270 -9.92 5.82 -34.52
CA HIS D 270 -8.85 6.82 -34.63
C HIS D 270 -7.46 6.28 -34.43
N THR D 271 -7.29 4.94 -34.35
CA THR D 271 -5.95 4.40 -34.11
C THR D 271 -5.07 4.41 -35.36
N ARG D 272 -3.77 4.28 -35.14
CA ARG D 272 -2.77 4.15 -36.19
C ARG D 272 -1.96 2.91 -35.88
N PHE D 273 -1.81 2.04 -36.86
CA PHE D 273 -1.00 0.83 -36.74
C PHE D 273 0.36 1.05 -37.40
N LYS D 274 1.39 0.47 -36.79
CA LYS D 274 2.75 0.47 -37.34
C LYS D 274 3.21 -0.97 -37.29
N VAL D 275 3.62 -1.51 -38.43
CA VAL D 275 4.17 -2.86 -38.49
C VAL D 275 5.68 -2.70 -38.49
N TYR D 276 6.34 -3.34 -37.54
CA TYR D 276 7.79 -3.31 -37.41
C TYR D 276 8.40 -4.60 -37.87
N ILE D 277 9.63 -4.51 -38.38
CA ILE D 277 10.47 -5.64 -38.77
C ILE D 277 11.88 -5.39 -38.29
N ALA D 278 12.55 -6.47 -37.86
CA ALA D 278 13.94 -6.45 -37.45
C ALA D 278 14.67 -7.30 -38.47
N ASP D 279 15.82 -6.79 -38.95
CA ASP D 279 16.60 -7.50 -39.94
C ASP D 279 18.06 -7.58 -39.48
N PRO D 280 18.61 -8.82 -39.30
CA PRO D 280 20.01 -8.95 -38.83
C PRO D 280 21.05 -8.52 -39.86
N LEU D 281 20.68 -8.39 -41.14
CA LEU D 281 21.60 -7.94 -42.21
C LEU D 281 21.72 -6.40 -42.20
N VAL D 282 22.76 -5.91 -41.51
CA VAL D 282 23.03 -4.49 -41.31
C VAL D 282 23.86 -3.90 -42.44
N THR D 283 23.21 -3.67 -43.59
CA THR D 283 23.86 -3.06 -44.76
C THR D 283 22.95 -1.94 -45.29
N LEU D 284 23.52 -0.93 -45.97
CA LEU D 284 22.77 0.17 -46.56
C LEU D 284 21.83 -0.37 -47.65
N ALA D 285 22.31 -1.35 -48.47
CA ALA D 285 21.52 -1.97 -49.55
C ALA D 285 20.24 -2.64 -48.99
N ARG D 286 20.36 -3.35 -47.85
CA ARG D 286 19.22 -4.01 -47.22
C ARG D 286 18.25 -2.99 -46.62
N ALA D 287 18.78 -1.90 -46.00
CA ALA D 287 17.97 -0.82 -45.42
C ALA D 287 17.20 -0.09 -46.54
N GLU D 288 17.85 0.14 -47.70
CA GLU D 288 17.26 0.76 -48.88
C GLU D 288 16.13 -0.08 -49.44
N GLU D 289 16.36 -1.41 -49.54
CA GLU D 289 15.39 -2.38 -50.02
C GLU D 289 14.11 -2.31 -49.15
N HIS D 290 14.28 -2.23 -47.82
CA HIS D 290 13.14 -2.14 -46.90
C HIS D 290 12.47 -0.77 -46.91
N TRP D 291 13.26 0.32 -46.99
CA TRP D 291 12.76 1.69 -47.01
C TRP D 291 11.76 1.94 -48.12
N THR D 292 12.05 1.41 -49.34
CA THR D 292 11.19 1.60 -50.50
C THR D 292 10.19 0.46 -50.71
N LEU D 293 10.16 -0.54 -49.76
CA LEU D 293 9.34 -1.76 -49.87
C LEU D 293 9.61 -2.50 -51.22
N GLY D 294 10.89 -2.66 -51.56
CA GLY D 294 11.30 -3.30 -52.81
C GLY D 294 10.93 -2.54 -54.06
N GLY D 295 10.88 -1.21 -53.96
CA GLY D 295 10.52 -0.33 -55.06
C GLY D 295 9.05 0.05 -55.11
N ARG D 296 8.22 -0.51 -54.20
CA ARG D 296 6.77 -0.23 -54.15
C ARG D 296 6.43 1.19 -53.66
N LEU D 297 7.34 1.83 -52.88
CA LEU D 297 7.13 3.19 -52.39
C LEU D 297 7.78 4.17 -53.34
N THR D 298 6.94 4.80 -54.18
CA THR D 298 7.37 5.66 -55.29
C THR D 298 7.30 7.18 -55.05
N ASP D 299 6.74 7.60 -53.89
CA ASP D 299 6.56 9.02 -53.58
C ASP D 299 7.84 9.82 -53.42
N GLU D 300 7.70 11.16 -53.56
CA GLU D 300 8.79 12.13 -53.47
C GLU D 300 9.44 12.13 -52.09
N ASP D 301 8.62 12.09 -51.03
CA ASP D 301 9.07 12.04 -49.63
C ASP D 301 10.01 10.86 -49.37
N ALA D 302 9.61 9.65 -49.85
CA ALA D 302 10.42 8.45 -49.73
C ALA D 302 11.77 8.56 -50.50
N ALA D 303 11.76 9.23 -51.66
CA ALA D 303 12.93 9.43 -52.52
C ALA D 303 13.96 10.40 -51.91
N VAL D 304 13.49 11.54 -51.37
CA VAL D 304 14.33 12.54 -50.71
C VAL D 304 14.86 11.95 -49.37
N GLY D 305 14.01 11.19 -48.66
CA GLY D 305 14.37 10.53 -47.42
C GLY D 305 15.51 9.54 -47.61
N LEU D 306 15.43 8.70 -48.67
CA LEU D 306 16.43 7.71 -49.04
C LEU D 306 17.81 8.34 -49.26
N GLU D 307 17.86 9.50 -49.94
CA GLU D 307 19.09 10.24 -50.19
C GLU D 307 19.71 10.72 -48.89
N ILE D 308 18.87 11.19 -47.94
CA ILE D 308 19.33 11.65 -46.64
C ILE D 308 19.90 10.45 -45.83
N ILE D 309 19.22 9.28 -45.89
CA ILE D 309 19.65 8.03 -45.24
C ILE D 309 21.05 7.61 -45.76
N ARG D 310 21.23 7.62 -47.09
CA ARG D 310 22.50 7.26 -47.74
C ARG D 310 23.66 8.08 -47.16
N GLY D 311 23.46 9.38 -46.98
CA GLY D 311 24.42 10.30 -46.38
C GLY D 311 24.68 9.99 -44.93
N LEU D 312 23.59 9.87 -44.12
CA LEU D 312 23.68 9.58 -42.69
C LEU D 312 24.37 8.26 -42.41
N TRP D 313 23.99 7.19 -43.13
CA TRP D 313 24.53 5.83 -42.97
C TRP D 313 26.07 5.85 -43.16
N SER D 314 26.54 6.55 -44.20
CA SER D 314 27.92 6.72 -44.58
C SER D 314 28.70 7.52 -43.53
N GLU D 315 28.19 8.71 -43.13
CA GLU D 315 28.79 9.60 -42.12
C GLU D 315 28.91 8.89 -40.77
N LEU D 316 27.87 8.16 -40.35
CA LEU D 316 27.86 7.43 -39.09
C LEU D 316 28.74 6.19 -39.13
N GLY D 317 28.79 5.53 -40.28
CA GLY D 317 29.54 4.29 -40.47
C GLY D 317 28.90 3.14 -39.71
N ILE D 318 27.59 2.91 -39.97
CA ILE D 318 26.80 1.86 -39.34
C ILE D 318 27.53 0.51 -39.49
N ILE D 319 27.79 -0.14 -38.36
CA ILE D 319 28.56 -1.39 -38.27
C ILE D 319 27.79 -2.63 -38.70
N GLN D 320 28.31 -3.32 -39.72
CA GLN D 320 27.74 -4.58 -40.19
C GLN D 320 28.20 -5.73 -39.27
N GLY D 321 27.26 -6.25 -38.48
CA GLY D 321 27.55 -7.33 -37.55
C GLY D 321 27.28 -8.74 -38.08
N PRO D 322 27.42 -9.79 -37.23
CA PRO D 322 27.12 -11.15 -37.71
C PRO D 322 25.60 -11.41 -37.80
N LEU D 323 25.17 -12.23 -38.78
CA LEU D 323 23.77 -12.60 -38.97
C LEU D 323 23.24 -13.48 -37.82
N GLU D 324 24.18 -14.23 -37.21
CA GLU D 324 24.04 -15.17 -36.09
C GLU D 324 23.48 -14.46 -34.83
N PRO D 325 22.29 -14.88 -34.34
CA PRO D 325 21.69 -14.23 -33.14
C PRO D 325 22.53 -14.26 -31.86
N SER D 326 23.29 -15.35 -31.63
CA SER D 326 24.15 -15.50 -30.46
C SER D 326 25.43 -14.66 -30.56
N ALA D 327 26.06 -14.63 -31.76
CA ALA D 327 27.30 -13.89 -32.04
C ALA D 327 27.11 -12.37 -32.02
N MET D 328 25.99 -11.88 -32.63
CA MET D 328 25.64 -10.45 -32.72
C MET D 328 25.39 -9.87 -31.33
N MET D 329 24.62 -10.59 -30.47
CA MET D 329 24.30 -10.18 -29.11
C MET D 329 25.52 -10.19 -28.18
N GLU D 330 26.48 -11.13 -28.38
CA GLU D 330 27.71 -11.23 -27.60
C GLU D 330 28.64 -10.05 -27.94
N LYS D 331 28.67 -9.65 -29.25
CA LYS D 331 29.44 -8.51 -29.78
C LYS D 331 28.76 -7.16 -29.37
N GLY D 332 27.56 -7.26 -28.78
CA GLY D 332 26.73 -6.14 -28.35
C GLY D 332 26.13 -5.36 -29.50
N LEU D 333 26.07 -5.98 -30.70
CA LEU D 333 25.54 -5.35 -31.90
C LEU D 333 24.03 -5.57 -32.11
N LEU D 334 23.39 -4.61 -32.75
CA LEU D 334 21.94 -4.59 -32.96
C LEU D 334 21.56 -4.75 -34.45
N PRO D 335 20.34 -5.25 -34.75
CA PRO D 335 19.95 -5.39 -36.17
C PRO D 335 19.46 -4.05 -36.72
N ILE D 336 19.02 -4.00 -37.98
CA ILE D 336 18.32 -2.80 -38.45
C ILE D 336 16.86 -3.06 -38.16
N MET D 337 16.08 -2.02 -38.03
CA MET D 337 14.63 -2.16 -37.91
C MET D 337 13.99 -1.12 -38.76
N LEU D 338 12.73 -1.36 -39.13
CA LEU D 338 11.87 -0.42 -39.83
C LEU D 338 10.48 -0.62 -39.31
N ASN D 339 9.67 0.42 -39.38
CA ASN D 339 8.24 0.33 -39.17
C ASN D 339 7.55 0.98 -40.37
N TYR D 340 6.31 0.54 -40.66
CA TYR D 340 5.50 1.10 -41.72
C TYR D 340 4.19 1.53 -41.11
N GLU D 341 3.92 2.82 -41.18
CA GLU D 341 2.71 3.44 -40.66
C GLU D 341 1.58 3.36 -41.70
N MET D 342 0.35 2.99 -41.25
CA MET D 342 -0.81 2.87 -42.16
C MET D 342 -1.96 3.84 -41.86
N LYS D 343 -2.40 4.59 -42.91
CA LYS D 343 -3.51 5.55 -42.86
C LYS D 343 -4.56 5.24 -43.95
N ALA D 344 -5.81 4.94 -43.49
CA ALA D 344 -7.02 4.64 -44.29
C ALA D 344 -7.09 5.37 -45.60
N GLY D 345 -6.94 6.70 -45.57
CA GLY D 345 -7.00 7.49 -46.80
C GLY D 345 -5.88 7.29 -47.81
N GLN D 346 -4.63 7.15 -47.31
CA GLN D 346 -3.39 7.07 -48.11
C GLN D 346 -3.21 5.84 -49.00
N ARG D 347 -2.60 6.05 -50.18
CA ARG D 347 -2.32 4.97 -51.12
C ARG D 347 -1.06 4.16 -50.76
N LEU D 348 -0.15 4.77 -49.94
CA LEU D 348 1.13 4.16 -49.57
C LEU D 348 1.44 4.20 -48.08
N PRO D 349 2.05 3.12 -47.54
CA PRO D 349 2.48 3.18 -46.12
C PRO D 349 3.66 4.16 -45.99
N LYS D 350 3.92 4.64 -44.76
CA LYS D 350 4.99 5.60 -44.50
C LYS D 350 6.11 4.89 -43.77
N PRO D 351 7.36 4.86 -44.33
CA PRO D 351 8.45 4.13 -43.64
C PRO D 351 9.18 4.95 -42.60
N LYS D 352 9.79 4.23 -41.65
CA LYS D 352 10.69 4.76 -40.64
C LYS D 352 11.86 3.78 -40.51
N LEU D 353 13.09 4.25 -40.61
CA LEU D 353 14.28 3.39 -40.48
C LEU D 353 14.96 3.59 -39.12
N TYR D 354 15.32 2.50 -38.43
CA TYR D 354 16.08 2.49 -37.18
C TYR D 354 17.49 1.98 -37.50
N MET D 355 18.48 2.87 -37.38
CA MET D 355 19.87 2.53 -37.62
C MET D 355 20.54 2.20 -36.27
N PRO D 356 21.16 1.01 -36.14
CA PRO D 356 21.84 0.68 -34.87
C PRO D 356 23.11 1.53 -34.68
N LEU D 357 23.28 2.14 -33.48
CA LEU D 357 24.43 3.02 -33.20
C LEU D 357 25.46 2.41 -32.25
N THR D 358 25.22 1.20 -31.73
CA THR D 358 26.16 0.55 -30.80
C THR D 358 27.49 0.25 -31.53
N GLY D 359 28.59 0.46 -30.81
CA GLY D 359 29.93 0.30 -31.38
C GLY D 359 30.51 1.58 -31.94
N ILE D 360 29.68 2.62 -32.13
CA ILE D 360 30.12 3.93 -32.65
C ILE D 360 30.33 4.87 -31.45
N PRO D 361 31.51 5.53 -31.32
CA PRO D 361 31.71 6.47 -30.18
C PRO D 361 30.68 7.59 -30.14
N GLU D 362 30.25 7.98 -28.93
CA GLU D 362 29.19 8.99 -28.73
C GLU D 362 29.52 10.37 -29.29
N THR D 363 30.81 10.75 -29.23
CA THR D 363 31.28 12.04 -29.77
C THR D 363 31.19 12.08 -31.28
N LYS D 364 31.40 10.92 -31.94
CA LYS D 364 31.28 10.78 -33.40
C LYS D 364 29.79 10.99 -33.79
N ILE D 365 28.85 10.31 -33.09
CA ILE D 365 27.43 10.45 -33.32
C ILE D 365 27.04 11.93 -33.12
N ALA D 366 27.50 12.54 -32.01
CA ALA D 366 27.19 13.94 -31.69
C ALA D 366 27.67 14.91 -32.76
N ARG D 367 28.87 14.66 -33.33
CA ARG D 367 29.45 15.45 -34.41
C ARG D 367 28.60 15.35 -35.71
N ILE D 368 28.22 14.13 -36.10
CA ILE D 368 27.38 13.88 -37.28
C ILE D 368 25.99 14.48 -37.10
N MET D 369 25.39 14.34 -35.91
CA MET D 369 24.06 14.89 -35.59
C MET D 369 24.07 16.42 -35.65
N THR D 370 25.09 17.06 -35.02
CA THR D 370 25.25 18.50 -35.00
C THR D 370 25.33 19.02 -36.43
N ALA D 371 26.17 18.43 -37.30
CA ALA D 371 26.32 18.83 -38.72
C ALA D 371 25.01 18.62 -39.50
N PHE D 372 24.28 17.52 -39.17
CA PHE D 372 22.99 17.19 -39.78
C PHE D 372 21.95 18.28 -39.47
N PHE D 373 21.81 18.63 -38.18
CA PHE D 373 20.87 19.65 -37.74
C PHE D 373 21.16 21.02 -38.36
N GLN D 374 22.47 21.39 -38.49
CA GLN D 374 22.90 22.64 -39.09
C GLN D 374 22.49 22.75 -40.56
N ARG D 375 22.67 21.65 -41.31
CA ARG D 375 22.37 21.47 -42.74
C ARG D 375 20.85 21.51 -43.02
N HIS D 376 20.03 20.99 -42.08
CA HIS D 376 18.58 20.90 -42.20
C HIS D 376 17.83 22.00 -41.46
N ASP D 377 18.48 23.15 -41.32
CA ASP D 377 17.93 24.38 -40.71
C ASP D 377 17.34 24.20 -39.33
N MET D 378 18.13 23.56 -38.45
CA MET D 378 17.77 23.31 -37.04
C MET D 378 18.96 23.76 -36.22
N PRO D 379 19.36 25.06 -36.26
CA PRO D 379 20.57 25.47 -35.52
C PRO D 379 20.46 25.40 -34.01
N GLU D 380 19.24 25.45 -33.47
CA GLU D 380 18.98 25.38 -32.02
C GLU D 380 19.28 23.96 -31.50
N GLN D 381 18.97 22.93 -32.32
CA GLN D 381 19.25 21.52 -32.03
C GLN D 381 20.74 21.27 -32.11
N ALA D 382 21.38 21.82 -33.16
CA ALA D 382 22.81 21.68 -33.43
C ALA D 382 23.68 22.23 -32.29
N GLU D 383 23.35 23.42 -31.80
CA GLU D 383 24.04 24.16 -30.75
C GLU D 383 24.14 23.41 -29.42
N VAL D 384 23.08 22.71 -29.02
CA VAL D 384 23.01 22.03 -27.71
C VAL D 384 23.16 20.52 -27.73
N PHE D 385 23.19 19.87 -28.93
CA PHE D 385 23.23 18.40 -28.99
C PHE D 385 24.27 17.74 -28.07
N MET D 386 25.53 18.17 -28.17
CA MET D 386 26.66 17.64 -27.43
C MET D 386 26.54 17.86 -25.91
N GLU D 387 26.29 19.11 -25.52
CA GLU D 387 26.09 19.63 -24.16
C GLU D 387 25.02 18.80 -23.44
N ASN D 388 23.86 18.61 -24.10
CA ASN D 388 22.72 17.84 -23.56
C ASN D 388 23.06 16.37 -23.37
N LEU D 389 23.72 15.75 -24.36
CA LEU D 389 24.16 14.36 -24.33
C LEU D 389 25.15 14.16 -23.16
N GLN D 390 26.12 15.09 -23.02
CA GLN D 390 27.10 15.06 -21.94
C GLN D 390 26.43 15.15 -20.56
N ALA D 391 25.38 15.99 -20.42
CA ALA D 391 24.67 16.14 -19.15
C ALA D 391 23.87 14.88 -18.80
N TYR D 392 23.34 14.13 -19.81
CA TYR D 392 22.63 12.86 -19.54
C TYR D 392 23.56 11.82 -18.94
N TYR D 393 24.82 11.85 -19.36
CA TYR D 393 25.87 10.93 -18.94
C TYR D 393 26.97 11.74 -18.27
N GLU D 394 26.60 12.58 -17.30
CA GLU D 394 27.50 13.47 -16.56
C GLU D 394 28.70 12.69 -16.02
N GLY D 395 29.90 13.24 -16.25
CA GLY D 395 31.15 12.63 -15.81
C GLY D 395 31.66 11.47 -16.66
N LYS D 396 30.88 11.04 -17.68
CA LYS D 396 31.29 9.93 -18.54
C LYS D 396 32.04 10.43 -19.76
N ASN D 397 33.04 9.67 -20.20
CA ASN D 397 33.81 10.05 -21.37
CA ASN D 397 33.84 10.01 -21.38
C ASN D 397 33.11 9.54 -22.61
N LEU D 398 32.61 10.49 -23.40
CA LEU D 398 31.83 10.21 -24.60
C LEU D 398 32.62 9.72 -25.79
N GLU D 399 33.94 9.85 -25.74
CA GLU D 399 34.84 9.34 -26.80
C GLU D 399 35.01 7.82 -26.63
N GLU D 400 35.08 7.37 -25.36
CA GLU D 400 35.23 5.96 -24.97
C GLU D 400 33.92 5.19 -25.01
N ALA D 401 32.82 5.84 -24.67
CA ALA D 401 31.50 5.19 -24.72
C ALA D 401 30.99 4.97 -26.13
N THR D 402 30.44 3.77 -26.39
CA THR D 402 29.87 3.37 -27.68
C THR D 402 28.46 2.79 -27.56
N ARG D 403 27.95 2.65 -26.34
CA ARG D 403 26.66 2.01 -26.09
C ARG D 403 25.63 2.87 -25.38
N TYR D 404 25.73 4.21 -25.45
CA TYR D 404 24.78 5.12 -24.80
C TYR D 404 23.61 5.43 -25.77
N GLN D 405 23.94 5.99 -26.94
CA GLN D 405 22.95 6.23 -28.01
C GLN D 405 22.99 4.93 -28.82
N ALA D 406 21.90 4.16 -28.71
CA ALA D 406 21.77 2.81 -29.28
C ALA D 406 21.14 2.74 -30.64
N TRP D 407 20.14 3.61 -30.90
CA TRP D 407 19.46 3.66 -32.19
C TRP D 407 19.22 5.07 -32.60
N LEU D 408 19.21 5.30 -33.91
CA LEU D 408 18.78 6.53 -34.53
C LEU D 408 17.65 6.13 -35.45
N SER D 409 16.46 6.69 -35.22
CA SER D 409 15.37 6.42 -36.16
C SER D 409 15.19 7.63 -37.07
N PHE D 410 14.80 7.35 -38.29
CA PHE D 410 14.63 8.39 -39.31
C PHE D 410 13.35 8.20 -40.12
N ALA D 411 12.58 9.30 -40.26
CA ALA D 411 11.38 9.40 -41.11
C ALA D 411 11.47 10.75 -41.80
N TYR D 412 10.79 10.93 -42.95
CA TYR D 412 10.87 12.19 -43.66
C TYR D 412 9.55 12.57 -44.34
N THR D 413 9.21 13.87 -44.29
CA THR D 413 8.15 14.54 -45.08
C THR D 413 8.70 15.87 -45.55
N LYS D 414 8.28 16.32 -46.75
CA LYS D 414 8.67 17.63 -47.29
C LYS D 414 8.15 18.74 -46.34
N GLU D 415 6.90 18.57 -45.86
CA GLU D 415 6.15 19.44 -44.97
C GLU D 415 6.90 19.79 -43.69
N LYS D 416 7.20 18.77 -42.85
CA LYS D 416 7.87 18.96 -41.56
C LYS D 416 9.39 18.67 -41.55
N GLY D 417 9.93 18.19 -42.67
CA GLY D 417 11.36 17.89 -42.79
C GLY D 417 11.79 16.59 -42.13
N PRO D 418 13.12 16.44 -41.86
CA PRO D 418 13.60 15.19 -41.21
C PRO D 418 13.03 15.02 -39.80
N TYR D 419 12.62 13.80 -39.47
CA TYR D 419 12.05 13.46 -38.17
C TYR D 419 13.00 12.42 -37.53
N LEU D 420 13.89 12.87 -36.64
CA LEU D 420 14.90 12.02 -35.99
C LEU D 420 14.58 11.75 -34.52
N SER D 421 14.95 10.55 -34.06
CA SER D 421 14.81 10.11 -32.67
C SER D 421 16.04 9.31 -32.29
N ILE D 422 16.47 9.48 -31.02
CA ILE D 422 17.57 8.75 -30.42
C ILE D 422 16.98 7.90 -29.27
N TYR D 423 17.37 6.61 -29.22
CA TYR D 423 16.95 5.66 -28.18
C TYR D 423 18.20 5.35 -27.37
N TYR D 424 18.12 5.62 -26.06
CA TYR D 424 19.24 5.51 -25.15
C TYR D 424 19.31 4.22 -24.38
N PHE D 425 20.54 3.74 -24.16
CA PHE D 425 20.81 2.58 -23.31
C PHE D 425 21.38 3.06 -21.98
N TRP D 426 21.06 2.38 -20.89
CA TRP D 426 21.57 2.71 -19.55
C TRP D 426 23.07 2.44 -19.47
N PRO D 427 23.86 3.34 -18.84
CA PRO D 427 25.32 3.11 -18.78
C PRO D 427 25.72 1.85 -18.04
N GLU D 428 26.82 1.20 -18.50
CA GLU D 428 27.41 0.00 -17.89
C GLU D 428 28.19 0.39 -16.62
#